data_1OVH
# 
_entry.id   1OVH 
# 
_audit_conform.dict_name       mmcif_pdbx.dic 
_audit_conform.dict_version    5.376 
_audit_conform.dict_location   http://mmcif.pdb.org/dictionaries/ascii/mmcif_pdbx.dic 
# 
loop_
_database_2.database_id 
_database_2.database_code 
_database_2.pdbx_database_accession 
_database_2.pdbx_DOI 
PDB   1OVH         pdb_00001ovh 10.2210/pdb1ovh/pdb 
RCSB  RCSB018706   ?            ?                   
WWPDB D_1000018706 ?            ?                   
# 
loop_
_pdbx_database_related.db_name 
_pdbx_database_related.db_id 
_pdbx_database_related.details 
_pdbx_database_related.content_type 
PDB 1LGU 'T4 Lysozyme Mutant L99A/M102Q'                                             unspecified 
PDB 1LGW 'T4 Lysozyme Mutant L99A/M102Q Bound By 2-Fluoroaniline'                    unspecified 
PDB 1LGX 'T4 Lysozyme Mutant L99A/M102Q Bound By 3,5-Difluoroaniline'                unspecified 
PDB 1LI2 'T4 Lysozyme Mutant L99A/M102Q Bound By Phenol'                             unspecified 
PDB 1LI3 'T4 Lysozyme Mutant L99A/M102Q Bound By 3-Chlorophenol'                     unspecified 
PDB 1LI6 'T4 Lysozyme Mutant L99A/M102Q Bound By 5-Methylpyrrole'                    unspecified 
PDB 1OV5 'T4 Lysozyme Cavity Mutant L99a/M102Q Bound With 2-Allylphenol'             unspecified 
PDB 1OV7 'T4 Lysozyme Cavity Mutant L99A/M102Q Bound with 2-Allyl-6-Methyl-Phenol'   unspecified 
PDB 1OVJ 'T4 Lysozyme Cavity Mutant L99A/M102Q Bound with 3-Fluoro-2-Methyl_Aniline' unspecified 
PDB 1OVK 'T4 Lysozyme Cavity Mutant L99A/M102Q Bound with N-Allyl-Aniline'           unspecified 
# 
_pdbx_database_status.status_code                     REL 
_pdbx_database_status.entry_id                        1OVH 
_pdbx_database_status.recvd_initial_deposition_date   2003-03-26 
_pdbx_database_status.deposit_site                    RCSB 
_pdbx_database_status.process_site                    RCSB 
_pdbx_database_status.status_code_sf                  REL 
_pdbx_database_status.SG_entry                        . 
_pdbx_database_status.pdb_format_compatible           Y 
_pdbx_database_status.status_code_mr                  ? 
_pdbx_database_status.status_code_cs                  ? 
_pdbx_database_status.status_code_nmr_data            ? 
_pdbx_database_status.methods_development_category    ? 
# 
loop_
_audit_author.name 
_audit_author.pdbx_ordinal 
'Wei, B.Q.'      1 
'Baase, W.A.'    2 
'Weaver, L.H.'   3 
'Matthews, B.W.' 4 
'Shoichet, B.K.' 5 
# 
loop_
_citation.id 
_citation.title 
_citation.journal_abbrev 
_citation.journal_volume 
_citation.page_first 
_citation.page_last 
_citation.year 
_citation.journal_id_ASTM 
_citation.country 
_citation.journal_id_ISSN 
_citation.journal_id_CSD 
_citation.book_publisher 
_citation.pdbx_database_id_PubMed 
_citation.pdbx_database_id_DOI 
primary 'Testing a Flexible-receptor Docking Algorithm in a Model Binding Site'   J.Mol.Biol. 337 1161 1182 2004 JMOBAK UK 
0022-2836 0070 ? 15046985 10.1016/j.jmb.2004.02.015       
1       'A model Binding Site for Testing Scoring Functions in Molecular Docking' J.Mol.Biol. 322 339  355  2002 JMOBAK UK 
0022-2836 0070 ? ?        '10.1016/S0022-2836(02)00777-5' 
# 
loop_
_citation_author.citation_id 
_citation_author.name 
_citation_author.ordinal 
_citation_author.identifier_ORCID 
primary 'Wei, B.Q.'      1  ? 
primary 'Weaver, L.H.'   2  ? 
primary 'Ferrari, A.M.'  3  ? 
primary 'Matthews, B.W.' 4  ? 
primary 'Shoichet, B.K.' 5  ? 
1       'Wei, B.Q.'      6  ? 
1       'Baase, W.A.'    7  ? 
1       'Weaver, L.H.'   8  ? 
1       'Matthews, B.W.' 9  ? 
1       'Shoichet, B.K.' 10 ? 
# 
_cell.entry_id           1OVH 
_cell.length_a           60.7 
_cell.length_b           60.7 
_cell.length_c           97.2 
_cell.angle_alpha        90.00 
_cell.angle_beta         90.00 
_cell.angle_gamma        120.00 
_cell.Z_PDB              6 
_cell.pdbx_unique_axis   ? 
# 
_symmetry.entry_id                         1OVH 
_symmetry.space_group_name_H-M             'P 32 2 1' 
_symmetry.pdbx_full_space_group_name_H-M   ? 
_symmetry.Int_Tables_number                154 
_symmetry.cell_setting                     ? 
# 
loop_
_entity.id 
_entity.type 
_entity.src_method 
_entity.pdbx_description 
_entity.formula_weight 
_entity.pdbx_number_of_molecules 
_entity.pdbx_ec 
_entity.pdbx_mutation 
_entity.pdbx_fragment 
_entity.details 
1 polymer     man Lysozyme                  18617.320 1  3.2.1.17 'L99A, M102Q' ? ? 
2 non-polymer syn 'CHLORIDE ION'            35.453    2  ?        ?             ? ? 
3 non-polymer syn BETA-MERCAPTOETHANOL      78.133    3  ?        ?             ? ? 
4 non-polymer syn 2-CHLORO-6-METHYL-ANILINE 141.598   1  ?        ?             ? ? 
5 water       nat water                     18.015    62 ?        ?             ? ? 
# 
_entity_name_com.entity_id   1 
_entity_name_com.name        'Lysis protein, Muramidase, Endolysin' 
# 
_entity_poly.entity_id                      1 
_entity_poly.type                           'polypeptide(L)' 
_entity_poly.nstd_linkage                   no 
_entity_poly.nstd_monomer                   no 
_entity_poly.pdbx_seq_one_letter_code       
;MNIFEMLRIDEGLRLKIYKDTEGYYTIGIGHLLTKSPSLNAAKSELDKAIGRNCNGVITKDEAEKLFNQDVDAAVRGILR
NAKLKPVYDSLDAVRRCAAINQVFQMGETGVAGFTNSLRMLQQKRWDEAAVNLAKSRWYNQTPNRAKRVITTFRTGTWDA
YKNL
;
_entity_poly.pdbx_seq_one_letter_code_can   
;MNIFEMLRIDEGLRLKIYKDTEGYYTIGIGHLLTKSPSLNAAKSELDKAIGRNCNGVITKDEAEKLFNQDVDAAVRGILR
NAKLKPVYDSLDAVRRCAAINQVFQMGETGVAGFTNSLRMLQQKRWDEAAVNLAKSRWYNQTPNRAKRVITTFRTGTWDA
YKNL
;
_entity_poly.pdbx_strand_id                 A 
_entity_poly.pdbx_target_identifier         ? 
# 
loop_
_entity_poly_seq.entity_id 
_entity_poly_seq.num 
_entity_poly_seq.mon_id 
_entity_poly_seq.hetero 
1 1   MET n 
1 2   ASN n 
1 3   ILE n 
1 4   PHE n 
1 5   GLU n 
1 6   MET n 
1 7   LEU n 
1 8   ARG n 
1 9   ILE n 
1 10  ASP n 
1 11  GLU n 
1 12  GLY n 
1 13  LEU n 
1 14  ARG n 
1 15  LEU n 
1 16  LYS n 
1 17  ILE n 
1 18  TYR n 
1 19  LYS n 
1 20  ASP n 
1 21  THR n 
1 22  GLU n 
1 23  GLY n 
1 24  TYR n 
1 25  TYR n 
1 26  THR n 
1 27  ILE n 
1 28  GLY n 
1 29  ILE n 
1 30  GLY n 
1 31  HIS n 
1 32  LEU n 
1 33  LEU n 
1 34  THR n 
1 35  LYS n 
1 36  SER n 
1 37  PRO n 
1 38  SER n 
1 39  LEU n 
1 40  ASN n 
1 41  ALA n 
1 42  ALA n 
1 43  LYS n 
1 44  SER n 
1 45  GLU n 
1 46  LEU n 
1 47  ASP n 
1 48  LYS n 
1 49  ALA n 
1 50  ILE n 
1 51  GLY n 
1 52  ARG n 
1 53  ASN n 
1 54  CYS n 
1 55  ASN n 
1 56  GLY n 
1 57  VAL n 
1 58  ILE n 
1 59  THR n 
1 60  LYS n 
1 61  ASP n 
1 62  GLU n 
1 63  ALA n 
1 64  GLU n 
1 65  LYS n 
1 66  LEU n 
1 67  PHE n 
1 68  ASN n 
1 69  GLN n 
1 70  ASP n 
1 71  VAL n 
1 72  ASP n 
1 73  ALA n 
1 74  ALA n 
1 75  VAL n 
1 76  ARG n 
1 77  GLY n 
1 78  ILE n 
1 79  LEU n 
1 80  ARG n 
1 81  ASN n 
1 82  ALA n 
1 83  LYS n 
1 84  LEU n 
1 85  LYS n 
1 86  PRO n 
1 87  VAL n 
1 88  TYR n 
1 89  ASP n 
1 90  SER n 
1 91  LEU n 
1 92  ASP n 
1 93  ALA n 
1 94  VAL n 
1 95  ARG n 
1 96  ARG n 
1 97  CYS n 
1 98  ALA n 
1 99  ALA n 
1 100 ILE n 
1 101 ASN n 
1 102 GLN n 
1 103 VAL n 
1 104 PHE n 
1 105 GLN n 
1 106 MET n 
1 107 GLY n 
1 108 GLU n 
1 109 THR n 
1 110 GLY n 
1 111 VAL n 
1 112 ALA n 
1 113 GLY n 
1 114 PHE n 
1 115 THR n 
1 116 ASN n 
1 117 SER n 
1 118 LEU n 
1 119 ARG n 
1 120 MET n 
1 121 LEU n 
1 122 GLN n 
1 123 GLN n 
1 124 LYS n 
1 125 ARG n 
1 126 TRP n 
1 127 ASP n 
1 128 GLU n 
1 129 ALA n 
1 130 ALA n 
1 131 VAL n 
1 132 ASN n 
1 133 LEU n 
1 134 ALA n 
1 135 LYS n 
1 136 SER n 
1 137 ARG n 
1 138 TRP n 
1 139 TYR n 
1 140 ASN n 
1 141 GLN n 
1 142 THR n 
1 143 PRO n 
1 144 ASN n 
1 145 ARG n 
1 146 ALA n 
1 147 LYS n 
1 148 ARG n 
1 149 VAL n 
1 150 ILE n 
1 151 THR n 
1 152 THR n 
1 153 PHE n 
1 154 ARG n 
1 155 THR n 
1 156 GLY n 
1 157 THR n 
1 158 TRP n 
1 159 ASP n 
1 160 ALA n 
1 161 TYR n 
1 162 LYS n 
1 163 ASN n 
1 164 LEU n 
# 
_entity_src_gen.entity_id                          1 
_entity_src_gen.pdbx_src_id                        1 
_entity_src_gen.pdbx_alt_source_flag               sample 
_entity_src_gen.pdbx_seq_type                      ? 
_entity_src_gen.pdbx_beg_seq_num                   ? 
_entity_src_gen.pdbx_end_seq_num                   ? 
_entity_src_gen.gene_src_common_name               ? 
_entity_src_gen.gene_src_genus                     'T4-like viruses' 
_entity_src_gen.pdbx_gene_src_gene                 ? 
_entity_src_gen.gene_src_species                   'Enterobacteria phage T4 sensu lato' 
_entity_src_gen.gene_src_strain                    ? 
_entity_src_gen.gene_src_tissue                    ? 
_entity_src_gen.gene_src_tissue_fraction           ? 
_entity_src_gen.gene_src_details                   ? 
_entity_src_gen.pdbx_gene_src_fragment             ? 
_entity_src_gen.pdbx_gene_src_scientific_name      'Enterobacteria phage T4' 
_entity_src_gen.pdbx_gene_src_ncbi_taxonomy_id     10665 
_entity_src_gen.pdbx_gene_src_variant              ? 
_entity_src_gen.pdbx_gene_src_cell_line            ? 
_entity_src_gen.pdbx_gene_src_atcc                 ? 
_entity_src_gen.pdbx_gene_src_organ                ? 
_entity_src_gen.pdbx_gene_src_organelle            ? 
_entity_src_gen.pdbx_gene_src_cell                 ? 
_entity_src_gen.pdbx_gene_src_cellular_location    ? 
_entity_src_gen.host_org_common_name               ? 
_entity_src_gen.pdbx_host_org_scientific_name      'Escherichia coli' 
_entity_src_gen.pdbx_host_org_ncbi_taxonomy_id     562 
_entity_src_gen.host_org_genus                     Escherichia 
_entity_src_gen.pdbx_host_org_gene                 ? 
_entity_src_gen.pdbx_host_org_organ                ? 
_entity_src_gen.host_org_species                   ? 
_entity_src_gen.pdbx_host_org_tissue               ? 
_entity_src_gen.pdbx_host_org_tissue_fraction      ? 
_entity_src_gen.pdbx_host_org_strain               ? 
_entity_src_gen.pdbx_host_org_variant              ? 
_entity_src_gen.pdbx_host_org_cell_line            ? 
_entity_src_gen.pdbx_host_org_atcc                 ? 
_entity_src_gen.pdbx_host_org_culture_collection   ? 
_entity_src_gen.pdbx_host_org_cell                 ? 
_entity_src_gen.pdbx_host_org_organelle            ? 
_entity_src_gen.pdbx_host_org_cellular_location    ? 
_entity_src_gen.pdbx_host_org_vector_type          ? 
_entity_src_gen.pdbx_host_org_vector               ? 
_entity_src_gen.host_org_details                   ? 
_entity_src_gen.expression_system_id               ? 
_entity_src_gen.plasmid_name                       ? 
_entity_src_gen.plasmid_details                    ? 
_entity_src_gen.pdbx_description                   ? 
# 
_struct_ref.id                         1 
_struct_ref.db_name                    UNP 
_struct_ref.db_code                    LYS_BPT4 
_struct_ref.entity_id                  1 
_struct_ref.pdbx_seq_one_letter_code   
;MNIFEMLRIDEGLRLKIYKDTEGYYTIGIGHLLTKSPSLNAAKSELDKAIGRNCNGVITKDEAEKLFNQDVDAAVRGILR
NAKLKPVYDSLDAVRRCALINMVFQMGETGVAGFTNSLRMLQQKRWDEAAVNLAKSRWYNQTPNRAKRVITTFRTGTWDA
YKNL
;
_struct_ref.pdbx_align_begin           1 
_struct_ref.pdbx_db_accession          P00720 
_struct_ref.pdbx_db_isoform            ? 
# 
_struct_ref_seq.align_id                      1 
_struct_ref_seq.ref_id                        1 
_struct_ref_seq.pdbx_PDB_id_code              1OVH 
_struct_ref_seq.pdbx_strand_id                A 
_struct_ref_seq.seq_align_beg                 1 
_struct_ref_seq.pdbx_seq_align_beg_ins_code   ? 
_struct_ref_seq.seq_align_end                 164 
_struct_ref_seq.pdbx_seq_align_end_ins_code   ? 
_struct_ref_seq.pdbx_db_accession             P00720 
_struct_ref_seq.db_align_beg                  1 
_struct_ref_seq.pdbx_db_align_beg_ins_code    ? 
_struct_ref_seq.db_align_end                  164 
_struct_ref_seq.pdbx_db_align_end_ins_code    ? 
_struct_ref_seq.pdbx_auth_seq_align_beg       1 
_struct_ref_seq.pdbx_auth_seq_align_end       164 
# 
loop_
_struct_ref_seq_dif.align_id 
_struct_ref_seq_dif.pdbx_pdb_id_code 
_struct_ref_seq_dif.mon_id 
_struct_ref_seq_dif.pdbx_pdb_strand_id 
_struct_ref_seq_dif.seq_num 
_struct_ref_seq_dif.pdbx_pdb_ins_code 
_struct_ref_seq_dif.pdbx_seq_db_name 
_struct_ref_seq_dif.pdbx_seq_db_accession_code 
_struct_ref_seq_dif.db_mon_id 
_struct_ref_seq_dif.pdbx_seq_db_seq_num 
_struct_ref_seq_dif.details 
_struct_ref_seq_dif.pdbx_auth_seq_num 
_struct_ref_seq_dif.pdbx_ordinal 
1 1OVH ALA A 99  ? UNP P00720 LEU 99  'engineered mutation' 99  1 
1 1OVH GLN A 102 ? UNP P00720 MET 102 'engineered mutation' 102 2 
# 
loop_
_chem_comp.id 
_chem_comp.type 
_chem_comp.mon_nstd_flag 
_chem_comp.name 
_chem_comp.pdbx_synonyms 
_chem_comp.formula 
_chem_comp.formula_weight 
2CM non-polymer         . 2-CHLORO-6-METHYL-ANILINE ? 'C7 H8 Cl N'     141.598 
ALA 'L-peptide linking' y ALANINE                   ? 'C3 H7 N O2'     89.093  
ARG 'L-peptide linking' y ARGININE                  ? 'C6 H15 N4 O2 1' 175.209 
ASN 'L-peptide linking' y ASPARAGINE                ? 'C4 H8 N2 O3'    132.118 
ASP 'L-peptide linking' y 'ASPARTIC ACID'           ? 'C4 H7 N O4'     133.103 
BME non-polymer         . BETA-MERCAPTOETHANOL      ? 'C2 H6 O S'      78.133  
CL  non-polymer         . 'CHLORIDE ION'            ? 'Cl -1'          35.453  
CYS 'L-peptide linking' y CYSTEINE                  ? 'C3 H7 N O2 S'   121.158 
GLN 'L-peptide linking' y GLUTAMINE                 ? 'C5 H10 N2 O3'   146.144 
GLU 'L-peptide linking' y 'GLUTAMIC ACID'           ? 'C5 H9 N O4'     147.129 
GLY 'peptide linking'   y GLYCINE                   ? 'C2 H5 N O2'     75.067  
HIS 'L-peptide linking' y HISTIDINE                 ? 'C6 H10 N3 O2 1' 156.162 
HOH non-polymer         . WATER                     ? 'H2 O'           18.015  
ILE 'L-peptide linking' y ISOLEUCINE                ? 'C6 H13 N O2'    131.173 
LEU 'L-peptide linking' y LEUCINE                   ? 'C6 H13 N O2'    131.173 
LYS 'L-peptide linking' y LYSINE                    ? 'C6 H15 N2 O2 1' 147.195 
MET 'L-peptide linking' y METHIONINE                ? 'C5 H11 N O2 S'  149.211 
PHE 'L-peptide linking' y PHENYLALANINE             ? 'C9 H11 N O2'    165.189 
PRO 'L-peptide linking' y PROLINE                   ? 'C5 H9 N O2'     115.130 
SER 'L-peptide linking' y SERINE                    ? 'C3 H7 N O3'     105.093 
THR 'L-peptide linking' y THREONINE                 ? 'C4 H9 N O3'     119.119 
TRP 'L-peptide linking' y TRYPTOPHAN                ? 'C11 H12 N2 O2'  204.225 
TYR 'L-peptide linking' y TYROSINE                  ? 'C9 H11 N O3'    181.189 
VAL 'L-peptide linking' y VALINE                    ? 'C5 H11 N O2'    117.146 
# 
_exptl.entry_id          1OVH 
_exptl.method            'X-RAY DIFFRACTION' 
_exptl.crystals_number   1 
# 
_exptl_crystal.id                    1 
_exptl_crystal.density_meas          ? 
_exptl_crystal.density_Matthews      2.68 
_exptl_crystal.density_percent_sol   53.8 
_exptl_crystal.description           ? 
# 
_diffrn.id                     1 
_diffrn.ambient_temp           298 
_diffrn.ambient_temp_details   ? 
_diffrn.crystal_id             1 
# 
_diffrn_detector.diffrn_id              1 
_diffrn_detector.detector               'AREA DETECTOR' 
_diffrn_detector.type                   'UCSD MARK II' 
_diffrn_detector.pdbx_collection_date   ? 
_diffrn_detector.details                ? 
# 
_diffrn_radiation.diffrn_id                        1 
_diffrn_radiation.wavelength_id                    1 
_diffrn_radiation.pdbx_monochromatic_or_laue_m_l   M 
_diffrn_radiation.monochromator                    graphite 
_diffrn_radiation.pdbx_diffrn_protocol             'SINGLE WAVELENGTH' 
_diffrn_radiation.pdbx_scattering_type             x-ray 
# 
_diffrn_radiation_wavelength.id           1 
_diffrn_radiation_wavelength.wavelength   1.5418 
_diffrn_radiation_wavelength.wt           1.0 
# 
_diffrn_source.diffrn_id                   1 
_diffrn_source.source                      'ROTATING ANODE' 
_diffrn_source.type                        'RIGAKU RU200' 
_diffrn_source.pdbx_synchrotron_site       ? 
_diffrn_source.pdbx_synchrotron_beamline   ? 
_diffrn_source.pdbx_wavelength             ? 
_diffrn_source.pdbx_wavelength_list        1.5418 
# 
_reflns.entry_id                     1OVH 
_reflns.observed_criterion_sigma_F   0. 
_reflns.observed_criterion_sigma_I   0. 
_reflns.d_resolution_high            1.95 
_reflns.d_resolution_low             13. 
_reflns.number_all                   14679 
_reflns.number_obs                   14679 
_reflns.percent_possible_obs         93 
_reflns.pdbx_Rmerge_I_obs            0.08 
_reflns.pdbx_Rsym_value              ? 
_reflns.pdbx_netI_over_sigmaI        11.2 
_reflns.B_iso_Wilson_estimate        ? 
_reflns.pdbx_redundancy              ? 
_reflns.R_free_details               ? 
_reflns.limit_h_max                  ? 
_reflns.limit_h_min                  ? 
_reflns.limit_k_max                  ? 
_reflns.limit_k_min                  ? 
_reflns.limit_l_max                  ? 
_reflns.limit_l_min                  ? 
_reflns.observed_criterion_F_max     ? 
_reflns.observed_criterion_F_min     ? 
_reflns.pdbx_diffrn_id               1 
_reflns.pdbx_ordinal                 1 
# 
_reflns_shell.d_res_high             1.95 
_reflns_shell.d_res_low              2.1 
_reflns_shell.percent_possible_all   87 
_reflns_shell.Rmerge_I_obs           0.161 
_reflns_shell.pdbx_Rsym_value        ? 
_reflns_shell.meanI_over_sigI_obs    2.3 
_reflns_shell.pdbx_redundancy        ? 
_reflns_shell.percent_possible_obs   ? 
_reflns_shell.number_unique_all      2676 
_reflns_shell.pdbx_diffrn_id         ? 
_reflns_shell.pdbx_ordinal           1 
# 
_refine.entry_id                                 1OVH 
_refine.ls_d_res_high                            1.95 
_refine.ls_d_res_low                             13. 
_refine.pdbx_ls_sigma_F                          0 
_refine.pdbx_ls_sigma_I                          0 
_refine.ls_number_reflns_all                     14581 
_refine.ls_number_reflns_obs                     14581 
_refine.ls_number_reflns_R_free                  ? 
_refine.ls_percent_reflns_obs                    90 
_refine.ls_R_factor_all                          ? 
_refine.ls_R_factor_obs                          0.185 
_refine.ls_R_factor_R_work                       ? 
_refine.ls_R_factor_R_free                       ? 
_refine.ls_redundancy_reflns_obs                 ? 
_refine.pdbx_data_cutoff_high_absF               ? 
_refine.pdbx_data_cutoff_low_absF                ? 
_refine.ls_number_parameters                     ? 
_refine.ls_number_restraints                     ? 
_refine.ls_percent_reflns_R_free                 ? 
_refine.ls_R_factor_R_free_error                 ? 
_refine.ls_R_factor_R_free_error_details         ? 
_refine.pdbx_method_to_determine_struct          'MOLECULAR REPLACEMENT' 
_refine.pdbx_starting_model                      'PDB entry 1LGU' 
_refine.pdbx_ls_cross_valid_method               ? 
_refine.pdbx_R_Free_selection_details            ? 
_refine.pdbx_stereochem_target_val_spec_case     ? 
_refine.pdbx_stereochemistry_target_values       'Engh & Huber' 
_refine.solvent_model_details                    ? 
_refine.solvent_model_param_bsol                 ? 
_refine.solvent_model_param_ksol                 ? 
_refine.occupancy_max                            ? 
_refine.occupancy_min                            ? 
_refine.pdbx_isotropic_thermal_model             isotropic 
_refine.B_iso_mean                               ? 
_refine.aniso_B[1][1]                            ? 
_refine.aniso_B[1][2]                            ? 
_refine.aniso_B[1][3]                            ? 
_refine.aniso_B[2][2]                            ? 
_refine.aniso_B[2][3]                            ? 
_refine.aniso_B[3][3]                            ? 
_refine.details                                  ? 
_refine.B_iso_min                                ? 
_refine.B_iso_max                                ? 
_refine.correlation_coeff_Fo_to_Fc               ? 
_refine.correlation_coeff_Fo_to_Fc_free          ? 
_refine.pdbx_solvent_vdw_probe_radii             ? 
_refine.pdbx_solvent_ion_probe_radii             ? 
_refine.pdbx_solvent_shrinkage_radii             ? 
_refine.overall_SU_R_Cruickshank_DPI             ? 
_refine.overall_SU_R_free                        ? 
_refine.overall_SU_B                             ? 
_refine.overall_SU_ML                            ? 
_refine.pdbx_overall_ESU_R                       ? 
_refine.pdbx_overall_ESU_R_Free                  ? 
_refine.pdbx_data_cutoff_high_rms_absF           ? 
_refine.pdbx_refine_id                           'X-RAY DIFFRACTION' 
_refine.pdbx_diffrn_id                           1 
_refine.pdbx_TLS_residual_ADP_flag               ? 
_refine.pdbx_overall_phase_error                 ? 
_refine.pdbx_overall_SU_R_free_Cruickshank_DPI   ? 
_refine.pdbx_overall_SU_R_Blow_DPI               ? 
_refine.pdbx_overall_SU_R_free_Blow_DPI          ? 
# 
_refine_hist.pdbx_refine_id                   'X-RAY DIFFRACTION' 
_refine_hist.cycle_id                         LAST 
_refine_hist.pdbx_number_atoms_protein        1290 
_refine_hist.pdbx_number_atoms_nucleic_acid   0 
_refine_hist.pdbx_number_atoms_ligand         23 
_refine_hist.number_atoms_solvent             63 
_refine_hist.number_atoms_total               1376 
_refine_hist.d_res_high                       1.95 
_refine_hist.d_res_low                        13. 
# 
loop_
_refine_ls_restr.type 
_refine_ls_restr.dev_ideal 
_refine_ls_restr.dev_ideal_target 
_refine_ls_restr.weight 
_refine_ls_restr.number 
_refine_ls_restr.pdbx_refine_id 
_refine_ls_restr.pdbx_restraint_function 
t_bond_d    0.017 ? ? ? 'X-RAY DIFFRACTION' ? 
t_angle_deg 2.8   ? ? ? 'X-RAY DIFFRACTION' ? 
# 
_struct.entry_id                  1OVH 
_struct.title                     'T4 Lysozyme Cavity Mutant L99A/M102Q Bound With 2-Chloro-6-Methyl-Aniline' 
_struct.pdbx_model_details        ? 
_struct.pdbx_CASP_flag            ? 
_struct.pdbx_model_type_details   ? 
# 
_struct_keywords.entry_id        1OVH 
_struct_keywords.pdbx_keywords   HYDROLASE 
_struct_keywords.text            'GLYCOSIDASE, BACTERIOLYTIC ENZYME, HYDROLASE' 
# 
loop_
_struct_asym.id 
_struct_asym.pdbx_blank_PDB_chainid_flag 
_struct_asym.pdbx_modified 
_struct_asym.entity_id 
_struct_asym.details 
A N N 1 ? 
B N N 2 ? 
C N N 2 ? 
D N N 3 ? 
E N N 3 ? 
F N N 3 ? 
G N N 4 ? 
H N N 5 ? 
# 
_struct_biol.id                    1 
_struct_biol.pdbx_parent_biol_id   ? 
_struct_biol.details               ? 
# 
loop_
_struct_conf.conf_type_id 
_struct_conf.id 
_struct_conf.pdbx_PDB_helix_id 
_struct_conf.beg_label_comp_id 
_struct_conf.beg_label_asym_id 
_struct_conf.beg_label_seq_id 
_struct_conf.pdbx_beg_PDB_ins_code 
_struct_conf.end_label_comp_id 
_struct_conf.end_label_asym_id 
_struct_conf.end_label_seq_id 
_struct_conf.pdbx_end_PDB_ins_code 
_struct_conf.beg_auth_comp_id 
_struct_conf.beg_auth_asym_id 
_struct_conf.beg_auth_seq_id 
_struct_conf.end_auth_comp_id 
_struct_conf.end_auth_asym_id 
_struct_conf.end_auth_seq_id 
_struct_conf.pdbx_PDB_helix_class 
_struct_conf.details 
_struct_conf.pdbx_PDB_helix_length 
HELX_P HELX_P1  1  ASN A 2   ? GLY A 12  ? ASN A 2   GLY A 12  1 ? 11 
HELX_P HELX_P2  2  SER A 38  ? GLY A 51  ? SER A 38  GLY A 51  1 ? 14 
HELX_P HELX_P3  3  THR A 59  ? ASN A 81  ? THR A 59  ASN A 81  1 ? 23 
HELX_P HELX_P4  4  LYS A 83  ? LEU A 91  ? LYS A 83  LEU A 91  1 ? 9  
HELX_P HELX_P5  5  ASP A 92  ? GLY A 113 ? ASP A 92  GLY A 113 1 ? 22 
HELX_P HELX_P6  6  PHE A 114 ? GLN A 123 ? PHE A 114 GLN A 123 1 ? 10 
HELX_P HELX_P7  7  ARG A 125 ? LYS A 135 ? ARG A 125 LYS A 135 1 ? 11 
HELX_P HELX_P8  8  SER A 136 ? THR A 142 ? SER A 136 THR A 142 1 ? 7  
HELX_P HELX_P9  9  THR A 142 ? GLY A 156 ? THR A 142 GLY A 156 1 ? 15 
HELX_P HELX_P10 10 TRP A 158 ? LYS A 162 ? TRP A 158 LYS A 162 5 ? 5  
# 
_struct_conf_type.id          HELX_P 
_struct_conf_type.criteria    ? 
_struct_conf_type.reference   ? 
# 
_struct_sheet.id               A 
_struct_sheet.type             ? 
_struct_sheet.number_strands   3 
_struct_sheet.details          ? 
# 
loop_
_struct_sheet_order.sheet_id 
_struct_sheet_order.range_id_1 
_struct_sheet_order.range_id_2 
_struct_sheet_order.offset 
_struct_sheet_order.sense 
A 1 2 ? anti-parallel 
A 2 3 ? anti-parallel 
# 
loop_
_struct_sheet_range.sheet_id 
_struct_sheet_range.id 
_struct_sheet_range.beg_label_comp_id 
_struct_sheet_range.beg_label_asym_id 
_struct_sheet_range.beg_label_seq_id 
_struct_sheet_range.pdbx_beg_PDB_ins_code 
_struct_sheet_range.end_label_comp_id 
_struct_sheet_range.end_label_asym_id 
_struct_sheet_range.end_label_seq_id 
_struct_sheet_range.pdbx_end_PDB_ins_code 
_struct_sheet_range.beg_auth_comp_id 
_struct_sheet_range.beg_auth_asym_id 
_struct_sheet_range.beg_auth_seq_id 
_struct_sheet_range.end_auth_comp_id 
_struct_sheet_range.end_auth_asym_id 
_struct_sheet_range.end_auth_seq_id 
A 1 ARG A 14 ? LYS A 19 ? ARG A 14 LYS A 19 
A 2 TYR A 25 ? GLY A 28 ? TYR A 25 GLY A 28 
A 3 HIS A 31 ? THR A 34 ? HIS A 31 THR A 34 
# 
loop_
_pdbx_struct_sheet_hbond.sheet_id 
_pdbx_struct_sheet_hbond.range_id_1 
_pdbx_struct_sheet_hbond.range_id_2 
_pdbx_struct_sheet_hbond.range_1_label_atom_id 
_pdbx_struct_sheet_hbond.range_1_label_comp_id 
_pdbx_struct_sheet_hbond.range_1_label_asym_id 
_pdbx_struct_sheet_hbond.range_1_label_seq_id 
_pdbx_struct_sheet_hbond.range_1_PDB_ins_code 
_pdbx_struct_sheet_hbond.range_1_auth_atom_id 
_pdbx_struct_sheet_hbond.range_1_auth_comp_id 
_pdbx_struct_sheet_hbond.range_1_auth_asym_id 
_pdbx_struct_sheet_hbond.range_1_auth_seq_id 
_pdbx_struct_sheet_hbond.range_2_label_atom_id 
_pdbx_struct_sheet_hbond.range_2_label_comp_id 
_pdbx_struct_sheet_hbond.range_2_label_asym_id 
_pdbx_struct_sheet_hbond.range_2_label_seq_id 
_pdbx_struct_sheet_hbond.range_2_PDB_ins_code 
_pdbx_struct_sheet_hbond.range_2_auth_atom_id 
_pdbx_struct_sheet_hbond.range_2_auth_comp_id 
_pdbx_struct_sheet_hbond.range_2_auth_asym_id 
_pdbx_struct_sheet_hbond.range_2_auth_seq_id 
A 1 2 N TYR A 18 ? N TYR A 18 O THR A 26 ? O THR A 26 
A 2 3 N TYR A 25 ? N TYR A 25 O LEU A 33 ? O LEU A 33 
# 
loop_
_struct_site.id 
_struct_site.pdbx_evidence_code 
_struct_site.pdbx_auth_asym_id 
_struct_site.pdbx_auth_comp_id 
_struct_site.pdbx_auth_seq_id 
_struct_site.pdbx_auth_ins_code 
_struct_site.pdbx_num_residues 
_struct_site.details 
AC1 Software A CL  173 ? 4 'BINDING SITE FOR RESIDUE CL A 173'  
AC2 Software A CL  178 ? 6 'BINDING SITE FOR RESIDUE CL A 178'  
AC3 Software A BME 168 ? 5 'BINDING SITE FOR RESIDUE BME A 168' 
AC4 Software A BME 169 ? 5 'BINDING SITE FOR RESIDUE BME A 169' 
AC5 Software A BME 170 ? 2 'BINDING SITE FOR RESIDUE BME A 170' 
AC6 Software A 2CM 404 ? 7 'BINDING SITE FOR RESIDUE 2CM A 404' 
# 
loop_
_struct_site_gen.id 
_struct_site_gen.site_id 
_struct_site_gen.pdbx_num_res 
_struct_site_gen.label_comp_id 
_struct_site_gen.label_asym_id 
_struct_site_gen.label_seq_id 
_struct_site_gen.pdbx_auth_ins_code 
_struct_site_gen.auth_comp_id 
_struct_site_gen.auth_asym_id 
_struct_site_gen.auth_seq_id 
_struct_site_gen.label_atom_id 
_struct_site_gen.label_alt_id 
_struct_site_gen.symmetry 
_struct_site_gen.details 
1  AC1 4 THR A 142 ? THR A 142 . ? 1_555 ? 
2  AC1 4 ASN A 144 ? ASN A 144 . ? 1_555 ? 
3  AC1 4 ARG A 145 ? ARG A 145 . ? 1_555 ? 
4  AC1 4 HOH H .   ? HOH A 291 . ? 4_655 ? 
5  AC2 6 ALA A 49  ? ALA A 49  . ? 1_555 ? 
6  AC2 6 GLN A 69  ? GLN A 69  . ? 1_555 ? 
7  AC2 6 SER A 136 ? SER A 136 . ? 3_665 ? 
8  AC2 6 ARG A 137 ? ARG A 137 . ? 3_665 ? 
9  AC2 6 ASN A 140 ? ASN A 140 . ? 3_665 ? 
10 AC2 6 HOH H .   ? HOH A 282 . ? 1_555 ? 
11 AC3 5 ASP A 72  ? ASP A 72  . ? 1_555 ? 
12 AC3 5 VAL A 75  ? VAL A 75  . ? 1_555 ? 
13 AC3 5 ARG A 76  ? ARG A 76  . ? 1_555 ? 
14 AC3 5 LEU A 79  ? LEU A 79  . ? 1_555 ? 
15 AC3 5 TYR A 88  ? TYR A 88  . ? 5_555 ? 
16 AC4 5 GLY A 30  ? GLY A 30  . ? 1_555 ? 
17 AC4 5 PHE A 104 ? PHE A 104 . ? 1_555 ? 
18 AC4 5 HOH H .   ? HOH A 203 . ? 1_555 ? 
19 AC4 5 HOH H .   ? HOH A 256 . ? 1_555 ? 
20 AC4 5 HOH H .   ? HOH A 274 . ? 1_555 ? 
21 AC5 2 ASP A 72  ? ASP A 72  . ? 5_555 ? 
22 AC5 2 HOH H .   ? HOH A 199 . ? 1_555 ? 
23 AC6 7 VAL A 87  ? VAL A 87  . ? 1_555 ? 
24 AC6 7 ALA A 99  ? ALA A 99  . ? 1_555 ? 
25 AC6 7 GLN A 102 ? GLN A 102 . ? 1_555 ? 
26 AC6 7 VAL A 103 ? VAL A 103 . ? 1_555 ? 
27 AC6 7 VAL A 111 ? VAL A 111 . ? 1_555 ? 
28 AC6 7 LEU A 118 ? LEU A 118 . ? 1_555 ? 
29 AC6 7 LEU A 121 ? LEU A 121 . ? 1_555 ? 
# 
_atom_sites.entry_id                    1OVH 
_atom_sites.fract_transf_matrix[1][1]   -0.00895601 
_atom_sites.fract_transf_matrix[1][2]   0.00832805 
_atom_sites.fract_transf_matrix[1][3]   0.01455835 
_atom_sites.fract_transf_matrix[2][1]   0.00354427 
_atom_sites.fract_transf_matrix[2][2]   -0.00562383 
_atom_sites.fract_transf_matrix[2][3]   0.01781412 
_atom_sites.fract_transf_matrix[3][1]   0.00756762 
_atom_sites.fract_transf_matrix[3][2]   0.00694018 
_atom_sites.fract_transf_matrix[3][3]   0.00068534 
_atom_sites.fract_transf_vector[1]      0.681590 
_atom_sites.fract_transf_vector[2]      0.221001 
_atom_sites.fract_transf_vector[3]      0.100551 
# 
loop_
_atom_type.symbol 
C  
CL 
N  
O  
S  
# 
loop_
_atom_site.group_PDB 
_atom_site.id 
_atom_site.type_symbol 
_atom_site.label_atom_id 
_atom_site.label_alt_id 
_atom_site.label_comp_id 
_atom_site.label_asym_id 
_atom_site.label_entity_id 
_atom_site.label_seq_id 
_atom_site.pdbx_PDB_ins_code 
_atom_site.Cartn_x 
_atom_site.Cartn_y 
_atom_site.Cartn_z 
_atom_site.occupancy 
_atom_site.B_iso_or_equiv 
_atom_site.pdbx_formal_charge 
_atom_site.auth_seq_id 
_atom_site.auth_comp_id 
_atom_site.auth_asym_id 
_atom_site.auth_atom_id 
_atom_site.pdbx_PDB_model_num 
ATOM   1    N  N   . MET A 1 1   ? -9.275  10.112  -10.837 1.00 22.55  ? 1   MET A N   1 
ATOM   2    C  CA  . MET A 1 1   ? -8.598  9.418   -9.756  1.00 19.48  ? 1   MET A CA  1 
ATOM   3    C  C   . MET A 1 1   ? -7.266  8.830   -10.234 1.00 9.76   ? 1   MET A C   1 
ATOM   4    O  O   . MET A 1 1   ? -7.182  8.484   -11.383 1.00 15.78  ? 1   MET A O   1 
ATOM   5    C  CB  . MET A 1 1   ? -9.579  8.382   -9.149  1.00 16.56  ? 1   MET A CB  1 
ATOM   6    C  CG  . MET A 1 1   ? -8.946  7.448   -8.138  1.00 34.04  ? 1   MET A CG  1 
ATOM   7    S  SD  . MET A 1 1   ? -9.283  7.965   -6.452  1.00 31.19  ? 1   MET A SD  1 
ATOM   8    C  CE  . MET A 1 1   ? -11.009 8.371   -6.724  1.00 23.12  ? 1   MET A CE  1 
ATOM   9    N  N   . ASN A 1 2   ? -6.273  8.746   -9.359  1.00 8.80   ? 2   ASN A N   1 
ATOM   10   C  CA  . ASN A 1 2   ? -4.975  8.188   -9.676  1.00 4.50   ? 2   ASN A CA  1 
ATOM   11   C  C   . ASN A 1 2   ? -4.512  7.523   -8.396  1.00 12.77  ? 2   ASN A C   1 
ATOM   12   O  O   . ASN A 1 2   ? -5.216  7.572   -7.376  1.00 6.19   ? 2   ASN A O   1 
ATOM   13   C  CB  . ASN A 1 2   ? -4.013  9.302   -10.215 1.00 7.07   ? 2   ASN A CB  1 
ATOM   14   C  CG  . ASN A 1 2   ? -3.863  10.417  -9.220  1.00 8.74   ? 2   ASN A CG  1 
ATOM   15   O  OD1 . ASN A 1 2   ? -3.428  10.174  -8.090  1.00 6.38   ? 2   ASN A OD1 1 
ATOM   16   N  ND2 . ASN A 1 2   ? -4.265  11.625  -9.617  1.00 7.96   ? 2   ASN A ND2 1 
ATOM   17   N  N   . ILE A 1 3   ? -3.363  6.856   -8.469  1.00 4.18   ? 3   ILE A N   1 
ATOM   18   C  CA  . ILE A 1 3   ? -2.786  6.142   -7.358  1.00 7.74   ? 3   ILE A CA  1 
ATOM   19   C  C   . ILE A 1 3   ? -2.614  7.013   -6.108  1.00 11.11  ? 3   ILE A C   1 
ATOM   20   O  O   . ILE A 1 3   ? -2.722  6.525   -4.985  1.00 4.22   ? 3   ILE A O   1 
ATOM   21   C  CB  . ILE A 1 3   ? -1.453  5.481   -7.813  1.00 10.88  ? 3   ILE A CB  1 
ATOM   22   C  CG1 . ILE A 1 3   ? -0.942  4.361   -6.881  1.00 2.68   ? 3   ILE A CG1 1 
ATOM   23   C  CG2 . ILE A 1 3   ? -0.319  6.522   -8.058  1.00 18.74  ? 3   ILE A CG2 1 
ATOM   24   C  CD1 . ILE A 1 3   ? -2.023  3.498   -6.204  1.00 7.58   ? 3   ILE A CD1 1 
ATOM   25   N  N   . PHE A 1 4   ? -2.209  8.287   -6.339  1.00 7.20   ? 4   PHE A N   1 
ATOM   26   C  CA  . PHE A 1 4   ? -1.978  9.152   -5.208  1.00 9.67   ? 4   PHE A CA  1 
ATOM   27   C  C   . PHE A 1 4   ? -3.201  9.459   -4.380  1.00 3.50   ? 4   PHE A C   1 
ATOM   28   O  O   . PHE A 1 4   ? -3.225  9.368   -3.147  1.00 12.77  ? 4   PHE A O   1 
ATOM   29   C  CB  . PHE A 1 4   ? -1.209  10.398  -5.602  1.00 10.06  ? 4   PHE A CB  1 
ATOM   30   C  CG  . PHE A 1 4   ? 0.210   10.087  -6.020  1.00 10.49  ? 4   PHE A CG  1 
ATOM   31   C  CD1 . PHE A 1 4   ? 0.572   10.014  -7.363  1.00 16.68  ? 4   PHE A CD1 1 
ATOM   32   C  CD2 . PHE A 1 4   ? 1.216   9.946   -5.055  1.00 10.71  ? 4   PHE A CD2 1 
ATOM   33   C  CE1 . PHE A 1 4   ? 1.893   9.766   -7.749  1.00 10.15  ? 4   PHE A CE1 1 
ATOM   34   C  CE2 . PHE A 1 4   ? 2.541   9.724   -5.420  1.00 12.71  ? 4   PHE A CE2 1 
ATOM   35   C  CZ  . PHE A 1 4   ? 2.868   9.595   -6.763  1.00 11.97  ? 4   PHE A CZ  1 
ATOM   36   N  N   . GLU A 1 5   ? -4.246  9.859   -5.075  1.00 2.75   ? 5   GLU A N   1 
ATOM   37   C  CA  . GLU A 1 5   ? -5.488  10.169  -4.429  1.00 8.67   ? 5   GLU A CA  1 
ATOM   38   C  C   . GLU A 1 5   ? -6.048  8.905   -3.827  1.00 10.22  ? 5   GLU A C   1 
ATOM   39   O  O   . GLU A 1 5   ? -6.621  8.930   -2.746  1.00 7.38   ? 5   GLU A O   1 
ATOM   40   C  CB  . GLU A 1 5   ? -6.518  10.627  -5.478  1.00 7.86   ? 5   GLU A CB  1 
ATOM   41   C  CG  . GLU A 1 5   ? -6.099  11.931  -6.174  1.00 13.06  ? 5   GLU A CG  1 
ATOM   42   C  CD  . GLU A 1 5   ? -6.917  12.202  -7.426  1.00 31.40  ? 5   GLU A CD  1 
ATOM   43   O  OE1 . GLU A 1 5   ? -7.288  11.299  -8.158  1.00 41.82  ? 5   GLU A OE1 1 
ATOM   44   O  OE2 . GLU A 1 5   ? -7.243  13.456  -7.603  1.00 100.00 ? 5   GLU A OE2 1 
ATOM   45   N  N   . MET A 1 6   ? -5.874  7.774   -4.505  1.00 2.63   ? 6   MET A N   1 
ATOM   46   C  CA  . MET A 1 6   ? -6.428  6.547   -3.975  1.00 1.00   ? 6   MET A CA  1 
ATOM   47   C  C   . MET A 1 6   ? -5.751  6.188   -2.701  1.00 8.46   ? 6   MET A C   1 
ATOM   48   O  O   . MET A 1 6   ? -6.376  5.848   -1.694  1.00 7.69   ? 6   MET A O   1 
ATOM   49   C  CB  . MET A 1 6   ? -6.057  5.427   -4.970  1.00 8.74   ? 6   MET A CB  1 
ATOM   50   C  CG  . MET A 1 6   ? -6.659  4.104   -4.519  1.00 5.52   ? 6   MET A CG  1 
ATOM   51   S  SD  . MET A 1 6   ? -5.897  2.740   -5.445  1.00 8.47   ? 6   MET A SD  1 
ATOM   52   C  CE  . MET A 1 6   ? -7.217  1.459   -5.462  1.00 13.71  ? 6   MET A CE  1 
ATOM   53   N  N   . LEU A 1 7   ? -4.412  6.242   -2.731  1.00 6.18   ? 7   LEU A N   1 
ATOM   54   C  CA  . LEU A 1 7   ? -3.784  5.904   -1.445  1.00 9.01   ? 7   LEU A CA  1 
ATOM   55   C  C   . LEU A 1 7   ? -3.964  6.967   -0.393  1.00 11.69  ? 7   LEU A C   1 
ATOM   56   O  O   . LEU A 1 7   ? -3.956  6.667   0.797   1.00 6.18   ? 7   LEU A O   1 
ATOM   57   C  CB  . LEU A 1 7   ? -2.286  5.655   -1.525  1.00 14.71  ? 7   LEU A CB  1 
ATOM   58   C  CG  . LEU A 1 7   ? -2.023  4.293   -2.155  1.00 13.73  ? 7   LEU A CG  1 
ATOM   59   C  CD1 . LEU A 1 7   ? -0.664  4.434   -2.817  1.00 18.95  ? 7   LEU A CD1 1 
ATOM   60   C  CD2 . LEU A 1 7   ? -2.031  3.184   -1.108  1.00 9.77   ? 7   LEU A CD2 1 
ATOM   61   N  N   . ARG A 1 8   ? -4.105  8.209   -0.815  1.00 10.84  ? 8   ARG A N   1 
ATOM   62   C  CA  . ARG A 1 8   ? -4.254  9.187   0.216   1.00 14.12  ? 8   ARG A CA  1 
ATOM   63   C  C   . ARG A 1 8   ? -5.562  8.973   0.927   1.00 17.57  ? 8   ARG A C   1 
ATOM   64   O  O   . ARG A 1 8   ? -5.648  9.310   2.071   1.00 16.56  ? 8   ARG A O   1 
ATOM   65   C  CB  . ARG A 1 8   ? -3.985  10.619  -0.205  1.00 18.09  ? 8   ARG A CB  1 
ATOM   66   C  CG  . ARG A 1 8   ? -4.666  11.671  0.681   1.00 11.21  ? 8   ARG A CG  1 
ATOM   67   C  CD  . ARG A 1 8   ? -3.711  12.761  1.088   1.00 16.79  ? 8   ARG A CD  1 
ATOM   68   N  NE  . ARG A 1 8   ? -4.118  13.643  2.199   1.00 61.87  ? 8   ARG A NE  1 
ATOM   69   C  CZ  . ARG A 1 8   ? -5.155  13.517  3.034   1.00 100.00 ? 8   ARG A CZ  1 
ATOM   70   N  NH1 . ARG A 1 8   ? -5.967  12.461  3.036   1.00 40.83  ? 8   ARG A NH1 1 
ATOM   71   N  NH2 . ARG A 1 8   ? -5.396  14.531  3.888   1.00 100.00 ? 8   ARG A NH2 1 
ATOM   72   N  N   . ILE A 1 9   ? -6.568  8.427   0.242   1.00 8.00   ? 9   ILE A N   1 
ATOM   73   C  CA  . ILE A 1 9   ? -7.819  8.086   0.798   1.00 10.54  ? 9   ILE A CA  1 
ATOM   74   C  C   . ILE A 1 9   ? -7.641  6.881   1.724   1.00 19.64  ? 9   ILE A C   1 
ATOM   75   O  O   . ILE A 1 9   ? -8.137  6.850   2.843   1.00 13.34  ? 9   ILE A O   1 
ATOM   76   C  CB  . ILE A 1 9   ? -8.919  7.804   -0.236  1.00 15.26  ? 9   ILE A CB  1 
ATOM   77   C  CG1 . ILE A 1 9   ? -9.415  9.094   -0.863  1.00 12.89  ? 9   ILE A CG1 1 
ATOM   78   C  CG2 . ILE A 1 9   ? -10.117 6.998   0.346   1.00 8.86   ? 9   ILE A CG2 1 
ATOM   79   C  CD1 . ILE A 1 9   ? -10.241 8.886   -2.114  1.00 20.95  ? 9   ILE A CD1 1 
ATOM   80   N  N   . ASP A 1 10  ? -6.913  5.862   1.316   1.00 6.57   ? 10  ASP A N   1 
ATOM   81   C  CA  . ASP A 1 10  ? -6.769  4.700   2.145   1.00 9.78   ? 10  ASP A CA  1 
ATOM   82   C  C   . ASP A 1 10  ? -5.831  4.868   3.331   1.00 9.93   ? 10  ASP A C   1 
ATOM   83   O  O   . ASP A 1 10  ? -5.966  4.201   4.352   1.00 12.00  ? 10  ASP A O   1 
ATOM   84   C  CB  . ASP A 1 10  ? -6.268  3.578   1.202   1.00 8.09   ? 10  ASP A CB  1 
ATOM   85   C  CG  . ASP A 1 10  ? -7.390  2.981   0.381   1.00 11.24  ? 10  ASP A CG  1 
ATOM   86   O  OD1 . ASP A 1 10  ? -8.613  3.028   0.690   1.00 8.03   ? 10  ASP A OD1 1 
ATOM   87   O  OD2 . ASP A 1 10  ? -6.919  2.523   -0.736  1.00 11.84  ? 10  ASP A OD2 1 
ATOM   88   N  N   . GLU A 1 11  ? -4.861  5.743   3.248   1.00 8.28   ? 11  GLU A N   1 
ATOM   89   C  CA  . GLU A 1 11  ? -3.930  5.782   4.370   1.00 6.41   ? 11  GLU A CA  1 
ATOM   90   C  C   . GLU A 1 11  ? -4.117  7.006   5.266   1.00 8.07   ? 11  GLU A C   1 
ATOM   91   O  O   . GLU A 1 11  ? -3.538  7.075   6.334   1.00 13.99  ? 11  GLU A O   1 
ATOM   92   C  CB  . GLU A 1 11  ? -2.481  5.876   3.866   1.00 9.95   ? 11  GLU A CB  1 
ATOM   93   C  CG  . GLU A 1 11  ? -1.990  4.722   3.006   1.00 6.58   ? 11  GLU A CG  1 
ATOM   94   C  CD  . GLU A 1 11  ? -1.840  3.540   3.896   1.00 16.72  ? 11  GLU A CD  1 
ATOM   95   O  OE1 . GLU A 1 11  ? -1.775  3.651   5.100   1.00 17.56  ? 11  GLU A OE1 1 
ATOM   96   O  OE2 . GLU A 1 11  ? -1.781  2.412   3.275   1.00 14.57  ? 11  GLU A OE2 1 
ATOM   97   N  N   . GLY A 1 12  ? -4.789  8.028   4.754   1.00 9.77   ? 12  GLY A N   1 
ATOM   98   C  CA  . GLY A 1 12  ? -4.971  9.332   5.423   1.00 11.26  ? 12  GLY A CA  1 
ATOM   99   C  C   . GLY A 1 12  ? -3.667  10.125  5.471   1.00 19.28  ? 12  GLY A C   1 
ATOM   100  O  O   . GLY A 1 12  ? -2.666  9.739   4.880   1.00 13.29  ? 12  GLY A O   1 
ATOM   101  N  N   . LEU A 1 13  ? -3.666  11.216  6.213   1.00 11.58  ? 13  LEU A N   1 
ATOM   102  C  CA  . LEU A 1 13  ? -2.429  12.017  6.369   1.00 18.70  ? 13  LEU A CA  1 
ATOM   103  C  C   . LEU A 1 13  ? -2.254  12.497  7.809   1.00 12.99  ? 13  LEU A C   1 
ATOM   104  O  O   . LEU A 1 13  ? -3.149  13.104  8.377   1.00 14.93  ? 13  LEU A O   1 
ATOM   105  C  CB  . LEU A 1 13  ? -2.487  13.227  5.463   1.00 16.31  ? 13  LEU A CB  1 
ATOM   106  C  CG  . LEU A 1 13  ? -1.440  14.257  5.887   1.00 28.91  ? 13  LEU A CG  1 
ATOM   107  C  CD1 . LEU A 1 13  ? -0.007  13.722  5.737   1.00 24.42  ? 13  LEU A CD1 1 
ATOM   108  C  CD2 . LEU A 1 13  ? -1.615  15.499  5.039   1.00 19.51  ? 13  LEU A CD2 1 
ATOM   109  N  N   . ARG A 1 14  ? -1.116  12.182  8.432   1.00 12.99  ? 14  ARG A N   1 
ATOM   110  C  CA  . ARG A 1 14  ? -0.815  12.579  9.809   1.00 11.42  ? 14  ARG A CA  1 
ATOM   111  C  C   . ARG A 1 14  ? 0.579   13.061  9.921   1.00 12.99  ? 14  ARG A C   1 
ATOM   112  O  O   . ARG A 1 14  ? 1.475   12.397  9.474   1.00 12.47  ? 14  ARG A O   1 
ATOM   113  C  CB  . ARG A 1 14  ? -0.905  11.427  10.745  1.00 3.43   ? 14  ARG A CB  1 
ATOM   114  C  CG  . ARG A 1 14  ? -2.124  10.590  10.438  1.00 19.00  ? 14  ARG A CG  1 
ATOM   115  C  CD  . ARG A 1 14  ? -3.040  10.404  11.629  1.00 21.12  ? 14  ARG A CD  1 
ATOM   116  N  NE  . ARG A 1 14  ? -2.496  10.826  12.922  1.00 100.00 ? 14  ARG A NE  1 
ATOM   117  C  CZ  . ARG A 1 14  ? -2.721  10.181  14.092  1.00 100.00 ? 14  ARG A CZ  1 
ATOM   118  N  NH1 . ARG A 1 14  ? -3.477  9.052   14.147  1.00 55.02  ? 14  ARG A NH1 1 
ATOM   119  N  NH2 . ARG A 1 14  ? -2.175  10.676  15.227  1.00 100.00 ? 14  ARG A NH2 1 
ATOM   120  N  N   . LEU A 1 15  ? 0.751   14.171  10.564  1.00 15.58  ? 15  LEU A N   1 
ATOM   121  C  CA  . LEU A 1 15  ? 2.040   14.821  10.672  1.00 15.94  ? 15  LEU A CA  1 
ATOM   122  C  C   . LEU A 1 15  ? 2.854   14.520  11.909  1.00 8.99   ? 15  LEU A C   1 
ATOM   123  O  O   . LEU A 1 15  ? 3.954   15.065  12.097  1.00 15.60  ? 15  LEU A O   1 
ATOM   124  C  CB  . LEU A 1 15  ? 1.820   16.337  10.519  1.00 12.24  ? 15  LEU A CB  1 
ATOM   125  C  CG  . LEU A 1 15  ? 1.155   16.706  9.179   1.00 19.90  ? 15  LEU A CG  1 
ATOM   126  C  CD1 . LEU A 1 15  ? 1.184   18.207  8.956   1.00 24.31  ? 15  LEU A CD1 1 
ATOM   127  C  CD2 . LEU A 1 15  ? 1.875   16.012  8.019   1.00 26.85  ? 15  LEU A CD2 1 
ATOM   128  N  N   . LYS A 1 16  ? 2.278   13.683  12.757  1.00 6.82   ? 16  LYS A N   1 
ATOM   129  C  CA  . LYS A 1 16  ? 2.951   13.307  14.020  1.00 7.76   ? 16  LYS A CA  1 
ATOM   130  C  C   . LYS A 1 16  ? 3.052   11.794  14.065  1.00 20.72  ? 16  LYS A C   1 
ATOM   131  O  O   . LYS A 1 16  ? 2.166   11.115  13.525  1.00 20.32  ? 16  LYS A O   1 
ATOM   132  C  CB  . LYS A 1 16  ? 2.196   13.742  15.303  1.00 23.60  ? 16  LYS A CB  1 
ATOM   133  C  CG  . LYS A 1 16  ? 1.785   12.532  16.167  1.00 100.00 ? 16  LYS A CG  1 
ATOM   134  C  CD  . LYS A 1 16  ? 2.318   12.497  17.620  1.00 100.00 ? 16  LYS A CD  1 
ATOM   135  C  CE  . LYS A 1 16  ? 3.676   11.799  17.842  1.00 100.00 ? 16  LYS A CE  1 
ATOM   136  N  NZ  . LYS A 1 16  ? 3.635   10.540  18.621  1.00 57.18  ? 16  LYS A NZ  1 
ATOM   137  N  N   . ILE A 1 17  ? 4.136   11.291  14.674  1.00 13.39  ? 17  ILE A N   1 
ATOM   138  C  CA  . ILE A 1 17  ? 4.303   9.839   14.728  1.00 6.34   ? 17  ILE A CA  1 
ATOM   139  C  C   . ILE A 1 17  ? 3.041   9.141   15.217  1.00 18.17  ? 17  ILE A C   1 
ATOM   140  O  O   . ILE A 1 17  ? 2.453   9.586   16.197  1.00 11.61  ? 17  ILE A O   1 
ATOM   141  C  CB  . ILE A 1 17  ? 5.503   9.384   15.573  1.00 7.78   ? 17  ILE A CB  1 
ATOM   142  C  CG1 . ILE A 1 17  ? 6.772   9.711   14.793  1.00 11.68  ? 17  ILE A CG1 1 
ATOM   143  C  CG2 . ILE A 1 17  ? 5.411   7.855   15.821  1.00 10.14  ? 17  ILE A CG2 1 
ATOM   144  C  CD1 . ILE A 1 17  ? 8.063   9.378   15.565  1.00 12.24  ? 17  ILE A CD1 1 
ATOM   145  N  N   . TYR A 1 18  ? 2.627   8.042   14.564  1.00 12.80  ? 18  TYR A N   1 
ATOM   146  C  CA  . TYR A 1 18  ? 1.433   7.396   15.061  1.00 7.21   ? 18  TYR A CA  1 
ATOM   147  C  C   . TYR A 1 18  ? 1.580   5.900   14.934  1.00 12.51  ? 18  TYR A C   1 
ATOM   148  O  O   . TYR A 1 18  ? 2.518   5.433   14.290  1.00 20.48  ? 18  TYR A O   1 
ATOM   149  C  CB  . TYR A 1 18  ? 0.176   7.977   14.344  1.00 8.70   ? 18  TYR A CB  1 
ATOM   150  C  CG  . TYR A 1 18  ? 0.049   7.660   12.856  1.00 12.41  ? 18  TYR A CG  1 
ATOM   151  C  CD1 . TYR A 1 18  ? -0.689  6.541   12.443  1.00 20.11  ? 18  TYR A CD1 1 
ATOM   152  C  CD2 . TYR A 1 18  ? 0.686   8.436   11.881  1.00 14.86  ? 18  TYR A CD2 1 
ATOM   153  C  CE1 . TYR A 1 18  ? -0.854  6.205   11.093  1.00 13.18  ? 18  TYR A CE1 1 
ATOM   154  C  CE2 . TYR A 1 18  ? 0.535   8.125   10.533  1.00 13.39  ? 18  TYR A CE2 1 
ATOM   155  C  CZ  . TYR A 1 18  ? -0.199  6.993   10.146  1.00 22.79  ? 18  TYR A CZ  1 
ATOM   156  O  OH  . TYR A 1 18  ? -0.323  6.714   8.810   1.00 28.93  ? 18  TYR A OH  1 
ATOM   157  N  N   . LYS A 1 19  ? 0.660   5.147   15.537  1.00 9.23   ? 19  LYS A N   1 
ATOM   158  C  CA  . LYS A 1 19  ? 0.721   3.736   15.382  1.00 11.06  ? 19  LYS A CA  1 
ATOM   159  C  C   . LYS A 1 19  ? -0.332  3.317   14.325  1.00 17.38  ? 19  LYS A C   1 
ATOM   160  O  O   . LYS A 1 19  ? -1.500  3.780   14.316  1.00 19.09  ? 19  LYS A O   1 
ATOM   161  C  CB  . LYS A 1 19  ? 0.495   2.973   16.685  1.00 13.87  ? 19  LYS A CB  1 
ATOM   162  C  CG  . LYS A 1 19  ? 1.633   3.054   17.685  1.00 11.99  ? 19  LYS A CG  1 
ATOM   163  C  CD  . LYS A 1 19  ? 1.716   1.832   18.571  1.00 39.16  ? 19  LYS A CD  1 
ATOM   164  C  CE  . LYS A 1 19  ? 1.784   2.133   20.056  1.00 23.20  ? 19  LYS A CE  1 
ATOM   165  N  NZ  . LYS A 1 19  ? 2.406   1.049   20.844  1.00 33.06  ? 19  LYS A NZ  1 
ATOM   166  N  N   . ASP A 1 20  ? 0.088   2.428   13.425  1.00 13.99  ? 20  ASP A N   1 
ATOM   167  C  CA  . ASP A 1 20  ? -0.772  1.957   12.363  1.00 5.70   ? 20  ASP A CA  1 
ATOM   168  C  C   . ASP A 1 20  ? -1.711  0.912   12.889  1.00 10.42  ? 20  ASP A C   1 
ATOM   169  O  O   . ASP A 1 20  ? -1.691  0.560   14.073  1.00 19.01  ? 20  ASP A O   1 
ATOM   170  C  CB  . ASP A 1 20  ? -0.017  1.494   11.131  1.00 7.50   ? 20  ASP A CB  1 
ATOM   171  C  CG  . ASP A 1 20  ? 0.721   0.187   11.320  1.00 15.69  ? 20  ASP A CG  1 
ATOM   172  O  OD1 . ASP A 1 20  ? 0.740   -0.380  12.387  1.00 17.92  ? 20  ASP A OD1 1 
ATOM   173  O  OD2 . ASP A 1 20  ? 1.391   -0.241  10.267  1.00 20.84  ? 20  ASP A OD2 1 
ATOM   174  N  N   . THR A 1 21  ? -2.478  0.338   11.984  1.00 7.27   ? 21  THR A N   1 
ATOM   175  C  CA  . THR A 1 21  ? -3.457  -0.662  12.426  1.00 12.33  ? 21  THR A CA  1 
ATOM   176  C  C   . THR A 1 21  ? -2.811  -1.845  13.116  1.00 23.27  ? 21  THR A C   1 
ATOM   177  O  O   . THR A 1 21  ? -3.472  -2.483  13.950  1.00 31.63  ? 21  THR A O   1 
ATOM   178  C  CB  . THR A 1 21  ? -4.441  -1.090  11.331  1.00 28.12  ? 21  THR A CB  1 
ATOM   179  O  OG1 . THR A 1 21  ? -3.628  -1.667  10.304  1.00 19.21  ? 21  THR A OG1 1 
ATOM   180  C  CG2 . THR A 1 21  ? -5.094  0.157   10.756  1.00 34.04  ? 21  THR A CG2 1 
ATOM   181  N  N   . GLU A 1 22  ? -1.523  -2.111  12.765  1.00 17.23  ? 22  GLU A N   1 
ATOM   182  C  CA  . GLU A 1 22  ? -0.751  -3.222  13.353  1.00 16.58  ? 22  GLU A CA  1 
ATOM   183  C  C   . GLU A 1 22  ? 0.016   -2.859  14.606  1.00 15.55  ? 22  GLU A C   1 
ATOM   184  O  O   . GLU A 1 22  ? 0.617   -3.753  15.202  1.00 13.84  ? 22  GLU A O   1 
ATOM   185  C  CB  . GLU A 1 22  ? 0.191   -4.043  12.454  1.00 13.94  ? 22  GLU A CB  1 
ATOM   186  C  CG  . GLU A 1 22  ? -0.411  -4.441  11.119  1.00 20.36  ? 22  GLU A CG  1 
ATOM   187  C  CD  . GLU A 1 22  ? -1.123  -5.759  11.103  1.00 43.86  ? 22  GLU A CD  1 
ATOM   188  O  OE1 . GLU A 1 22  ? -0.871  -6.694  11.832  1.00 47.53  ? 22  GLU A OE1 1 
ATOM   189  O  OE2 . GLU A 1 22  ? -1.941  -5.842  10.097  1.00 100.00 ? 22  GLU A OE2 1 
ATOM   190  N  N   . GLY A 1 23  ? -0.044  -1.561  14.960  1.00 14.75  ? 23  GLY A N   1 
ATOM   191  C  CA  . GLY A 1 23  ? 0.585   -1.010  16.128  1.00 11.39  ? 23  GLY A CA  1 
ATOM   192  C  C   . GLY A 1 23  ? 1.995   -0.531  15.844  1.00 27.42  ? 23  GLY A C   1 
ATOM   193  O  O   . GLY A 1 23  ? 2.758   -0.366  16.755  1.00 26.76  ? 23  GLY A O   1 
ATOM   194  N  N   . TYR A 1 24  ? 2.366   -0.314  14.592  1.00 15.77  ? 24  TYR A N   1 
ATOM   195  C  CA  . TYR A 1 24  ? 3.725   0.138   14.314  1.00 10.77  ? 24  TYR A CA  1 
ATOM   196  C  C   . TYR A 1 24  ? 3.809   1.563   14.007  1.00 14.29  ? 24  TYR A C   1 
ATOM   197  O  O   . TYR A 1 24  ? 2.918   2.143   13.372  1.00 13.78  ? 24  TYR A O   1 
ATOM   198  C  CB  . TYR A 1 24  ? 4.200   -0.467  13.027  1.00 15.91  ? 24  TYR A CB  1 
ATOM   199  C  CG  . TYR A 1 24  ? 4.230   -1.961  13.061  1.00 12.81  ? 24  TYR A CG  1 
ATOM   200  C  CD1 . TYR A 1 24  ? 3.809   -2.697  11.958  1.00 20.78  ? 24  TYR A CD1 1 
ATOM   201  C  CD2 . TYR A 1 24  ? 4.759   -2.646  14.149  1.00 24.67  ? 24  TYR A CD2 1 
ATOM   202  C  CE1 . TYR A 1 24  ? 3.775   -4.094  11.953  1.00 21.99  ? 24  TYR A CE1 1 
ATOM   203  C  CE2 . TYR A 1 24  ? 4.774   -4.044  14.141  1.00 40.11  ? 24  TYR A CE2 1 
ATOM   204  C  CZ  . TYR A 1 24  ? 4.295   -4.775  13.054  1.00 47.69  ? 24  TYR A CZ  1 
ATOM   205  O  OH  . TYR A 1 24  ? 4.348   -6.159  13.071  1.00 41.41  ? 24  TYR A OH  1 
ATOM   206  N  N   . TYR A 1 25  ? 4.951   2.081   14.416  1.00 11.57  ? 25  TYR A N   1 
ATOM   207  C  CA  . TYR A 1 25  ? 5.215   3.481   14.195  1.00 5.25   ? 25  TYR A CA  1 
ATOM   208  C  C   . TYR A 1 25  ? 5.282   3.899   12.731  1.00 9.73   ? 25  TYR A C   1 
ATOM   209  O  O   . TYR A 1 25  ? 6.115   3.445   11.907  1.00 11.94  ? 25  TYR A O   1 
ATOM   210  C  CB  . TYR A 1 25  ? 6.521   3.889   14.858  1.00 9.21   ? 25  TYR A CB  1 
ATOM   211  C  CG  . TYR A 1 25  ? 6.326   3.861   16.358  1.00 23.71  ? 25  TYR A CG  1 
ATOM   212  C  CD1 . TYR A 1 25  ? 7.216   3.179   17.192  1.00 27.24  ? 25  TYR A CD1 1 
ATOM   213  C  CD2 . TYR A 1 25  ? 5.228   4.493   16.944  1.00 25.85  ? 25  TYR A CD2 1 
ATOM   214  C  CE1 . TYR A 1 25  ? 7.021   3.102   18.572  1.00 22.17  ? 25  TYR A CE1 1 
ATOM   215  C  CE2 . TYR A 1 25  ? 5.040   4.457   18.327  1.00 16.22  ? 25  TYR A CE2 1 
ATOM   216  C  CZ  . TYR A 1 25  ? 5.952   3.777   19.148  1.00 31.40  ? 25  TYR A CZ  1 
ATOM   217  O  OH  . TYR A 1 25  ? 5.846   3.683   20.519  1.00 36.24  ? 25  TYR A OH  1 
ATOM   218  N  N   . THR A 1 26  ? 4.467   4.884   12.477  1.00 8.42   ? 26  THR A N   1 
ATOM   219  C  CA  . THR A 1 26  ? 4.309   5.362   11.147  1.00 11.73  ? 26  THR A CA  1 
ATOM   220  C  C   . THR A 1 26  ? 4.153   6.847   11.129  1.00 8.81   ? 26  THR A C   1 
ATOM   221  O  O   . THR A 1 26  ? 3.900   7.463   12.167  1.00 12.62  ? 26  THR A O   1 
ATOM   222  C  CB  . THR A 1 26  ? 2.929   4.750   10.715  1.00 19.96  ? 26  THR A CB  1 
ATOM   223  O  OG1 . THR A 1 26  ? 2.880   3.347   10.784  1.00 9.19   ? 26  THR A OG1 1 
ATOM   224  C  CG2 . THR A 1 26  ? 2.392   5.192   9.366   1.00 4.49   ? 26  THR A CG2 1 
ATOM   225  N  N   . ILE A 1 27  ? 4.200   7.426   9.911   1.00 10.78  ? 27  ILE A N   1 
ATOM   226  C  CA  . ILE A 1 27  ? 3.979   8.861   9.814   1.00 16.85  ? 27  ILE A CA  1 
ATOM   227  C  C   . ILE A 1 27  ? 3.532   9.280   8.412   1.00 11.02  ? 27  ILE A C   1 
ATOM   228  O  O   . ILE A 1 27  ? 3.628   8.553   7.455   1.00 12.46  ? 27  ILE A O   1 
ATOM   229  C  CB  . ILE A 1 27  ? 5.207   9.706   10.256  1.00 16.24  ? 27  ILE A CB  1 
ATOM   230  C  CG1 . ILE A 1 27  ? 4.848   11.171  10.422  1.00 13.52  ? 27  ILE A CG1 1 
ATOM   231  C  CG2 . ILE A 1 27  ? 6.261   9.605   9.159   1.00 14.51  ? 27  ILE A CG2 1 
ATOM   232  C  CD1 . ILE A 1 27  ? 5.853   11.901  11.279  1.00 13.34  ? 27  ILE A CD1 1 
ATOM   233  N  N   . GLY A 1 28  ? 3.084   10.510  8.298   1.00 7.95   ? 28  GLY A N   1 
ATOM   234  C  CA  . GLY A 1 28  ? 2.687   11.043  7.002   1.00 4.37   ? 28  GLY A CA  1 
ATOM   235  C  C   . GLY A 1 28  ? 1.541   10.270  6.394   1.00 15.33  ? 28  GLY A C   1 
ATOM   236  O  O   . GLY A 1 28  ? 0.483   10.068  7.028   1.00 8.03   ? 28  GLY A O   1 
ATOM   237  N  N   . ILE A 1 29  ? 1.769   9.893   5.128   1.00 9.51   ? 29  ILE A N   1 
ATOM   238  C  CA  . ILE A 1 29  ? 0.808   9.144   4.346   1.00 6.39   ? 29  ILE A CA  1 
ATOM   239  C  C   . ILE A 1 29  ? 1.103   7.652   4.341   1.00 10.44  ? 29  ILE A C   1 
ATOM   240  O  O   . ILE A 1 29  ? 1.495   7.068   3.322   1.00 13.67  ? 29  ILE A O   1 
ATOM   241  C  CB  . ILE A 1 29  ? 0.590   9.678   2.930   1.00 9.25   ? 29  ILE A CB  1 
ATOM   242  C  CG1 . ILE A 1 29  ? 0.010   11.110  2.991   1.00 9.82   ? 29  ILE A CG1 1 
ATOM   243  C  CG2 . ILE A 1 29  ? -0.445  8.763   2.277   1.00 14.69  ? 29  ILE A CG2 1 
ATOM   244  C  CD1 . ILE A 1 29  ? 0.611   12.128  2.016   1.00 18.67  ? 29  ILE A CD1 1 
ATOM   245  N  N   . GLY A 1 30  ? 0.956   7.044   5.531   1.00 4.58   ? 30  GLY A N   1 
ATOM   246  C  CA  . GLY A 1 30  ? 1.209   5.613   5.643   1.00 3.69   ? 30  GLY A CA  1 
ATOM   247  C  C   . GLY A 1 30  ? 2.720   5.287   5.540   1.00 11.50  ? 30  GLY A C   1 
ATOM   248  O  O   . GLY A 1 30  ? 3.111   4.233   5.194   1.00 7.72   ? 30  GLY A O   1 
ATOM   249  N  N   . HIS A 1 31  ? 3.661   6.143   5.925   1.00 4.61   ? 31  HIS A N   1 
ATOM   250  C  CA  . HIS A 1 31  ? 5.028   5.675   5.765   1.00 1.00   ? 31  HIS A CA  1 
ATOM   251  C  C   . HIS A 1 31  ? 5.515   5.025   7.028   1.00 9.79   ? 31  HIS A C   1 
ATOM   252  O  O   . HIS A 1 31  ? 5.625   5.673   8.078   1.00 9.08   ? 31  HIS A O   1 
ATOM   253  C  CB  . HIS A 1 31  ? 5.839   6.971   5.534   1.00 4.89   ? 31  HIS A CB  1 
ATOM   254  C  CG  . HIS A 1 31  ? 7.302   6.662   5.437   1.00 7.43   ? 31  HIS A CG  1 
ATOM   255  N  ND1 . HIS A 1 31  ? 7.850   6.220   4.228   1.00 9.89   ? 31  HIS A ND1 1 
ATOM   256  C  CD2 . HIS A 1 31  ? 8.298   6.695   6.360   1.00 9.36   ? 31  HIS A CD2 1 
ATOM   257  C  CE1 . HIS A 1 31  ? 9.140   5.941   4.420   1.00 5.16   ? 31  HIS A CE1 1 
ATOM   258  N  NE2 . HIS A 1 31  ? 9.461   6.251   5.700   1.00 8.71   ? 31  HIS A NE2 1 
ATOM   259  N  N   . LEU A 1 32  ? 5.736   3.718   6.949   1.00 8.22   ? 32  LEU A N   1 
ATOM   260  C  CA  . LEU A 1 32  ? 6.153   2.957   8.084   1.00 10.26  ? 32  LEU A CA  1 
ATOM   261  C  C   . LEU A 1 32  ? 7.519   3.349   8.554   1.00 14.74  ? 32  LEU A C   1 
ATOM   262  O  O   . LEU A 1 32  ? 8.435   3.481   7.784   1.00 7.68   ? 32  LEU A O   1 
ATOM   263  C  CB  . LEU A 1 32  ? 6.183   1.483   7.701   1.00 14.13  ? 32  LEU A CB  1 
ATOM   264  C  CG  . LEU A 1 32  ? 6.728   0.634   8.845   1.00 22.48  ? 32  LEU A CG  1 
ATOM   265  C  CD1 . LEU A 1 32  ? 5.800   0.730   10.073  1.00 27.03  ? 32  LEU A CD1 1 
ATOM   266  C  CD2 . LEU A 1 32  ? 7.023   -0.799  8.398   1.00 24.69  ? 32  LEU A CD2 1 
ATOM   267  N  N   . LEU A 1 33  ? 7.692   3.578   9.804   1.00 6.78   ? 33  LEU A N   1 
ATOM   268  C  CA  . LEU A 1 33  ? 9.023   3.982   10.131  1.00 9.07   ? 33  LEU A CA  1 
ATOM   269  C  C   . LEU A 1 33  ? 9.820   2.788   10.674  1.00 17.94  ? 33  LEU A C   1 
ATOM   270  O  O   . LEU A 1 33  ? 10.977  2.639   10.351  1.00 19.86  ? 33  LEU A O   1 
ATOM   271  C  CB  . LEU A 1 33  ? 9.045   5.041   11.237  1.00 8.45   ? 33  LEU A CB  1 
ATOM   272  C  CG  . LEU A 1 33  ? 8.561   6.372   10.721  1.00 17.91  ? 33  LEU A CG  1 
ATOM   273  C  CD1 . LEU A 1 33  ? 8.098   7.114   11.950  1.00 14.33  ? 33  LEU A CD1 1 
ATOM   274  C  CD2 . LEU A 1 33  ? 9.706   7.115   10.007  1.00 5.79   ? 33  LEU A CD2 1 
ATOM   275  N  N   . THR A 1 34  ? 9.201   1.970   11.539  1.00 15.43  ? 34  THR A N   1 
ATOM   276  C  CA  . THR A 1 34  ? 9.860   0.829   12.154  1.00 20.06  ? 34  THR A CA  1 
ATOM   277  C  C   . THR A 1 34  ? 8.858   -0.088  12.792  1.00 24.90  ? 34  THR A C   1 
ATOM   278  O  O   . THR A 1 34  ? 7.799   0.357   13.267  1.00 20.53  ? 34  THR A O   1 
ATOM   279  C  CB  . THR A 1 34  ? 10.867  1.180   13.284  1.00 21.56  ? 34  THR A CB  1 
ATOM   280  O  OG1 . THR A 1 34  ? 11.371  -0.046  13.821  1.00 20.69  ? 34  THR A OG1 1 
ATOM   281  C  CG2 . THR A 1 34  ? 10.243  1.989   14.436  1.00 18.25  ? 34  THR A CG2 1 
ATOM   282  N  N   . LYS A 1 35  ? 9.241   -1.361  12.830  1.00 15.17  ? 35  LYS A N   1 
ATOM   283  C  CA  . LYS A 1 35  ? 8.389   -2.348  13.437  1.00 17.79  ? 35  LYS A CA  1 
ATOM   284  C  C   . LYS A 1 35  ? 8.694   -2.491  14.910  1.00 33.08  ? 35  LYS A C   1 
ATOM   285  O  O   . LYS A 1 35  ? 7.982   -3.132  15.641  1.00 28.03  ? 35  LYS A O   1 
ATOM   286  C  CB  . LYS A 1 35  ? 8.410   -3.699  12.788  1.00 25.36  ? 35  LYS A CB  1 
ATOM   287  C  CG  . LYS A 1 35  ? 7.885   -3.685  11.359  1.00 15.89  ? 35  LYS A CG  1 
ATOM   288  C  CD  . LYS A 1 35  ? 7.300   -4.995  10.850  1.00 28.06  ? 35  LYS A CD  1 
ATOM   289  C  CE  . LYS A 1 35  ? 7.741   -5.350  9.437   1.00 100.00 ? 35  LYS A CE  1 
ATOM   290  N  NZ  . LYS A 1 35  ? 8.059   -6.850  9.283   1.00 100.00 ? 35  LYS A NZ  1 
ATOM   291  N  N   . SER A 1 36  ? 9.765   -1.886  15.332  1.00 18.96  ? 36  SER A N   1 
ATOM   292  C  CA  . SER A 1 36  ? 10.155  -1.930  16.708  1.00 19.30  ? 36  SER A CA  1 
ATOM   293  C  C   . SER A 1 36  ? 9.235   -1.062  17.517  1.00 29.33  ? 36  SER A C   1 
ATOM   294  O  O   . SER A 1 36  ? 8.659   -0.092  17.012  1.00 26.48  ? 36  SER A O   1 
ATOM   295  C  CB  . SER A 1 36  ? 11.592  -1.456  16.847  1.00 32.10  ? 36  SER A CB  1 
ATOM   296  O  OG  . SER A 1 36  ? 11.797  -0.760  18.069  1.00 42.74  ? 36  SER A OG  1 
ATOM   297  N  N   . PRO A 1 37  ? 9.147   -1.392  18.810  1.00 39.86  ? 37  PRO A N   1 
ATOM   298  C  CA  . PRO A 1 37  ? 8.289   -0.697  19.757  1.00 38.39  ? 37  PRO A CA  1 
ATOM   299  C  C   . PRO A 1 37  ? 8.954   0.419   20.540  1.00 35.14  ? 37  PRO A C   1 
ATOM   300  O  O   . PRO A 1 37  ? 8.333   0.989   21.420  1.00 48.95  ? 37  PRO A O   1 
ATOM   301  C  CB  . PRO A 1 37  ? 7.696   -1.756  20.650  1.00 37.27  ? 37  PRO A CB  1 
ATOM   302  C  CG  . PRO A 1 37  ? 8.551   -2.984  20.462  1.00 33.77  ? 37  PRO A CG  1 
ATOM   303  C  CD  . PRO A 1 37  ? 9.494   -2.731  19.297  1.00 32.24  ? 37  PRO A CD  1 
ATOM   304  N  N   . SER A 1 38  ? 10.192  0.759   20.185  1.00 39.32  ? 38  SER A N   1 
ATOM   305  C  CA  . SER A 1 38  ? 10.844  1.873   20.853  1.00 35.10  ? 38  SER A CA  1 
ATOM   306  C  C   . SER A 1 38  ? 10.500  3.122   20.061  1.00 23.95  ? 38  SER A C   1 
ATOM   307  O  O   . SER A 1 38  ? 10.879  3.255   18.903  1.00 26.50  ? 38  SER A O   1 
ATOM   308  C  CB  . SER A 1 38  ? 12.381  1.761   21.115  1.00 32.73  ? 38  SER A CB  1 
ATOM   309  O  OG  . SER A 1 38  ? 12.880  2.865   21.919  1.00 33.51  ? 38  SER A OG  1 
ATOM   310  N  N   . LEU A 1 39  ? 9.784   4.043   20.685  1.00 20.19  ? 39  LEU A N   1 
ATOM   311  C  CA  . LEU A 1 39  ? 9.453   5.273   20.055  1.00 23.08  ? 39  LEU A CA  1 
ATOM   312  C  C   . LEU A 1 39  ? 10.729  6.016   19.636  1.00 29.90  ? 39  LEU A C   1 
ATOM   313  O  O   . LEU A 1 39  ? 10.825  6.863   18.729  1.00 21.97  ? 39  LEU A O   1 
ATOM   314  C  CB  . LEU A 1 39  ? 8.524   6.131   20.984  1.00 16.93  ? 39  LEU A CB  1 
ATOM   315  C  CG  . LEU A 1 39  ? 8.312   7.544   20.428  1.00 36.96  ? 39  LEU A CG  1 
ATOM   316  C  CD1 . LEU A 1 39  ? 7.624   7.471   19.066  1.00 36.78  ? 39  LEU A CD1 1 
ATOM   317  C  CD2 . LEU A 1 39  ? 7.511   8.441   21.368  1.00 38.80  ? 39  LEU A CD2 1 
ATOM   318  N  N   . ASN A 1 40  ? 11.757  5.725   20.371  1.00 24.92  ? 40  ASN A N   1 
ATOM   319  C  CA  . ASN A 1 40  ? 12.952  6.453   20.088  1.00 22.27  ? 40  ASN A CA  1 
ATOM   320  C  C   . ASN A 1 40  ? 13.579  5.933   18.805  1.00 22.69  ? 40  ASN A C   1 
ATOM   321  O  O   . ASN A 1 40  ? 14.085  6.664   17.984  1.00 15.28  ? 40  ASN A O   1 
ATOM   322  C  CB  . ASN A 1 40  ? 13.816  6.641   21.370  1.00 37.78  ? 40  ASN A CB  1 
ATOM   323  C  CG  . ASN A 1 40  ? 13.242  7.690   22.330  1.00 31.17  ? 40  ASN A CG  1 
ATOM   324  O  OD1 . ASN A 1 40  ? 13.402  8.898   22.112  1.00 100.00 ? 40  ASN A OD1 1 
ATOM   325  N  ND2 . ASN A 1 40  ? 12.455  7.244   23.318  1.00 100.00 ? 40  ASN A ND2 1 
ATOM   326  N  N   . ALA A 1 41  ? 13.474  4.647   18.593  1.00 14.52  ? 41  ALA A N   1 
ATOM   327  C  CA  . ALA A 1 41  ? 13.962  4.065   17.378  1.00 15.32  ? 41  ALA A CA  1 
ATOM   328  C  C   . ALA A 1 41  ? 13.192  4.702   16.224  1.00 23.56  ? 41  ALA A C   1 
ATOM   329  O  O   . ALA A 1 41  ? 13.706  5.032   15.163  1.00 18.50  ? 41  ALA A O   1 
ATOM   330  C  CB  . ALA A 1 41  ? 13.625  2.578   17.416  1.00 23.55  ? 41  ALA A CB  1 
ATOM   331  N  N   . ALA A 1 42  ? 11.915  4.878   16.439  1.00 18.34  ? 42  ALA A N   1 
ATOM   332  C  CA  . ALA A 1 42  ? 11.056  5.494   15.440  1.00 16.92  ? 42  ALA A CA  1 
ATOM   333  C  C   . ALA A 1 42  ? 11.464  6.937   15.118  1.00 9.94   ? 42  ALA A C   1 
ATOM   334  O  O   . ALA A 1 42  ? 11.489  7.443   13.967  1.00 13.21  ? 42  ALA A O   1 
ATOM   335  C  CB  . ALA A 1 42  ? 9.584   5.382   15.873  1.00 12.66  ? 42  ALA A CB  1 
ATOM   336  N  N   . LYS A 1 43  ? 11.798  7.644   16.142  1.00 9.76   ? 43  LYS A N   1 
ATOM   337  C  CA  . LYS A 1 43  ? 12.172  9.043   15.936  1.00 14.23  ? 43  LYS A CA  1 
ATOM   338  C  C   . LYS A 1 43  ? 13.480  9.144   15.202  1.00 15.87  ? 43  LYS A C   1 
ATOM   339  O  O   . LYS A 1 43  ? 13.690  10.001  14.363  1.00 16.81  ? 43  LYS A O   1 
ATOM   340  C  CB  . LYS A 1 43  ? 12.359  9.707   17.288  1.00 15.92  ? 43  LYS A CB  1 
ATOM   341  C  CG  . LYS A 1 43  ? 11.131  10.456  17.748  1.00 24.15  ? 43  LYS A CG  1 
ATOM   342  C  CD  . LYS A 1 43  ? 10.865  10.313  19.235  1.00 26.63  ? 43  LYS A CD  1 
ATOM   343  C  CE  . LYS A 1 43  ? 10.171  11.539  19.806  1.00 36.01  ? 43  LYS A CE  1 
ATOM   344  N  NZ  . LYS A 1 43  ? 11.126  12.611  20.169  1.00 88.08  ? 43  LYS A NZ  1 
ATOM   345  N  N   . SER A 1 44  ? 14.373  8.235   15.543  1.00 15.18  ? 44  SER A N   1 
ATOM   346  C  CA  . SER A 1 44  ? 15.678  8.209   14.882  1.00 17.65  ? 44  SER A CA  1 
ATOM   347  C  C   . SER A 1 44  ? 15.486  7.935   13.372  1.00 16.45  ? 44  SER A C   1 
ATOM   348  O  O   . SER A 1 44  ? 16.026  8.584   12.508  1.00 12.40  ? 44  SER A O   1 
ATOM   349  C  CB  . SER A 1 44  ? 16.644  7.254   15.572  1.00 15.32  ? 44  SER A CB  1 
ATOM   350  O  OG  . SER A 1 44  ? 17.789  7.056   14.779  1.00 52.90  ? 44  SER A OG  1 
ATOM   351  N  N   . GLU A 1 45  ? 14.669  6.950   13.067  1.00 11.17  ? 45  GLU A N   1 
ATOM   352  C  CA  . GLU A 1 45  ? 14.345  6.591   11.696  1.00 17.16  ? 45  GLU A CA  1 
ATOM   353  C  C   . GLU A 1 45  ? 13.738  7.766   10.968  1.00 17.71  ? 45  GLU A C   1 
ATOM   354  O  O   . GLU A 1 45  ? 14.107  8.029   9.834   1.00 13.20  ? 45  GLU A O   1 
ATOM   355  C  CB  . GLU A 1 45  ? 13.290  5.485   11.641  1.00 11.38  ? 45  GLU A CB  1 
ATOM   356  C  CG  . GLU A 1 45  ? 13.817  4.056   11.848  1.00 11.91  ? 45  GLU A CG  1 
ATOM   357  C  CD  . GLU A 1 45  ? 14.928  3.697   10.864  1.00 19.60  ? 45  GLU A CD  1 
ATOM   358  O  OE1 . GLU A 1 45  ? 14.891  3.873   9.643   1.00 26.82  ? 45  GLU A OE1 1 
ATOM   359  O  OE2 . GLU A 1 45  ? 15.911  3.061   11.415  1.00 17.82  ? 45  GLU A OE2 1 
ATOM   360  N  N   . LEU A 1 46  ? 12.825  8.454   11.656  1.00 7.89   ? 46  LEU A N   1 
ATOM   361  C  CA  . LEU A 1 46  ? 12.225  9.667   11.080  1.00 6.45   ? 46  LEU A CA  1 
ATOM   362  C  C   . LEU A 1 46  ? 13.257  10.736  10.709  1.00 16.56  ? 46  LEU A C   1 
ATOM   363  O  O   . LEU A 1 46  ? 13.241  11.313  9.638   1.00 13.87  ? 46  LEU A O   1 
ATOM   364  C  CB  . LEU A 1 46  ? 11.193  10.315  12.028  1.00 9.62   ? 46  LEU A CB  1 
ATOM   365  C  CG  . LEU A 1 46  ? 10.587  11.587  11.449  1.00 9.40   ? 46  LEU A CG  1 
ATOM   366  C  CD1 . LEU A 1 46  ? 9.881   11.217  10.158  1.00 11.71  ? 46  LEU A CD1 1 
ATOM   367  C  CD2 . LEU A 1 46  ? 9.460   11.977  12.376  1.00 12.42  ? 46  LEU A CD2 1 
ATOM   368  N  N   . ASP A 1 47  ? 14.201  11.001  11.614  1.00 13.19  ? 47  ASP A N   1 
ATOM   369  C  CA  . ASP A 1 47  ? 15.185  12.013  11.306  1.00 19.29  ? 47  ASP A CA  1 
ATOM   370  C  C   . ASP A 1 47  ? 16.056  11.620  10.158  1.00 13.78  ? 47  ASP A C   1 
ATOM   371  O  O   . ASP A 1 47  ? 16.424  12.466  9.334   1.00 15.46  ? 47  ASP A O   1 
ATOM   372  C  CB  . ASP A 1 47  ? 16.025  12.390  12.518  1.00 19.84  ? 47  ASP A CB  1 
ATOM   373  C  CG  . ASP A 1 47  ? 15.173  12.969  13.617  1.00 23.65  ? 47  ASP A CG  1 
ATOM   374  O  OD1 . ASP A 1 47  ? 14.186  13.674  13.496  1.00 19.52  ? 47  ASP A OD1 1 
ATOM   375  O  OD2 . ASP A 1 47  ? 15.587  12.533  14.738  1.00 23.15  ? 47  ASP A OD2 1 
ATOM   376  N  N   . LYS A 1 48  ? 16.352  10.329  10.137  1.00 13.57  ? 48  LYS A N   1 
ATOM   377  C  CA  . LYS A 1 48  ? 17.150  9.769   9.070   1.00 12.31  ? 48  LYS A CA  1 
ATOM   378  C  C   . LYS A 1 48  ? 16.401  9.933   7.701   1.00 15.42  ? 48  LYS A C   1 
ATOM   379  O  O   . LYS A 1 48  ? 16.944  10.351  6.676   1.00 12.81  ? 48  LYS A O   1 
ATOM   380  C  CB  . LYS A 1 48  ? 17.484  8.290   9.382   1.00 8.79   ? 48  LYS A CB  1 
ATOM   381  C  CG  . LYS A 1 48  ? 18.103  7.565   8.195   1.00 14.49  ? 48  LYS A CG  1 
ATOM   382  C  CD  . LYS A 1 48  ? 18.839  6.274   8.507   1.00 11.14  ? 48  LYS A CD  1 
ATOM   383  C  CE  . LYS A 1 48  ? 18.000  5.210   9.204   1.00 8.77   ? 48  LYS A CE  1 
ATOM   384  N  NZ  . LYS A 1 48  ? 17.329  4.401   8.183   1.00 3.80   ? 48  LYS A NZ  1 
ATOM   385  N  N   . ALA A 1 49  ? 15.115  9.583   7.673   1.00 9.27   ? 49  ALA A N   1 
ATOM   386  C  CA  . ALA A 1 49  ? 14.368  9.721   6.415   1.00 15.50  ? 49  ALA A CA  1 
ATOM   387  C  C   . ALA A 1 49  ? 14.225  11.149  5.939   1.00 10.94  ? 49  ALA A C   1 
ATOM   388  O  O   . ALA A 1 49  ? 14.191  11.440  4.770   1.00 7.81   ? 49  ALA A O   1 
ATOM   389  C  CB  . ALA A 1 49  ? 12.928  9.310   6.620   1.00 10.12  ? 49  ALA A CB  1 
ATOM   390  N  N   . ILE A 1 50  ? 14.098  12.067  6.878   1.00 10.82  ? 50  ILE A N   1 
ATOM   391  C  CA  . ILE A 1 50  ? 13.812  13.446  6.537   1.00 9.16   ? 50  ILE A CA  1 
ATOM   392  C  C   . ILE A 1 50  ? 15.045  14.256  6.404   1.00 17.63  ? 50  ILE A C   1 
ATOM   393  O  O   . ILE A 1 50  ? 15.145  15.207  5.633   1.00 16.66  ? 50  ILE A O   1 
ATOM   394  C  CB  . ILE A 1 50  ? 12.913  14.061  7.640   1.00 19.92  ? 50  ILE A CB  1 
ATOM   395  C  CG1 . ILE A 1 50  ? 11.545  13.361  7.691   1.00 12.54  ? 50  ILE A CG1 1 
ATOM   396  C  CG2 . ILE A 1 50  ? 12.740  15.547  7.422   1.00 7.27   ? 50  ILE A CG2 1 
ATOM   397  C  CD1 . ILE A 1 50  ? 10.862  13.318  6.323   1.00 9.75   ? 50  ILE A CD1 1 
ATOM   398  N  N   . GLY A 1 51  ? 16.005  13.869  7.179   1.00 11.32  ? 51  GLY A N   1 
ATOM   399  C  CA  . GLY A 1 51  ? 17.231  14.588  7.052   1.00 12.93  ? 51  GLY A CA  1 
ATOM   400  C  C   . GLY A 1 51  ? 17.324  15.759  8.002   1.00 16.59  ? 51  GLY A C   1 
ATOM   401  O  O   . GLY A 1 51  ? 17.896  16.798  7.716   1.00 23.50  ? 51  GLY A O   1 
ATOM   402  N  N   . ARG A 1 52  ? 16.756  15.608  9.150   1.00 32.64  ? 52  ARG A N   1 
ATOM   403  C  CA  . ARG A 1 52  ? 16.782  16.693  10.095  1.00 21.96  ? 52  ARG A CA  1 
ATOM   404  C  C   . ARG A 1 52  ? 16.153  16.153  11.319  1.00 16.97  ? 52  ARG A C   1 
ATOM   405  O  O   . ARG A 1 52  ? 15.485  15.103  11.275  1.00 17.62  ? 52  ARG A O   1 
ATOM   406  C  CB  . ARG A 1 52  ? 16.033  17.940  9.586   1.00 28.45  ? 52  ARG A CB  1 
ATOM   407  C  CG  . ARG A 1 52  ? 14.553  18.149  9.973   1.00 28.67  ? 52  ARG A CG  1 
ATOM   408  C  CD  . ARG A 1 52  ? 13.868  19.289  9.177   1.00 21.65  ? 52  ARG A CD  1 
ATOM   409  N  NE  . ARG A 1 52  ? 12.400  19.192  9.126   1.00 17.47  ? 52  ARG A NE  1 
ATOM   410  C  CZ  . ARG A 1 52  ? 11.605  19.154  10.208  1.00 23.06  ? 52  ARG A CZ  1 
ATOM   411  N  NH1 . ARG A 1 52  ? 12.096  19.239  11.427  1.00 32.79  ? 52  ARG A NH1 1 
ATOM   412  N  NH2 . ARG A 1 52  ? 10.288  19.046  10.099  1.00 26.33  ? 52  ARG A NH2 1 
ATOM   413  N  N   . ASN A 1 53  ? 16.374  16.904  12.367  1.00 24.55  ? 53  ASN A N   1 
ATOM   414  C  CA  . ASN A 1 53  ? 15.850  16.614  13.688  1.00 33.16  ? 53  ASN A CA  1 
ATOM   415  C  C   . ASN A 1 53  ? 14.398  17.069  13.711  1.00 30.00  ? 53  ASN A C   1 
ATOM   416  O  O   . ASN A 1 53  ? 14.102  18.280  13.777  1.00 14.66  ? 53  ASN A O   1 
ATOM   417  C  CB  . ASN A 1 53  ? 16.673  17.362  14.784  1.00 81.61  ? 53  ASN A CB  1 
ATOM   418  C  CG  . ASN A 1 53  ? 17.915  16.652  15.284  1.00 83.79  ? 53  ASN A CG  1 
ATOM   419  O  OD1 . ASN A 1 53  ? 18.901  16.488  14.536  1.00 95.95  ? 53  ASN A OD1 1 
ATOM   420  N  ND2 . ASN A 1 53  ? 17.875  16.260  16.559  1.00 94.26  ? 53  ASN A ND2 1 
ATOM   421  N  N   . CYS A 1 54  ? 13.512  16.087  13.616  1.00 18.15  ? 54  CYS A N   1 
ATOM   422  C  CA  . CYS A 1 54  ? 12.083  16.325  13.550  1.00 11.58  ? 54  CYS A CA  1 
ATOM   423  C  C   . CYS A 1 54  ? 11.426  16.334  14.900  1.00 18.79  ? 54  CYS A C   1 
ATOM   424  O  O   . CYS A 1 54  ? 10.392  16.948  15.080  1.00 26.40  ? 54  CYS A O   1 
ATOM   425  C  CB  . CYS A 1 54  ? 11.379  15.240  12.679  1.00 12.74  ? 54  CYS A CB  1 
ATOM   426  S  SG  . CYS A 1 54  ? 12.119  15.385  11.012  1.00 20.50  ? 54  CYS A SG  1 
ATOM   427  N  N   . ASN A 1 55  ? 11.949  15.547  15.783  1.00 14.57  ? 55  ASN A N   1 
ATOM   428  C  CA  . ASN A 1 55  ? 11.284  15.455  17.022  1.00 24.22  ? 55  ASN A CA  1 
ATOM   429  C  C   . ASN A 1 55  ? 9.860   14.897  16.802  1.00 33.09  ? 55  ASN A C   1 
ATOM   430  O  O   . ASN A 1 55  ? 8.902   15.445  17.368  1.00 26.86  ? 55  ASN A O   1 
ATOM   431  C  CB  . ASN A 1 55  ? 11.293  16.855  17.731  1.00 29.68  ? 55  ASN A CB  1 
ATOM   432  C  CG  . ASN A 1 55  ? 11.011  16.830  19.237  1.00 91.57  ? 55  ASN A CG  1 
ATOM   433  O  OD1 . ASN A 1 55  ? 11.290  15.828  19.957  1.00 41.74  ? 55  ASN A OD1 1 
ATOM   434  N  ND2 . ASN A 1 55  ? 10.467  17.947  19.722  1.00 44.96  ? 55  ASN A ND2 1 
ATOM   435  N  N   . GLY A 1 56  ? 9.702   13.864  15.949  1.00 15.30  ? 56  GLY A N   1 
ATOM   436  C  CA  . GLY A 1 56  ? 8.379   13.244  15.775  1.00 16.80  ? 56  GLY A CA  1 
ATOM   437  C  C   . GLY A 1 56  ? 7.318   14.042  15.005  1.00 22.81  ? 56  GLY A C   1 
ATOM   438  O  O   . GLY A 1 56  ? 6.150   13.653  14.921  1.00 16.46  ? 56  GLY A O   1 
ATOM   439  N  N   . VAL A 1 57  ? 7.716   15.151  14.400  1.00 7.82   ? 57  VAL A N   1 
ATOM   440  C  CA  . VAL A 1 57  ? 6.716   15.899  13.641  1.00 8.43   ? 57  VAL A CA  1 
ATOM   441  C  C   . VAL A 1 57  ? 7.259   16.367  12.312  1.00 20.99  ? 57  VAL A C   1 
ATOM   442  O  O   . VAL A 1 57  ? 8.404   16.793  12.267  1.00 21.64  ? 57  VAL A O   1 
ATOM   443  C  CB  . VAL A 1 57  ? 6.383   17.118  14.471  1.00 20.26  ? 57  VAL A CB  1 
ATOM   444  C  CG1 . VAL A 1 57  ? 5.421   18.030  13.755  1.00 14.42  ? 57  VAL A CG1 1 
ATOM   445  C  CG2 . VAL A 1 57  ? 5.782   16.595  15.740  1.00 26.82  ? 57  VAL A CG2 1 
ATOM   446  N  N   . ILE A 1 58  ? 6.461   16.278  11.233  1.00 18.24  ? 58  ILE A N   1 
ATOM   447  C  CA  . ILE A 1 58  ? 6.944   16.743  9.952   1.00 11.49  ? 58  ILE A CA  1 
ATOM   448  C  C   . ILE A 1 58  ? 5.921   17.723  9.392   1.00 17.21  ? 58  ILE A C   1 
ATOM   449  O  O   . ILE A 1 58  ? 4.815   17.872  9.944   1.00 12.09  ? 58  ILE A O   1 
ATOM   450  C  CB  . ILE A 1 58  ? 7.152   15.582  8.950   1.00 16.64  ? 58  ILE A CB  1 
ATOM   451  C  CG1 . ILE A 1 58  ? 5.817   14.835  8.695   1.00 9.28   ? 58  ILE A CG1 1 
ATOM   452  C  CG2 . ILE A 1 58  ? 8.292   14.630  9.402   1.00 11.38  ? 58  ILE A CG2 1 
ATOM   453  C  CD1 . ILE A 1 58  ? 5.976   13.582  7.884   1.00 14.57  ? 58  ILE A CD1 1 
ATOM   454  N  N   . THR A 1 59  ? 6.309   18.318  8.250   1.00 11.64  ? 59  THR A N   1 
ATOM   455  C  CA  . THR A 1 59  ? 5.403   19.152  7.522   1.00 12.26  ? 59  THR A CA  1 
ATOM   456  C  C   . THR A 1 59  ? 4.697   18.356  6.408   1.00 14.06  ? 59  THR A C   1 
ATOM   457  O  O   . THR A 1 59  ? 5.023   17.245  6.050   1.00 18.64  ? 59  THR A O   1 
ATOM   458  C  CB  . THR A 1 59  ? 6.213   20.280  6.906   1.00 25.24  ? 59  THR A CB  1 
ATOM   459  O  OG1 . THR A 1 59  ? 6.817   19.731  5.774   1.00 17.95  ? 59  THR A OG1 1 
ATOM   460  C  CG2 . THR A 1 59  ? 7.271   20.734  7.918   1.00 28.04  ? 59  THR A CG2 1 
ATOM   461  N  N   . LYS A 1 60  ? 3.690   18.954  5.832   1.00 15.27  ? 60  LYS A N   1 
ATOM   462  C  CA  . LYS A 1 60  ? 2.908   18.350  4.788   1.00 9.29   ? 60  LYS A CA  1 
ATOM   463  C  C   . LYS A 1 60  ? 3.718   18.044  3.549   1.00 15.17  ? 60  LYS A C   1 
ATOM   464  O  O   . LYS A 1 60  ? 3.542   17.024  2.852   1.00 9.11   ? 60  LYS A O   1 
ATOM   465  C  CB  . LYS A 1 60  ? 1.734   19.296  4.490   1.00 9.90   ? 60  LYS A CB  1 
ATOM   466  C  CG  . LYS A 1 60  ? 0.651   18.646  3.620   1.00 31.33  ? 60  LYS A CG  1 
ATOM   467  C  CD  . LYS A 1 60  ? -0.368  19.639  3.042   1.00 87.93  ? 60  LYS A CD  1 
ATOM   468  C  CE  . LYS A 1 60  ? -1.494  18.976  2.251   1.00 97.01  ? 60  LYS A CE  1 
ATOM   469  N  NZ  . LYS A 1 60  ? -2.524  19.914  1.766   1.00 91.69  ? 60  LYS A NZ  1 
ATOM   470  N  N   . ASP A 1 61  ? 4.605   19.004  3.235   1.00 17.32  ? 61  ASP A N   1 
ATOM   471  C  CA  . ASP A 1 61  ? 5.507   18.902  2.076   1.00 11.88  ? 61  ASP A CA  1 
ATOM   472  C  C   . ASP A 1 61  ? 6.430   17.716  2.286   1.00 6.99   ? 61  ASP A C   1 
ATOM   473  O  O   . ASP A 1 61  ? 6.744   16.942  1.352   1.00 14.64  ? 61  ASP A O   1 
ATOM   474  C  CB  . ASP A 1 61  ? 6.319   20.217  1.868   1.00 16.57  ? 61  ASP A CB  1 
ATOM   475  C  CG  . ASP A 1 61  ? 5.369   21.256  1.289   1.00 86.36  ? 61  ASP A CG  1 
ATOM   476  O  OD1 . ASP A 1 61  ? 5.169   21.379  0.090   1.00 100.00 ? 61  ASP A OD1 1 
ATOM   477  O  OD2 . ASP A 1 61  ? 4.653   21.899  2.190   1.00 100.00 ? 61  ASP A OD2 1 
ATOM   478  N  N   . GLU A 1 62  ? 6.857   17.551  3.565   1.00 13.35  ? 62  GLU A N   1 
ATOM   479  C  CA  . GLU A 1 62  ? 7.754   16.481  3.932   1.00 6.60   ? 62  GLU A CA  1 
ATOM   480  C  C   . GLU A 1 62  ? 7.018   15.183  3.799   1.00 13.72  ? 62  GLU A C   1 
ATOM   481  O  O   . GLU A 1 62  ? 7.541   14.220  3.319   1.00 11.30  ? 62  GLU A O   1 
ATOM   482  C  CB  . GLU A 1 62  ? 8.246   16.660  5.368   1.00 9.04   ? 62  GLU A CB  1 
ATOM   483  C  CG  . GLU A 1 62  ? 9.335   17.726  5.404   1.00 12.64  ? 62  GLU A CG  1 
ATOM   484  C  CD  . GLU A 1 62  ? 9.738   18.103  6.790   1.00 19.86  ? 62  GLU A CD  1 
ATOM   485  O  OE1 . GLU A 1 62  ? 9.098   17.843  7.792   1.00 15.65  ? 62  GLU A OE1 1 
ATOM   486  O  OE2 . GLU A 1 62  ? 10.908  18.649  6.777   1.00 19.00  ? 62  GLU A OE2 1 
ATOM   487  N  N   . ALA A 1 63  ? 5.803   15.178  4.301   1.00 8.64   ? 63  ALA A N   1 
ATOM   488  C  CA  . ALA A 1 63  ? 4.983   13.981  4.206   1.00 6.08   ? 63  ALA A CA  1 
ATOM   489  C  C   . ALA A 1 63  ? 4.766   13.593  2.771   1.00 6.84   ? 63  ALA A C   1 
ATOM   490  O  O   . ALA A 1 63  ? 4.750   12.422  2.401   1.00 7.76   ? 63  ALA A O   1 
ATOM   491  C  CB  . ALA A 1 63  ? 3.598   14.321  4.693   1.00 10.94  ? 63  ALA A CB  1 
ATOM   492  N  N   . GLU A 1 64  ? 4.562   14.616  1.956   1.00 10.18  ? 64  GLU A N   1 
ATOM   493  C  CA  . GLU A 1 64  ? 4.309   14.421  0.563   1.00 9.75   ? 64  GLU A CA  1 
ATOM   494  C  C   . GLU A 1 64  ? 5.508   13.917  -0.205  1.00 13.98  ? 64  GLU A C   1 
ATOM   495  O  O   . GLU A 1 64  ? 5.374   13.174  -1.196  1.00 10.73  ? 64  GLU A O   1 
ATOM   496  C  CB  . GLU A 1 64  ? 3.735   15.671  -0.057  1.00 11.55  ? 64  GLU A CB  1 
ATOM   497  C  CG  . GLU A 1 64  ? 2.220   15.648  0.162   1.00 19.02  ? 64  GLU A CG  1 
ATOM   498  C  CD  . GLU A 1 64  ? 1.563   16.929  -0.248  1.00 27.08  ? 64  GLU A CD  1 
ATOM   499  O  OE1 . GLU A 1 64  ? 2.130   17.988  -0.585  1.00 28.93  ? 64  GLU A OE1 1 
ATOM   500  O  OE2 . GLU A 1 64  ? 0.286   16.771  -0.141  1.00 25.80  ? 64  GLU A OE2 1 
ATOM   501  N  N   . LYS A 1 65  ? 6.676   14.353  0.265   1.00 6.62   ? 65  LYS A N   1 
ATOM   502  C  CA  . LYS A 1 65  ? 7.893   13.891  -0.329  1.00 9.17   ? 65  LYS A CA  1 
ATOM   503  C  C   . LYS A 1 65  ? 8.036   12.408  -0.077  1.00 8.30   ? 65  LYS A C   1 
ATOM   504  O  O   . LYS A 1 65  ? 8.395   11.601  -1.001  1.00 12.11  ? 65  LYS A O   1 
ATOM   505  C  CB  . LYS A 1 65  ? 9.133   14.566  0.258   1.00 10.47  ? 65  LYS A CB  1 
ATOM   506  C  CG  . LYS A 1 65  ? 10.314  14.307  -0.642  1.00 15.14  ? 65  LYS A CG  1 
ATOM   507  C  CD  . LYS A 1 65  ? 11.313  15.456  -0.617  1.00 56.19  ? 65  LYS A CD  1 
ATOM   508  C  CE  . LYS A 1 65  ? 12.587  15.132  -1.390  1.00 45.93  ? 65  LYS A CE  1 
ATOM   509  N  NZ  . LYS A 1 65  ? 13.785  15.774  -0.823  1.00 64.52  ? 65  LYS A NZ  1 
ATOM   510  N  N   . LEU A 1 66  ? 7.789   12.038  1.200   1.00 12.82  ? 66  LEU A N   1 
ATOM   511  C  CA  . LEU A 1 66  ? 7.874   10.630  1.544   1.00 5.48   ? 66  LEU A CA  1 
ATOM   512  C  C   . LEU A 1 66  ? 6.928   9.838   0.743   1.00 11.67  ? 66  LEU A C   1 
ATOM   513  O  O   . LEU A 1 66  ? 7.301   8.761   0.264   1.00 7.20   ? 66  LEU A O   1 
ATOM   514  C  CB  . LEU A 1 66  ? 7.622   10.209  3.024   1.00 8.74   ? 66  LEU A CB  1 
ATOM   515  C  CG  . LEU A 1 66  ? 8.629   10.857  3.945   1.00 16.94  ? 66  LEU A CG  1 
ATOM   516  C  CD1 . LEU A 1 66  ? 8.059   10.841  5.362   1.00 17.40  ? 66  LEU A CD1 1 
ATOM   517  C  CD2 . LEU A 1 66  ? 9.991   10.116  3.833   1.00 9.41   ? 66  LEU A CD2 1 
ATOM   518  N  N   . PHE A 1 67  ? 5.729   10.384  0.580   1.00 4.80   ? 67  PHE A N   1 
ATOM   519  C  CA  . PHE A 1 67  ? 4.733   9.624   -0.171  1.00 1.56   ? 67  PHE A CA  1 
ATOM   520  C  C   . PHE A 1 67  ? 5.177   9.338   -1.626  1.00 10.71  ? 67  PHE A C   1 
ATOM   521  O  O   . PHE A 1 67  ? 5.003   8.283   -2.284  1.00 9.47   ? 67  PHE A O   1 
ATOM   522  C  CB  . PHE A 1 67  ? 3.489   10.515  -0.192  1.00 4.67   ? 67  PHE A CB  1 
ATOM   523  C  CG  . PHE A 1 67  ? 2.233   9.792   -0.695  1.00 5.37   ? 67  PHE A CG  1 
ATOM   524  C  CD1 . PHE A 1 67  ? 2.012   8.426   -0.504  1.00 12.92  ? 67  PHE A CD1 1 
ATOM   525  C  CD2 . PHE A 1 67  ? 1.225   10.529  -1.302  1.00 6.99   ? 67  PHE A CD2 1 
ATOM   526  C  CE1 . PHE A 1 67  ? 0.828   7.841   -0.941  1.00 5.96   ? 67  PHE A CE1 1 
ATOM   527  C  CE2 . PHE A 1 67  ? 0.006   9.997   -1.710  1.00 7.96   ? 67  PHE A CE2 1 
ATOM   528  C  CZ  . PHE A 1 67  ? -0.146  8.620   -1.564  1.00 7.40   ? 67  PHE A CZ  1 
ATOM   529  N  N   . ASN A 1 68  ? 5.794   10.333  -2.219  1.00 14.49  ? 68  ASN A N   1 
ATOM   530  C  CA  . ASN A 1 68  ? 6.267   10.197  -3.607  1.00 14.46  ? 68  ASN A CA  1 
ATOM   531  C  C   . ASN A 1 68  ? 7.325   9.123   -3.717  1.00 13.58  ? 68  ASN A C   1 
ATOM   532  O  O   . ASN A 1 68  ? 7.353   8.263   -4.608  1.00 10.08  ? 68  ASN A O   1 
ATOM   533  C  CB  . ASN A 1 68  ? 6.847   11.554  -4.152  1.00 16.01  ? 68  ASN A CB  1 
ATOM   534  C  CG  . ASN A 1 68  ? 5.760   12.554  -4.547  1.00 15.66  ? 68  ASN A CG  1 
ATOM   535  O  OD1 . ASN A 1 68  ? 4.691   12.124  -5.028  1.00 19.95  ? 68  ASN A OD1 1 
ATOM   536  N  ND2 . ASN A 1 68  ? 5.969   13.871  -4.283  1.00 20.84  ? 68  ASN A ND2 1 
ATOM   537  N  N   . GLN A 1 69  ? 8.261   9.236   -2.818  1.00 1.00   ? 69  GLN A N   1 
ATOM   538  C  CA  . GLN A 1 69  ? 9.268   8.225   -2.837  1.00 3.96   ? 69  GLN A CA  1 
ATOM   539  C  C   . GLN A 1 69  ? 8.692   6.846   -2.609  1.00 3.80   ? 69  GLN A C   1 
ATOM   540  O  O   . GLN A 1 69  ? 9.184   5.899   -3.151  1.00 8.68   ? 69  GLN A O   1 
ATOM   541  C  CB  . GLN A 1 69  ? 10.255  8.446   -1.703  1.00 3.36   ? 69  GLN A CB  1 
ATOM   542  C  CG  . GLN A 1 69  ? 11.024  9.742   -1.958  1.00 5.15   ? 69  GLN A CG  1 
ATOM   543  C  CD  . GLN A 1 69  ? 11.927  10.156  -0.757  1.00 15.32  ? 69  GLN A CD  1 
ATOM   544  O  OE1 . GLN A 1 69  ? 12.736  11.097  -0.844  1.00 13.38  ? 69  GLN A OE1 1 
ATOM   545  N  NE2 . GLN A 1 69  ? 11.799  9.485   0.383   1.00 11.99  ? 69  GLN A NE2 1 
ATOM   546  N  N   . ASP A 1 70  ? 7.707   6.718   -1.756  1.00 8.92   ? 70  ASP A N   1 
ATOM   547  C  CA  . ASP A 1 70  ? 7.143   5.424   -1.416  1.00 9.04   ? 70  ASP A CA  1 
ATOM   548  C  C   . ASP A 1 70  ? 6.318   4.876   -2.562  1.00 14.74  ? 70  ASP A C   1 
ATOM   549  O  O   . ASP A 1 70  ? 6.312   3.678   -2.709  1.00 6.60   ? 70  ASP A O   1 
ATOM   550  C  CB  . ASP A 1 70  ? 6.269   5.335   -0.113  1.00 12.29  ? 70  ASP A CB  1 
ATOM   551  C  CG  . ASP A 1 70  ? 7.040   5.577   1.141   1.00 6.91   ? 70  ASP A CG  1 
ATOM   552  O  OD1 . ASP A 1 70  ? 8.255   5.467   1.171   1.00 14.47  ? 70  ASP A OD1 1 
ATOM   553  O  OD2 . ASP A 1 70  ? 6.324   6.133   2.078   1.00 7.57   ? 70  ASP A OD2 1 
ATOM   554  N  N   . VAL A 1 71  ? 5.674   5.722   -3.351  1.00 6.58   ? 71  VAL A N   1 
ATOM   555  C  CA  . VAL A 1 71  ? 4.897   5.186   -4.448  1.00 14.64  ? 71  VAL A CA  1 
ATOM   556  C  C   . VAL A 1 71  ? 5.848   4.645   -5.499  1.00 9.83   ? 71  VAL A C   1 
ATOM   557  O  O   . VAL A 1 71  ? 5.758   3.538   -6.078  1.00 8.59   ? 71  VAL A O   1 
ATOM   558  C  CB  . VAL A 1 71  ? 3.874   6.210   -4.975  1.00 9.57   ? 71  VAL A CB  1 
ATOM   559  C  CG1 . VAL A 1 71  ? 3.219   5.726   -6.300  1.00 7.93   ? 71  VAL A CG1 1 
ATOM   560  C  CG2 . VAL A 1 71  ? 2.786   6.429   -3.929  1.00 3.30   ? 71  VAL A CG2 1 
ATOM   561  N  N   . ASP A 1 72  ? 6.813   5.482   -5.714  1.00 1.79   ? 72  ASP A N   1 
ATOM   562  C  CA  . ASP A 1 72  ? 7.815   5.087   -6.622  1.00 3.34   ? 72  ASP A CA  1 
ATOM   563  C  C   . ASP A 1 72  ? 8.477   3.758   -6.309  1.00 15.84  ? 72  ASP A C   1 
ATOM   564  O  O   . ASP A 1 72  ? 8.573   2.827   -7.133  1.00 12.16  ? 72  ASP A O   1 
ATOM   565  C  CB  . ASP A 1 72  ? 8.831   6.220   -6.650  1.00 11.63  ? 72  ASP A CB  1 
ATOM   566  C  CG  . ASP A 1 72  ? 9.344   6.269   -8.020  1.00 40.66  ? 72  ASP A CG  1 
ATOM   567  O  OD1 . ASP A 1 72  ? 8.587   6.257   -8.961  1.00 94.33  ? 72  ASP A OD1 1 
ATOM   568  O  OD2 . ASP A 1 72  ? 10.614  6.151   -8.063  1.00 20.81  ? 72  ASP A OD2 1 
ATOM   569  N  N   . ALA A 1 73  ? 8.900   3.617   -5.066  1.00 7.46   ? 73  ALA A N   1 
ATOM   570  C  CA  . ALA A 1 73  ? 9.553   2.384   -4.669  1.00 15.76  ? 73  ALA A CA  1 
ATOM   571  C  C   . ALA A 1 73  ? 8.645   1.194   -4.857  1.00 19.99  ? 73  ALA A C   1 
ATOM   572  O  O   . ALA A 1 73  ? 9.035   0.112   -5.287  1.00 20.02  ? 73  ALA A O   1 
ATOM   573  C  CB  . ALA A 1 73  ? 10.102  2.420   -3.245  1.00 13.87  ? 73  ALA A CB  1 
ATOM   574  N  N   . ALA A 1 74  ? 7.399   1.369   -4.505  1.00 14.77  ? 74  ALA A N   1 
ATOM   575  C  CA  . ALA A 1 74  ? 6.469   0.236   -4.678  1.00 15.98  ? 74  ALA A CA  1 
ATOM   576  C  C   . ALA A 1 74  ? 6.377   -0.278  -6.131  1.00 12.82  ? 74  ALA A C   1 
ATOM   577  O  O   . ALA A 1 74  ? 6.400   -1.494  -6.357  1.00 16.76  ? 74  ALA A O   1 
ATOM   578  C  CB  . ALA A 1 74  ? 5.049   0.505   -4.088  1.00 8.30   ? 74  ALA A CB  1 
ATOM   579  N  N   . VAL A 1 75  ? 6.200   0.671   -7.078  1.00 16.04  ? 75  VAL A N   1 
ATOM   580  C  CA  . VAL A 1 75  ? 6.069   0.310   -8.452  1.00 17.77  ? 75  VAL A CA  1 
ATOM   581  C  C   . VAL A 1 75  ? 7.299   -0.462  -8.914  1.00 18.24  ? 75  VAL A C   1 
ATOM   582  O  O   . VAL A 1 75  ? 7.159   -1.572  -9.548  1.00 15.25  ? 75  VAL A O   1 
ATOM   583  C  CB  . VAL A 1 75  ? 5.929   1.562   -9.325  1.00 21.53  ? 75  VAL A CB  1 
ATOM   584  C  CG1 . VAL A 1 75  ? 5.485   1.104   -10.717 1.00 21.75  ? 75  VAL A CG1 1 
ATOM   585  C  CG2 . VAL A 1 75  ? 4.791   2.352   -8.772  1.00 19.78  ? 75  VAL A CG2 1 
ATOM   586  N  N   . ARG A 1 76  ? 8.437   0.163   -8.553  1.00 8.40   ? 76  ARG A N   1 
ATOM   587  C  CA  . ARG A 1 76  ? 9.719   -0.345  -8.932  1.00 18.08  ? 76  ARG A CA  1 
ATOM   588  C  C   . ARG A 1 76  ? 9.843   -1.759  -8.359  1.00 12.84  ? 76  ARG A C   1 
ATOM   589  O  O   . ARG A 1 76  ? 10.344  -2.700  -9.005  1.00 21.26  ? 76  ARG A O   1 
ATOM   590  C  CB  . ARG A 1 76  ? 10.862  0.693   -8.644  1.00 9.79   ? 76  ARG A CB  1 
ATOM   591  C  CG  . ARG A 1 76  ? 10.965  1.769   -9.693  1.00 28.28  ? 76  ARG A CG  1 
ATOM   592  C  CD  . ARG A 1 76  ? 12.058  2.841   -9.467  1.00 60.05  ? 76  ARG A CD  1 
ATOM   593  N  NE  . ARG A 1 76  ? 12.971  2.945   -10.566 1.00 100.00 ? 76  ARG A NE  1 
ATOM   594  C  CZ  . ARG A 1 76  ? 13.853  2.032   -11.139 1.00 57.19  ? 76  ARG A CZ  1 
ATOM   595  N  NH1 . ARG A 1 76  ? 14.022  0.779   -10.821 1.00 100.00 ? 76  ARG A NH1 1 
ATOM   596  N  NH2 . ARG A 1 76  ? 14.528  2.387   -12.248 1.00 74.72  ? 76  ARG A NH2 1 
ATOM   597  N  N   . GLY A 1 77  ? 9.426   -1.918  -7.087  1.00 1.00   ? 77  GLY A N   1 
ATOM   598  C  CA  . GLY A 1 77  ? 9.475   -3.184  -6.472  1.00 11.07  ? 77  GLY A CA  1 
ATOM   599  C  C   . GLY A 1 77  ? 8.686   -4.175  -7.306  1.00 28.28  ? 77  GLY A C   1 
ATOM   600  O  O   . GLY A 1 77  ? 9.057   -5.318  -7.542  1.00 20.85  ? 77  GLY A O   1 
ATOM   601  N  N   . ILE A 1 78  ? 7.542   -3.738  -7.742  1.00 9.15   ? 78  ILE A N   1 
ATOM   602  C  CA  . ILE A 1 78  ? 6.746   -4.655  -8.551  1.00 8.00   ? 78  ILE A CA  1 
ATOM   603  C  C   . ILE A 1 78  ? 7.470   -5.077  -9.806  1.00 24.21  ? 78  ILE A C   1 
ATOM   604  O  O   . ILE A 1 78  ? 7.533   -6.265  -10.216 1.00 19.13  ? 78  ILE A O   1 
ATOM   605  C  CB  . ILE A 1 78  ? 5.435   -3.932  -9.026  1.00 9.10   ? 78  ILE A CB  1 
ATOM   606  C  CG1 . ILE A 1 78  ? 4.485   -4.038  -7.846  1.00 8.29   ? 78  ILE A CG1 1 
ATOM   607  C  CG2 . ILE A 1 78  ? 4.775   -4.750  -10.176 1.00 5.82   ? 78  ILE A CG2 1 
ATOM   608  C  CD1 . ILE A 1 78  ? 3.214   -3.194  -7.900  1.00 14.12  ? 78  ILE A CD1 1 
ATOM   609  N  N   . LEU A 1 79  ? 8.031   -4.038  -10.444 1.00 13.39  ? 79  LEU A N   1 
ATOM   610  C  CA  . LEU A 1 79  ? 8.642   -4.331  -11.719 1.00 10.58  ? 79  LEU A CA  1 
ATOM   611  C  C   . LEU A 1 79  ? 9.850   -5.199  -11.607 1.00 22.81  ? 79  LEU A C   1 
ATOM   612  O  O   . LEU A 1 79  ? 10.225  -5.877  -12.545 1.00 28.72  ? 79  LEU A O   1 
ATOM   613  C  CB  . LEU A 1 79  ? 8.940   -3.083  -12.554 1.00 12.26  ? 79  LEU A CB  1 
ATOM   614  C  CG  . LEU A 1 79  ? 7.717   -2.241  -12.829 1.00 16.86  ? 79  LEU A CG  1 
ATOM   615  C  CD1 . LEU A 1 79  ? 8.310   -0.963  -13.354 1.00 18.16  ? 79  LEU A CD1 1 
ATOM   616  C  CD2 . LEU A 1 79  ? 6.758   -2.813  -13.865 1.00 17.54  ? 79  LEU A CD2 1 
ATOM   617  N  N   . ARG A 1 80  ? 10.496  -5.148  -10.468 1.00 19.27  ? 80  ARG A N   1 
ATOM   618  C  CA  . ARG A 1 80  ? 11.694  -5.950  -10.308 1.00 22.86  ? 80  ARG A CA  1 
ATOM   619  C  C   . ARG A 1 80  ? 11.376  -7.346  -9.853  1.00 26.75  ? 80  ARG A C   1 
ATOM   620  O  O   . ARG A 1 80  ? 12.255  -8.168  -9.800  1.00 28.86  ? 80  ARG A O   1 
ATOM   621  C  CB  . ARG A 1 80  ? 12.634  -5.360  -9.277  1.00 17.74  ? 80  ARG A CB  1 
ATOM   622  C  CG  . ARG A 1 80  ? 13.227  -4.030  -9.736  1.00 41.51  ? 80  ARG A CG  1 
ATOM   623  C  CD  . ARG A 1 80  ? 14.496  -3.645  -8.969  1.00 100.00 ? 80  ARG A CD  1 
ATOM   624  N  NE  . ARG A 1 80  ? 14.305  -2.572  -7.982  1.00 100.00 ? 80  ARG A NE  1 
ATOM   625  C  CZ  . ARG A 1 80  ? 13.767  -2.706  -6.752  1.00 100.00 ? 80  ARG A CZ  1 
ATOM   626  N  NH1 . ARG A 1 80  ? 13.330  -3.873  -6.241  1.00 100.00 ? 80  ARG A NH1 1 
ATOM   627  N  NH2 . ARG A 1 80  ? 13.667  -1.606  -6.000  1.00 100.00 ? 80  ARG A NH2 1 
ATOM   628  N  N   . ASN A 1 81  ? 10.161  -7.590  -9.454  1.00 12.87  ? 81  ASN A N   1 
ATOM   629  C  CA  . ASN A 1 81  ? 9.811   -8.924  -9.014  1.00 12.73  ? 81  ASN A CA  1 
ATOM   630  C  C   . ASN A 1 81  ? 9.373   -9.786  -10.216 1.00 29.21  ? 81  ASN A C   1 
ATOM   631  O  O   . ASN A 1 81  ? 8.509   -9.412  -11.014 1.00 29.58  ? 81  ASN A O   1 
ATOM   632  C  CB  . ASN A 1 81  ? 8.648   -8.864  -8.029  1.00 20.89  ? 81  ASN A CB  1 
ATOM   633  C  CG  . ASN A 1 81  ? 8.554   -10.160 -7.264  1.00 21.71  ? 81  ASN A CG  1 
ATOM   634  O  OD1 . ASN A 1 81  ? 8.486   -11.271 -7.838  1.00 28.10  ? 81  ASN A OD1 1 
ATOM   635  N  ND2 . ASN A 1 81  ? 8.654   -9.994  -5.965  1.00 26.17  ? 81  ASN A ND2 1 
ATOM   636  N  N   . ALA A 1 82  ? 9.953   -10.974 -10.361 1.00 32.32  ? 82  ALA A N   1 
ATOM   637  C  CA  . ALA A 1 82  ? 9.607   -11.869 -11.465 1.00 32.42  ? 82  ALA A CA  1 
ATOM   638  C  C   . ALA A 1 82  ? 8.248   -12.559 -11.349 1.00 25.17  ? 82  ALA A C   1 
ATOM   639  O  O   . ALA A 1 82  ? 7.648   -12.967 -12.330 1.00 40.28  ? 82  ALA A O   1 
ATOM   640  C  CB  . ALA A 1 82  ? 10.716  -12.870 -11.710 1.00 36.47  ? 82  ALA A CB  1 
ATOM   641  N  N   . LYS A 1 83  ? 7.735   -12.695 -10.157 1.00 24.86  ? 83  LYS A N   1 
ATOM   642  C  CA  . LYS A 1 83  ? 6.422   -13.287 -10.025 1.00 35.97  ? 83  LYS A CA  1 
ATOM   643  C  C   . LYS A 1 83  ? 5.348   -12.186 -10.225 1.00 38.40  ? 83  LYS A C   1 
ATOM   644  O  O   . LYS A 1 83  ? 4.254   -12.395 -10.744 1.00 27.68  ? 83  LYS A O   1 
ATOM   645  C  CB  . LYS A 1 83  ? 6.342   -13.929 -8.648  1.00 41.67  ? 83  LYS A CB  1 
ATOM   646  C  CG  . LYS A 1 83  ? 6.026   -15.415 -8.688  1.00 100.00 ? 83  LYS A CG  1 
ATOM   647  C  CD  . LYS A 1 83  ? 7.179   -16.260 -9.212  1.00 100.00 ? 83  LYS A CD  1 
ATOM   648  C  CE  . LYS A 1 83  ? 6.873   -17.039 -10.497 1.00 100.00 ? 83  LYS A CE  1 
ATOM   649  N  NZ  . LYS A 1 83  ? 5.465   -17.508 -10.660 1.00 100.00 ? 83  LYS A NZ  1 
ATOM   650  N  N   . LEU A 1 84  ? 5.702   -10.964 -9.830  1.00 18.71  ? 84  LEU A N   1 
ATOM   651  C  CA  . LEU A 1 84  ? 4.794   -9.854  -9.945  1.00 12.31  ? 84  LEU A CA  1 
ATOM   652  C  C   . LEU A 1 84  ? 4.664   -9.179  -11.310 1.00 12.82  ? 84  LEU A C   1 
ATOM   653  O  O   . LEU A 1 84  ? 3.570   -8.927  -11.811 1.00 11.01  ? 84  LEU A O   1 
ATOM   654  C  CB  . LEU A 1 84  ? 5.208   -8.830  -8.878  1.00 8.56   ? 84  LEU A CB  1 
ATOM   655  C  CG  . LEU A 1 84  ? 5.190   -9.470  -7.523  1.00 24.17  ? 84  LEU A CG  1 
ATOM   656  C  CD1 . LEU A 1 84  ? 5.399   -8.308  -6.552  1.00 25.06  ? 84  LEU A CD1 1 
ATOM   657  C  CD2 . LEU A 1 84  ? 3.835   -10.202 -7.327  1.00 19.82  ? 84  LEU A CD2 1 
ATOM   658  N  N   . LYS A 1 85  ? 5.818   -8.881  -11.865 1.00 11.65  ? 85  LYS A N   1 
ATOM   659  C  CA  . LYS A 1 85  ? 5.946   -8.172  -13.129 1.00 8.23   ? 85  LYS A CA  1 
ATOM   660  C  C   . LYS A 1 85  ? 5.007   -8.596  -14.215 1.00 1.00   ? 85  LYS A C   1 
ATOM   661  O  O   . LYS A 1 85  ? 4.274   -7.823  -14.805 1.00 10.67  ? 85  LYS A O   1 
ATOM   662  C  CB  . LYS A 1 85  ? 7.381   -7.985  -13.560 1.00 17.86  ? 85  LYS A CB  1 
ATOM   663  C  CG  . LYS A 1 85  ? 7.527   -6.817  -14.475 1.00 21.07  ? 85  LYS A CG  1 
ATOM   664  C  CD  . LYS A 1 85  ? 8.572   -7.072  -15.535 1.00 20.80  ? 85  LYS A CD  1 
ATOM   665  C  CE  . LYS A 1 85  ? 8.578   -5.935  -16.576 1.00 35.79  ? 85  LYS A CE  1 
ATOM   666  N  NZ  . LYS A 1 85  ? 8.452   -6.360  -17.982 1.00 100.00 ? 85  LYS A NZ  1 
ATOM   667  N  N   . PRO A 1 86  ? 5.022   -9.869  -14.470 1.00 13.99  ? 86  PRO A N   1 
ATOM   668  C  CA  . PRO A 1 86  ? 4.164   -10.387 -15.493 1.00 29.68  ? 86  PRO A CA  1 
ATOM   669  C  C   . PRO A 1 86  ? 2.661   -10.170 -15.217 1.00 21.11  ? 86  PRO A C   1 
ATOM   670  O  O   . PRO A 1 86  ? 1.900   -9.866  -16.119 1.00 14.80  ? 86  PRO A O   1 
ATOM   671  C  CB  . PRO A 1 86  ? 4.561   -11.857 -15.695 1.00 22.94  ? 86  PRO A CB  1 
ATOM   672  C  CG  . PRO A 1 86  ? 5.620   -12.138 -14.651 1.00 37.00  ? 86  PRO A CG  1 
ATOM   673  C  CD  . PRO A 1 86  ? 5.714   -10.929 -13.745 1.00 20.17  ? 86  PRO A CD  1 
ATOM   674  N  N   . VAL A 1 87  ? 2.226   -10.267 -13.991 1.00 11.31  ? 87  VAL A N   1 
ATOM   675  C  CA  . VAL A 1 87  ? 0.844   -10.043 -13.732 1.00 10.86  ? 87  VAL A CA  1 
ATOM   676  C  C   . VAL A 1 87  ? 0.489   -8.579  -13.879 1.00 5.49   ? 87  VAL A C   1 
ATOM   677  O  O   . VAL A 1 87  ? -0.532  -8.178  -14.439 1.00 10.06  ? 87  VAL A O   1 
ATOM   678  C  CB  . VAL A 1 87  ? 0.452   -10.625 -12.353 1.00 10.61  ? 87  VAL A CB  1 
ATOM   679  C  CG1 . VAL A 1 87  ? -1.066  -10.617 -12.262 1.00 7.51   ? 87  VAL A CG1 1 
ATOM   680  C  CG2 . VAL A 1 87  ? 1.027   -12.034 -12.177 1.00 9.41   ? 87  VAL A CG2 1 
ATOM   681  N  N   . TYR A 1 88  ? 1.325   -7.762  -13.262 1.00 5.61   ? 88  TYR A N   1 
ATOM   682  C  CA  . TYR A 1 88  ? 1.118   -6.361  -13.342 1.00 9.55   ? 88  TYR A CA  1 
ATOM   683  C  C   . TYR A 1 88  ? 0.968   -5.868  -14.783 1.00 6.92   ? 88  TYR A C   1 
ATOM   684  O  O   . TYR A 1 88  ? 0.059   -5.098  -15.156 1.00 8.89   ? 88  TYR A O   1 
ATOM   685  C  CB  . TYR A 1 88  ? 2.347   -5.759  -12.669 1.00 5.31   ? 88  TYR A CB  1 
ATOM   686  C  CG  . TYR A 1 88  ? 2.240   -4.247  -12.569 1.00 9.88   ? 88  TYR A CG  1 
ATOM   687  C  CD1 . TYR A 1 88  ? 1.469   -3.613  -11.589 1.00 3.41   ? 88  TYR A CD1 1 
ATOM   688  C  CD2 . TYR A 1 88  ? 2.827   -3.497  -13.592 1.00 12.24  ? 88  TYR A CD2 1 
ATOM   689  C  CE1 . TYR A 1 88  ? 1.400   -2.216  -11.592 1.00 12.64  ? 88  TYR A CE1 1 
ATOM   690  C  CE2 . TYR A 1 88  ? 2.743   -2.107  -13.623 1.00 13.84  ? 88  TYR A CE2 1 
ATOM   691  C  CZ  . TYR A 1 88  ? 2.029   -1.481  -12.599 1.00 16.17  ? 88  TYR A CZ  1 
ATOM   692  O  OH  . TYR A 1 88  ? 1.938   -0.127  -12.550 1.00 17.19  ? 88  TYR A OH  1 
ATOM   693  N  N   . ASP A 1 89  ? 1.875   -6.308  -15.631 1.00 12.86  ? 89  ASP A N   1 
ATOM   694  C  CA  . ASP A 1 89  ? 1.859   -5.877  -17.045 1.00 1.00   ? 89  ASP A CA  1 
ATOM   695  C  C   . ASP A 1 89  ? 0.707   -6.457  -17.773 1.00 11.82  ? 89  ASP A C   1 
ATOM   696  O  O   . ASP A 1 89  ? 0.382   -5.917  -18.808 1.00 14.07  ? 89  ASP A O   1 
ATOM   697  C  CB  . ASP A 1 89  ? 3.065   -6.347  -17.800 1.00 9.19   ? 89  ASP A CB  1 
ATOM   698  C  CG  . ASP A 1 89  ? 4.266   -5.527  -17.479 1.00 11.94  ? 89  ASP A CG  1 
ATOM   699  O  OD1 . ASP A 1 89  ? 4.154   -4.560  -16.772 1.00 22.18  ? 89  ASP A OD1 1 
ATOM   700  O  OD2 . ASP A 1 89  ? 5.366   -6.004  -17.977 1.00 17.51  ? 89  ASP A OD2 1 
ATOM   701  N  N   . SER A 1 90  ? 0.042   -7.474  -17.255 1.00 1.00   ? 90  SER A N   1 
ATOM   702  C  CA  . SER A 1 90  ? -1.117  -7.887  -17.981 1.00 6.34   ? 90  SER A CA  1 
ATOM   703  C  C   . SER A 1 90  ? -2.345  -7.052  -17.638 1.00 3.13   ? 90  SER A C   1 
ATOM   704  O  O   . SER A 1 90  ? -3.395  -7.189  -18.252 1.00 3.50   ? 90  SER A O   1 
ATOM   705  C  CB  . SER A 1 90  ? -1.473  -9.294  -17.616 1.00 12.85  ? 90  SER A CB  1 
ATOM   706  O  OG  . SER A 1 90  ? -1.857  -9.334  -16.264 1.00 9.89   ? 90  SER A OG  1 
ATOM   707  N  N   . LEU A 1 91  ? -2.297  -6.216  -16.626 1.00 1.99   ? 91  LEU A N   1 
ATOM   708  C  CA  . LEU A 1 91  ? -3.489  -5.472  -16.238 1.00 7.36   ? 91  LEU A CA  1 
ATOM   709  C  C   . LEU A 1 91  ? -3.656  -4.139  -16.891 1.00 13.09  ? 91  LEU A C   1 
ATOM   710  O  O   . LEU A 1 91  ? -2.647  -3.541  -17.314 1.00 12.88  ? 91  LEU A O   1 
ATOM   711  C  CB  . LEU A 1 91  ? -3.435  -5.130  -14.730 1.00 6.98   ? 91  LEU A CB  1 
ATOM   712  C  CG  . LEU A 1 91  ? -3.198  -6.354  -13.857 1.00 16.07  ? 91  LEU A CG  1 
ATOM   713  C  CD1 . LEU A 1 91  ? -2.520  -5.977  -12.549 1.00 19.88  ? 91  LEU A CD1 1 
ATOM   714  C  CD2 . LEU A 1 91  ? -4.557  -6.993  -13.624 1.00 10.52  ? 91  LEU A CD2 1 
ATOM   715  N  N   . ASP A 1 92  ? -4.924  -3.692  -16.890 1.00 4.38   ? 92  ASP A N   1 
ATOM   716  C  CA  . ASP A 1 92  ? -5.266  -2.385  -17.369 1.00 1.77   ? 92  ASP A CA  1 
ATOM   717  C  C   . ASP A 1 92  ? -4.827  -1.349  -16.364 1.00 7.77   ? 92  ASP A C   1 
ATOM   718  O  O   . ASP A 1 92  ? -4.358  -1.632  -15.266 1.00 7.15   ? 92  ASP A O   1 
ATOM   719  C  CB  . ASP A 1 92  ? -6.774  -2.243  -17.573 1.00 9.69   ? 92  ASP A CB  1 
ATOM   720  C  CG  . ASP A 1 92  ? -7.484  -2.560  -16.291 1.00 16.11  ? 92  ASP A CG  1 
ATOM   721  O  OD1 . ASP A 1 92  ? -7.874  -1.706  -15.503 1.00 8.07   ? 92  ASP A OD1 1 
ATOM   722  O  OD2 . ASP A 1 92  ? -7.642  -3.848  -16.127 1.00 10.69  ? 92  ASP A OD2 1 
ATOM   723  N  N   . ALA A 1 93  ? -5.002  -0.077  -16.668 1.00 7.66   ? 93  ALA A N   1 
ATOM   724  C  CA  . ALA A 1 93  ? -4.490  0.932   -15.756 1.00 6.51   ? 93  ALA A CA  1 
ATOM   725  C  C   . ALA A 1 93  ? -5.090  1.066   -14.381 1.00 16.89  ? 93  ALA A C   1 
ATOM   726  O  O   . ALA A 1 93  ? -4.350  1.379   -13.427 1.00 14.45  ? 93  ALA A O   1 
ATOM   727  C  CB  . ALA A 1 93  ? -4.337  2.278   -16.400 1.00 7.79   ? 93  ALA A CB  1 
ATOM   728  N  N   . VAL A 1 94  ? -6.400  0.841   -14.294 1.00 4.80   ? 94  VAL A N   1 
ATOM   729  C  CA  . VAL A 1 94  ? -7.051  0.961   -13.005 1.00 5.17   ? 94  VAL A CA  1 
ATOM   730  C  C   . VAL A 1 94  ? -6.589  -0.165  -12.084 1.00 7.48   ? 94  VAL A C   1 
ATOM   731  O  O   . VAL A 1 94  ? -6.187  0.049   -10.942 1.00 16.16  ? 94  VAL A O   1 
ATOM   732  C  CB  . VAL A 1 94  ? -8.578  0.969   -13.211 1.00 11.54  ? 94  VAL A CB  1 
ATOM   733  C  CG1 . VAL A 1 94  ? -9.330  1.187   -11.893 1.00 4.25   ? 94  VAL A CG1 1 
ATOM   734  C  CG2 . VAL A 1 94  ? -8.822  2.200   -14.014 1.00 5.40   ? 94  VAL A CG2 1 
ATOM   735  N  N   . ARG A 1 95  ? -6.673  -1.380  -12.626 1.00 13.06  ? 95  ARG A N   1 
ATOM   736  C  CA  . ARG A 1 95  ? -6.288  -2.509  -11.793 1.00 7.01   ? 95  ARG A CA  1 
ATOM   737  C  C   . ARG A 1 95  ? -4.837  -2.443  -11.372 1.00 1.00   ? 95  ARG A C   1 
ATOM   738  O  O   . ARG A 1 95  ? -4.428  -3.000  -10.347 1.00 9.77   ? 95  ARG A O   1 
ATOM   739  C  CB  . ARG A 1 95  ? -6.641  -3.839  -12.467 1.00 8.31   ? 95  ARG A CB  1 
ATOM   740  C  CG  . ARG A 1 95  ? -8.122  -4.012  -12.757 1.00 4.18   ? 95  ARG A CG  1 
ATOM   741  C  CD  . ARG A 1 95  ? -8.407  -5.473  -13.154 1.00 5.62   ? 95  ARG A CD  1 
ATOM   742  N  NE  . ARG A 1 95  ? -9.821  -5.807  -13.210 1.00 7.95   ? 95  ARG A NE  1 
ATOM   743  C  CZ  . ARG A 1 95  ? -10.655 -5.449  -14.206 1.00 14.45  ? 95  ARG A CZ  1 
ATOM   744  N  NH1 . ARG A 1 95  ? -10.229 -4.697  -15.203 1.00 8.69   ? 95  ARG A NH1 1 
ATOM   745  N  NH2 . ARG A 1 95  ? -11.941 -5.871  -14.195 1.00 5.55   ? 95  ARG A NH2 1 
ATOM   746  N  N   . ARG A 1 96  ? -4.025  -1.765  -12.170 1.00 8.11   ? 96  ARG A N   1 
ATOM   747  C  CA  . ARG A 1 96  ? -2.634  -1.684  -11.780 1.00 10.06  ? 96  ARG A CA  1 
ATOM   748  C  C   . ARG A 1 96  ? -2.535  -0.837  -10.527 1.00 5.00   ? 96  ARG A C   1 
ATOM   749  O  O   . ARG A 1 96  ? -1.614  -1.057  -9.753  1.00 12.72  ? 96  ARG A O   1 
ATOM   750  C  CB  . ARG A 1 96  ? -1.690  -1.021  -12.767 1.00 9.35   ? 96  ARG A CB  1 
ATOM   751  C  CG  . ARG A 1 96  ? -1.325  -1.937  -13.915 1.00 8.68   ? 96  ARG A CG  1 
ATOM   752  C  CD  . ARG A 1 96  ? -0.715  -1.209  -15.104 1.00 13.92  ? 96  ARG A CD  1 
ATOM   753  N  NE  . ARG A 1 96  ? -0.577  -2.144  -16.226 1.00 20.33  ? 96  ARG A NE  1 
ATOM   754  C  CZ  . ARG A 1 96  ? 0.223   -1.908  -17.253 1.00 42.39  ? 96  ARG A CZ  1 
ATOM   755  N  NH1 . ARG A 1 96  ? 0.958   -0.799  -17.300 1.00 26.83  ? 96  ARG A NH1 1 
ATOM   756  N  NH2 . ARG A 1 96  ? 0.323   -2.833  -18.236 1.00 11.59  ? 96  ARG A NH2 1 
ATOM   757  N  N   . CYS A 1 97  ? -3.487  0.051   -10.363 1.00 5.86   ? 97  CYS A N   1 
ATOM   758  C  CA  . CYS A 1 97  ? -3.496  0.930   -9.171  1.00 8.71   ? 97  CYS A CA  1 
ATOM   759  C  C   . CYS A 1 97  ? -3.851  0.130   -7.941  1.00 5.40   ? 97  CYS A C   1 
ATOM   760  O  O   . CYS A 1 97  ? -3.328  0.383   -6.813  1.00 2.57   ? 97  CYS A O   1 
ATOM   761  C  CB  . CYS A 1 97  ? -4.529  2.050   -9.334  1.00 8.54   ? 97  CYS A CB  1 
ATOM   762  S  SG  . CYS A 1 97  ? -3.873  3.369   -10.403 1.00 14.29  ? 97  CYS A SG  1 
ATOM   763  N  N   . ALA A 1 98  ? -4.743  -0.812  -8.164  1.00 6.49   ? 98  ALA A N   1 
ATOM   764  C  CA  . ALA A 1 98  ? -5.127  -1.724  -7.055  1.00 6.01   ? 98  ALA A CA  1 
ATOM   765  C  C   . ALA A 1 98  ? -3.896  -2.602  -6.676  1.00 16.21  ? 98  ALA A C   1 
ATOM   766  O  O   . ALA A 1 98  ? -3.651  -2.956  -5.503  1.00 11.54  ? 98  ALA A O   1 
ATOM   767  C  CB  . ALA A 1 98  ? -6.235  -2.700  -7.464  1.00 8.50   ? 98  ALA A CB  1 
ATOM   768  N  N   . ALA A 1 99  ? -3.023  -2.916  -7.641  1.00 6.61   ? 99  ALA A N   1 
ATOM   769  C  CA  . ALA A 1 99  ? -1.884  -3.745  -7.298  1.00 2.13   ? 99  ALA A CA  1 
ATOM   770  C  C   . ALA A 1 99  ? -0.864  -2.940  -6.554  1.00 1.00   ? 99  ALA A C   1 
ATOM   771  O  O   . ALA A 1 99  ? -0.300  -3.445  -5.602  1.00 8.81   ? 99  ALA A O   1 
ATOM   772  C  CB  . ALA A 1 99  ? -1.201  -4.431  -8.524  1.00 11.51  ? 99  ALA A CB  1 
ATOM   773  N  N   . ILE A 1 100 ? -0.648  -1.716  -6.995  1.00 2.44   ? 100 ILE A N   1 
ATOM   774  C  CA  . ILE A 1 100 ? 0.272   -0.895  -6.286  1.00 5.52   ? 100 ILE A CA  1 
ATOM   775  C  C   . ILE A 1 100 ? -0.206  -0.670  -4.845  1.00 8.94   ? 100 ILE A C   1 
ATOM   776  O  O   . ILE A 1 100 ? 0.588   -0.639  -3.908  1.00 12.47  ? 100 ILE A O   1 
ATOM   777  C  CB  . ILE A 1 100 ? 0.482   0.400   -7.035  1.00 5.19   ? 100 ILE A CB  1 
ATOM   778  C  CG1 . ILE A 1 100 ? 1.071   0.097   -8.421  1.00 4.66   ? 100 ILE A CG1 1 
ATOM   779  C  CG2 . ILE A 1 100 ? 1.291   1.429   -6.208  1.00 7.84   ? 100 ILE A CG2 1 
ATOM   780  C  CD1 . ILE A 1 100 ? 1.017   1.305   -9.331  1.00 1.75   ? 100 ILE A CD1 1 
ATOM   781  N  N   . ASN A 1 101 ? -1.506  -0.470  -4.663  1.00 10.88  ? 101 ASN A N   1 
ATOM   782  C  CA  . ASN A 1 101 ? -2.061  -0.245  -3.322  1.00 3.72   ? 101 ASN A CA  1 
ATOM   783  C  C   . ASN A 1 101 ? -1.741  -1.379  -2.365  1.00 2.55   ? 101 ASN A C   1 
ATOM   784  O  O   . ASN A 1 101 ? -1.367  -1.125  -1.245  1.00 6.61   ? 101 ASN A O   1 
ATOM   785  C  CB  . ASN A 1 101 ? -3.626  -0.180  -3.385  1.00 16.36  ? 101 ASN A CB  1 
ATOM   786  C  CG  . ASN A 1 101 ? -4.332  0.487   -2.182  1.00 9.66   ? 101 ASN A CG  1 
ATOM   787  O  OD1 . ASN A 1 101 ? -4.158  0.084   -1.062  1.00 11.68  ? 101 ASN A OD1 1 
ATOM   788  N  ND2 . ASN A 1 101 ? -5.109  1.546   -2.351  1.00 1.85   ? 101 ASN A ND2 1 
ATOM   789  N  N   . GLN A 1 102 ? -1.972  -2.627  -2.782  1.00 1.76   ? 102 GLN A N   1 
ATOM   790  C  CA  . GLN A 1 102 ? -1.668  -3.772  -1.981  1.00 8.85   ? 102 GLN A CA  1 
ATOM   791  C  C   . GLN A 1 102 ? -0.195  -3.813  -1.650  1.00 12.67  ? 102 GLN A C   1 
ATOM   792  O  O   . GLN A 1 102 ? 0.169   -4.151  -0.544  1.00 7.84   ? 102 GLN A O   1 
ATOM   793  C  CB  . GLN A 1 102 ? -1.867  -5.079  -2.753  1.00 15.57  ? 102 GLN A CB  1 
ATOM   794  C  CG  . GLN A 1 102 ? -3.145  -5.788  -2.381  1.00 18.51  ? 102 GLN A CG  1 
ATOM   795  C  CD  . GLN A 1 102 ? -3.276  -7.208  -2.923  1.00 22.34  ? 102 GLN A CD  1 
ATOM   796  O  OE1 . GLN A 1 102 ? -3.028  -7.486  -4.090  1.00 14.98  ? 102 GLN A OE1 1 
ATOM   797  N  NE2 . GLN A 1 102 ? -3.748  -8.119  -2.110  1.00 33.76  ? 102 GLN A NE2 1 
ATOM   798  N  N   . VAL A 1 103 ? 0.671   -3.552  -2.654  1.00 9.01   ? 103 VAL A N   1 
ATOM   799  C  CA  . VAL A 1 103 ? 2.105   -3.616  -2.384  1.00 7.17   ? 103 VAL A CA  1 
ATOM   800  C  C   . VAL A 1 103 ? 2.477   -2.541  -1.423  1.00 13.38  ? 103 VAL A C   1 
ATOM   801  O  O   . VAL A 1 103 ? 3.269   -2.769  -0.535  1.00 20.85  ? 103 VAL A O   1 
ATOM   802  C  CB  . VAL A 1 103 ? 3.001   -3.464  -3.627  1.00 8.95   ? 103 VAL A CB  1 
ATOM   803  C  CG1 . VAL A 1 103 ? 4.458   -3.428  -3.177  1.00 14.60  ? 103 VAL A CG1 1 
ATOM   804  C  CG2 . VAL A 1 103 ? 2.996   -4.754  -4.391  1.00 16.03  ? 103 VAL A CG2 1 
ATOM   805  N  N   . PHE A 1 104 ? 1.889   -1.363  -1.586  1.00 4.31   ? 104 PHE A N   1 
ATOM   806  C  CA  . PHE A 1 104 ? 2.209   -0.252  -0.663  1.00 10.57  ? 104 PHE A CA  1 
ATOM   807  C  C   . PHE A 1 104 ? 1.834   -0.601  0.764   1.00 11.13  ? 104 PHE A C   1 
ATOM   808  O  O   . PHE A 1 104 ? 2.554   -0.382  1.733   1.00 19.49  ? 104 PHE A O   1 
ATOM   809  C  CB  . PHE A 1 104 ? 1.302   0.924   -1.040  1.00 10.07  ? 104 PHE A CB  1 
ATOM   810  C  CG  . PHE A 1 104 ? 1.690   2.194   -0.346  1.00 4.21   ? 104 PHE A CG  1 
ATOM   811  C  CD1 . PHE A 1 104 ? 2.569   3.148   -0.871  1.00 12.01  ? 104 PHE A CD1 1 
ATOM   812  C  CD2 . PHE A 1 104 ? 0.997   2.523   0.807   1.00 4.50   ? 104 PHE A CD2 1 
ATOM   813  C  CE1 . PHE A 1 104 ? 2.850   4.340   -0.201  1.00 10.03  ? 104 PHE A CE1 1 
ATOM   814  C  CE2 . PHE A 1 104 ? 1.311   3.695   1.501   1.00 19.23  ? 104 PHE A CE2 1 
ATOM   815  C  CZ  . PHE A 1 104 ? 2.224   4.630   1.014   1.00 10.99  ? 104 PHE A CZ  1 
ATOM   816  N  N   . GLN A 1 105 ? 0.690   -1.246  0.932   1.00 11.45  ? 105 GLN A N   1 
ATOM   817  C  CA  . GLN A 1 105 ? 0.236   -1.613  2.276   1.00 17.11  ? 105 GLN A CA  1 
ATOM   818  C  C   . GLN A 1 105 ? 0.931   -2.807  2.868   1.00 24.35  ? 105 GLN A C   1 
ATOM   819  O  O   . GLN A 1 105 ? 1.166   -2.821  4.058   1.00 10.59  ? 105 GLN A O   1 
ATOM   820  C  CB  . GLN A 1 105 ? -1.260  -2.029  2.263   1.00 19.31  ? 105 GLN A CB  1 
ATOM   821  C  CG  . GLN A 1 105 ? -1.908  -2.071  3.664   1.00 9.45   ? 105 GLN A CG  1 
ATOM   822  C  CD  . GLN A 1 105 ? -3.311  -2.729  3.680   1.00 11.01  ? 105 GLN A CD  1 
ATOM   823  O  OE1 . GLN A 1 105 ? -3.936  -2.886  2.649   1.00 15.70  ? 105 GLN A OE1 1 
ATOM   824  N  NE2 . GLN A 1 105 ? -3.866  -3.056  4.849   1.00 5.85   ? 105 GLN A NE2 1 
ATOM   825  N  N   . MET A 1 106 ? 1.193   -3.842  2.064   1.00 17.64  ? 106 MET A N   1 
ATOM   826  C  CA  . MET A 1 106 ? 1.751   -5.058  2.620   1.00 12.67  ? 106 MET A CA  1 
ATOM   827  C  C   . MET A 1 106 ? 3.152   -5.479  2.239   1.00 19.03  ? 106 MET A C   1 
ATOM   828  O  O   . MET A 1 106 ? 3.609   -6.491  2.747   1.00 24.84  ? 106 MET A O   1 
ATOM   829  C  CB  . MET A 1 106 ? 0.735   -6.257  2.672   1.00 10.86  ? 106 MET A CB  1 
ATOM   830  C  CG  . MET A 1 106 ? 0.254   -6.948  1.408   1.00 15.98  ? 106 MET A CG  1 
ATOM   831  S  SD  . MET A 1 106 ? -1.368  -7.761  1.653   1.00 26.65  ? 106 MET A SD  1 
ATOM   832  C  CE  . MET A 1 106 ? -1.481  -8.697  0.127   1.00 42.34  ? 106 MET A CE  1 
ATOM   833  N  N   . GLY A 1 107 ? 3.876   -4.770  1.390   1.00 12.72  ? 107 GLY A N   1 
ATOM   834  C  CA  . GLY A 1 107 ? 5.196   -5.296  1.070   1.00 12.84  ? 107 GLY A CA  1 
ATOM   835  C  C   . GLY A 1 107 ? 5.056   -6.343  -0.017  1.00 23.75  ? 107 GLY A C   1 
ATOM   836  O  O   . GLY A 1 107 ? 4.009   -7.053  -0.091  1.00 22.13  ? 107 GLY A O   1 
ATOM   837  N  N   . GLU A 1 108 ? 6.135   -6.391  -0.814  1.00 31.03  ? 108 GLU A N   1 
ATOM   838  C  CA  . GLU A 1 108 ? 6.276   -7.205  -2.039  1.00 52.14  ? 108 GLU A CA  1 
ATOM   839  C  C   . GLU A 1 108 ? 6.251   -8.669  -1.745  1.00 58.13  ? 108 GLU A C   1 
ATOM   840  O  O   . GLU A 1 108 ? 5.927   -9.564  -2.527  1.00 47.94  ? 108 GLU A O   1 
ATOM   841  C  CB  . GLU A 1 108 ? 7.226   -6.646  -3.148  1.00 49.02  ? 108 GLU A CB  1 
ATOM   842  C  CG  . GLU A 1 108 ? 8.461   -7.461  -3.543  1.00 52.04  ? 108 GLU A CG  1 
ATOM   843  C  CD  . GLU A 1 108 ? 9.525   -6.531  -4.036  1.00 81.26  ? 108 GLU A CD  1 
ATOM   844  O  OE1 . GLU A 1 108 ? 9.889   -5.567  -3.382  1.00 100.00 ? 108 GLU A OE1 1 
ATOM   845  O  OE2 . GLU A 1 108 ? 9.958   -6.850  -5.225  1.00 98.96  ? 108 GLU A OE2 1 
ATOM   846  N  N   . THR A 1 109 ? 6.557   -8.814  -0.490  1.00 58.44  ? 109 THR A N   1 
ATOM   847  C  CA  . THR A 1 109 ? 6.617   -10.070 0.169   1.00 62.21  ? 109 THR A CA  1 
ATOM   848  C  C   . THR A 1 109 ? 5.188   -10.576 0.309   1.00 84.41  ? 109 THR A C   1 
ATOM   849  O  O   . THR A 1 109 ? 4.771   -11.518 -0.370  1.00 96.76  ? 109 THR A O   1 
ATOM   850  C  CB  . THR A 1 109 ? 7.278   -9.772  1.524   1.00 93.41  ? 109 THR A CB  1 
ATOM   851  O  OG1 . THR A 1 109 ? 7.185   -8.373  1.786   1.00 92.18  ? 109 THR A OG1 1 
ATOM   852  C  CG2 . THR A 1 109 ? 8.748   -10.164 1.427   1.00 100.00 ? 109 THR A CG2 1 
ATOM   853  N  N   . GLY A 1 110 ? 4.515   -9.938  1.281   1.00 64.88  ? 110 GLY A N   1 
ATOM   854  C  CA  . GLY A 1 110 ? 3.121   -10.157 1.629   1.00 49.95  ? 110 GLY A CA  1 
ATOM   855  C  C   . GLY A 1 110 ? 2.337   -10.430 0.376   1.00 45.58  ? 110 GLY A C   1 
ATOM   856  O  O   . GLY A 1 110 ? 1.566   -11.350 0.360   1.00 51.73  ? 110 GLY A O   1 
ATOM   857  N  N   . VAL A 1 111 ? 2.558   -9.649  -0.668  1.00 40.10  ? 111 VAL A N   1 
ATOM   858  C  CA  . VAL A 1 111 ? 1.838   -9.897  -1.870  1.00 43.30  ? 111 VAL A CA  1 
ATOM   859  C  C   . VAL A 1 111 ? 2.253   -11.160 -2.552  1.00 64.30  ? 111 VAL A C   1 
ATOM   860  O  O   . VAL A 1 111 ? 1.376   -12.004 -2.734  1.00 51.47  ? 111 VAL A O   1 
ATOM   861  C  CB  . VAL A 1 111 ? 1.628   -8.700  -2.737  1.00 72.40  ? 111 VAL A CB  1 
ATOM   862  C  CG1 . VAL A 1 111 ? 0.261   -8.973  -3.385  1.00 80.15  ? 111 VAL A CG1 1 
ATOM   863  C  CG2 . VAL A 1 111 ? 1.585   -7.489  -1.783  1.00 74.38  ? 111 VAL A CG2 1 
ATOM   864  N  N   . ALA A 1 112 ? 3.558   -11.278 -2.861  1.00 90.96  ? 112 ALA A N   1 
ATOM   865  C  CA  . ALA A 1 112 ? 4.153   -12.464 -3.522  1.00 97.86  ? 112 ALA A CA  1 
ATOM   866  C  C   . ALA A 1 112 ? 3.550   -13.835 -3.078  1.00 99.35  ? 112 ALA A C   1 
ATOM   867  O  O   . ALA A 1 112 ? 3.631   -14.825 -3.840  1.00 100.00 ? 112 ALA A O   1 
ATOM   868  C  CB  . ALA A 1 112 ? 5.667   -12.347 -3.736  1.00 93.64  ? 112 ALA A CB  1 
ATOM   869  N  N   . GLY A 1 113 ? 2.901   -13.870 -1.862  1.00 59.42  ? 113 GLY A N   1 
ATOM   870  C  CA  . GLY A 1 113 ? 2.186   -15.030 -1.242  1.00 47.45  ? 113 GLY A CA  1 
ATOM   871  C  C   . GLY A 1 113 ? 0.625   -15.192 -1.570  1.00 60.59  ? 113 GLY A C   1 
ATOM   872  O  O   . GLY A 1 113 ? -0.195  -15.997 -1.040  1.00 37.17  ? 113 GLY A O   1 
ATOM   873  N  N   . PHE A 1 114 ? 0.154   -14.403 -2.542  1.00 40.23  ? 114 PHE A N   1 
ATOM   874  C  CA  . PHE A 1 114 ? -1.196  -14.404 -3.042  1.00 12.83  ? 114 PHE A CA  1 
ATOM   875  C  C   . PHE A 1 114 ? -1.203  -15.040 -4.417  1.00 14.35  ? 114 PHE A C   1 
ATOM   876  O  O   . PHE A 1 114 ? -1.926  -14.707 -5.357  1.00 15.18  ? 114 PHE A O   1 
ATOM   877  C  CB  . PHE A 1 114 ? -1.698  -12.981 -3.139  1.00 16.87  ? 114 PHE A CB  1 
ATOM   878  C  CG  . PHE A 1 114 ? -2.269  -12.391 -1.860  1.00 27.02  ? 114 PHE A CG  1 
ATOM   879  C  CD1 . PHE A 1 114 ? -1.457  -12.185 -0.744  1.00 38.54  ? 114 PHE A CD1 1 
ATOM   880  C  CD2 . PHE A 1 114 ? -3.606  -11.984 -1.780  1.00 20.78  ? 114 PHE A CD2 1 
ATOM   881  C  CE1 . PHE A 1 114 ? -1.978  -11.620 0.419   1.00 21.01  ? 114 PHE A CE1 1 
ATOM   882  C  CE2 . PHE A 1 114 ? -4.156  -11.405 -0.637  1.00 17.41  ? 114 PHE A CE2 1 
ATOM   883  C  CZ  . PHE A 1 114 ? -3.317  -11.229 0.465   1.00 23.13  ? 114 PHE A CZ  1 
ATOM   884  N  N   . THR A 1 115 ? -0.354  -16.008 -4.516  1.00 10.50  ? 115 THR A N   1 
ATOM   885  C  CA  . THR A 1 115 ? -0.184  -16.774 -5.730  1.00 6.59   ? 115 THR A CA  1 
ATOM   886  C  C   . THR A 1 115 ? -1.400  -17.171 -6.483  1.00 18.18  ? 115 THR A C   1 
ATOM   887  O  O   . THR A 1 115 ? -1.432  -16.939 -7.683  1.00 16.19  ? 115 THR A O   1 
ATOM   888  C  CB  . THR A 1 115 ? 0.468   -18.070 -5.266  1.00 22.29  ? 115 THR A CB  1 
ATOM   889  O  OG1 . THR A 1 115 ? 1.764   -17.704 -4.896  1.00 28.37  ? 115 THR A OG1 1 
ATOM   890  C  CG2 . THR A 1 115 ? 0.443   -19.009 -6.441  1.00 56.92  ? 115 THR A CG2 1 
ATOM   891  N  N   . ASN A 1 116 ? -2.354  -17.806 -5.792  1.00 11.74  ? 116 ASN A N   1 
ATOM   892  C  CA  . ASN A 1 116 ? -3.543  -18.191 -6.479  1.00 20.49  ? 116 ASN A CA  1 
ATOM   893  C  C   . ASN A 1 116 ? -4.319  -16.974 -6.980  1.00 7.82   ? 116 ASN A C   1 
ATOM   894  O  O   . ASN A 1 116 ? -4.924  -16.948 -8.040  1.00 17.97  ? 116 ASN A O   1 
ATOM   895  C  CB  . ASN A 1 116 ? -4.397  -19.082 -5.538  1.00 15.90  ? 116 ASN A CB  1 
ATOM   896  C  CG  . ASN A 1 116 ? -3.632  -20.299 -5.134  1.00 22.49  ? 116 ASN A CG  1 
ATOM   897  O  OD1 . ASN A 1 116 ? -3.018  -20.892 -5.999  1.00 43.61  ? 116 ASN A OD1 1 
ATOM   898  N  ND2 . ASN A 1 116 ? -3.687  -20.723 -3.864  1.00 17.71  ? 116 ASN A ND2 1 
ATOM   899  N  N   . SER A 1 117 ? -4.326  -15.905 -6.212  1.00 8.44   ? 117 SER A N   1 
ATOM   900  C  CA  . SER A 1 117 ? -5.098  -14.762 -6.661  1.00 8.90   ? 117 SER A CA  1 
ATOM   901  C  C   . SER A 1 117 ? -4.395  -14.196 -7.858  1.00 9.70   ? 117 SER A C   1 
ATOM   902  O  O   . SER A 1 117 ? -5.002  -13.761 -8.804  1.00 9.43   ? 117 SER A O   1 
ATOM   903  C  CB  . SER A 1 117 ? -5.137  -13.655 -5.575  1.00 10.40  ? 117 SER A CB  1 
ATOM   904  O  OG  . SER A 1 117 ? -5.685  -14.193 -4.384  1.00 19.40  ? 117 SER A OG  1 
ATOM   905  N  N   . LEU A 1 118 ? -3.072  -14.142 -7.749  1.00 10.89  ? 118 LEU A N   1 
ATOM   906  C  CA  . LEU A 1 118 ? -2.337  -13.550 -8.848  1.00 13.63  ? 118 LEU A CA  1 
ATOM   907  C  C   . LEU A 1 118 ? -2.605  -14.286 -10.144 1.00 9.17   ? 118 LEU A C   1 
ATOM   908  O  O   . LEU A 1 118 ? -2.725  -13.728 -11.262 1.00 10.73  ? 118 LEU A O   1 
ATOM   909  C  CB  . LEU A 1 118 ? -0.852  -13.728 -8.575  1.00 15.86  ? 118 LEU A CB  1 
ATOM   910  C  CG  . LEU A 1 118 ? -0.323  -12.838 -7.458  1.00 19.18  ? 118 LEU A CG  1 
ATOM   911  C  CD1 . LEU A 1 118 ? 1.179   -13.110 -7.335  1.00 31.21  ? 118 LEU A CD1 1 
ATOM   912  C  CD2 . LEU A 1 118 ? -0.521  -11.339 -7.733  1.00 16.47  ? 118 LEU A CD2 1 
ATOM   913  N  N   . ARG A 1 119 ? -2.668  -15.566 -10.020 1.00 15.16  ? 119 ARG A N   1 
ATOM   914  C  CA  . ARG A 1 119 ? -2.903  -16.288 -11.279 1.00 27.52  ? 119 ARG A CA  1 
ATOM   915  C  C   . ARG A 1 119 ? -4.252  -15.968 -11.874 1.00 14.94  ? 119 ARG A C   1 
ATOM   916  O  O   . ARG A 1 119 ? -4.414  -15.828 -13.119 1.00 14.81  ? 119 ARG A O   1 
ATOM   917  C  CB  . ARG A 1 119 ? -2.773  -17.818 -11.269 1.00 17.85  ? 119 ARG A CB  1 
ATOM   918  C  CG  . ARG A 1 119 ? -2.104  -18.481 -10.062 1.00 98.42  ? 119 ARG A CG  1 
ATOM   919  C  CD  . ARG A 1 119 ? -2.205  -20.026 -10.070 1.00 100.00 ? 119 ARG A CD  1 
ATOM   920  N  NE  . ARG A 1 119 ? -3.256  -20.600 -10.932 1.00 100.00 ? 119 ARG A NE  1 
ATOM   921  C  CZ  . ARG A 1 119 ? -4.423  -21.120 -10.504 1.00 100.00 ? 119 ARG A CZ  1 
ATOM   922  N  NH1 . ARG A 1 119 ? -4.739  -21.178 -9.195  1.00 100.00 ? 119 ARG A NH1 1 
ATOM   923  N  NH2 . ARG A 1 119 ? -5.287  -21.594 -11.422 1.00 100.00 ? 119 ARG A NH2 1 
ATOM   924  N  N   . MET A 1 120 ? -5.238  -15.878 -10.966 1.00 11.71  ? 120 MET A N   1 
ATOM   925  C  CA  . MET A 1 120 ? -6.578  -15.560 -11.401 1.00 16.39  ? 120 MET A CA  1 
ATOM   926  C  C   . MET A 1 120 ? -6.654  -14.209 -12.016 1.00 9.98   ? 120 MET A C   1 
ATOM   927  O  O   . MET A 1 120 ? -7.385  -14.004 -12.964 1.00 10.63  ? 120 MET A O   1 
ATOM   928  C  CB  . MET A 1 120 ? -7.613  -15.633 -10.293 1.00 11.11  ? 120 MET A CB  1 
ATOM   929  C  CG  . MET A 1 120 ? -7.619  -17.035 -9.738  1.00 23.60  ? 120 MET A CG  1 
ATOM   930  S  SD  . MET A 1 120 ? -8.943  -17.244 -8.550  1.00 29.27  ? 120 MET A SD  1 
ATOM   931  C  CE  . MET A 1 120 ? -8.461  -18.567 -7.438  1.00 24.65  ? 120 MET A CE  1 
ATOM   932  N  N   . LEU A 1 121 ? -5.973  -13.270 -11.386 1.00 10.29  ? 121 LEU A N   1 
ATOM   933  C  CA  . LEU A 1 121 ? -6.022  -11.931 -11.943 1.00 8.14   ? 121 LEU A CA  1 
ATOM   934  C  C   . LEU A 1 121 ? -5.335  -11.995 -13.339 1.00 24.57  ? 121 LEU A C   1 
ATOM   935  O  O   . LEU A 1 121 ? -5.704  -11.389 -14.354 1.00 16.33  ? 121 LEU A O   1 
ATOM   936  C  CB  . LEU A 1 121 ? -5.232  -11.040 -10.965 1.00 9.23   ? 121 LEU A CB  1 
ATOM   937  C  CG  . LEU A 1 121 ? -6.018  -10.759 -9.682  1.00 7.74   ? 121 LEU A CG  1 
ATOM   938  C  CD1 . LEU A 1 121 ? -5.234  -9.804  -8.844  1.00 14.22  ? 121 LEU A CD1 1 
ATOM   939  C  CD2 . LEU A 1 121 ? -7.246  -9.943  -10.007 1.00 11.96  ? 121 LEU A CD2 1 
ATOM   940  N  N   . GLN A 1 122 ? -4.296  -12.766 -13.434 1.00 8.20   ? 122 GLN A N   1 
ATOM   941  C  CA  . GLN A 1 122 ? -3.641  -12.833 -14.710 1.00 15.80  ? 122 GLN A CA  1 
ATOM   942  C  C   . GLN A 1 122 ? -4.533  -13.433 -15.805 1.00 19.25  ? 122 GLN A C   1 
ATOM   943  O  O   . GLN A 1 122 ? -4.531  -13.062 -16.960 1.00 13.51  ? 122 GLN A O   1 
ATOM   944  C  CB  . GLN A 1 122 ? -2.338  -13.631 -14.576 1.00 13.10  ? 122 GLN A CB  1 
ATOM   945  C  CG  . GLN A 1 122 ? -1.581  -13.630 -15.922 1.00 24.57  ? 122 GLN A CG  1 
ATOM   946  C  CD  . GLN A 1 122 ? -0.247  -14.301 -15.745 1.00 39.27  ? 122 GLN A CD  1 
ATOM   947  O  OE1 . GLN A 1 122 ? -0.112  -15.208 -14.896 1.00 80.86  ? 122 GLN A OE1 1 
ATOM   948  N  NE2 . GLN A 1 122 ? 0.705   -13.886 -16.572 1.00 42.22  ? 122 GLN A NE2 1 
ATOM   949  N  N   . GLN A 1 123 ? -5.323  -14.397 -15.456 1.00 4.01   ? 123 GLN A N   1 
ATOM   950  C  CA  . GLN A 1 123 ? -6.193  -14.994 -16.447 1.00 4.75   ? 123 GLN A CA  1 
ATOM   951  C  C   . GLN A 1 123 ? -7.400  -14.144 -16.676 1.00 19.74  ? 123 GLN A C   1 
ATOM   952  O  O   . GLN A 1 123 ? -8.270  -14.491 -17.486 1.00 23.85  ? 123 GLN A O   1 
ATOM   953  C  CB  . GLN A 1 123 ? -6.748  -16.285 -15.865 1.00 16.31  ? 123 GLN A CB  1 
ATOM   954  C  CG  . GLN A 1 123 ? -5.632  -17.300 -15.699 1.00 26.70  ? 123 GLN A CG  1 
ATOM   955  C  CD  . GLN A 1 123 ? -6.179  -18.673 -15.329 1.00 28.72  ? 123 GLN A CD  1 
ATOM   956  O  OE1 . GLN A 1 123 ? -5.984  -19.624 -16.081 1.00 44.38  ? 123 GLN A OE1 1 
ATOM   957  N  NE2 . GLN A 1 123 ? -6.893  -18.779 -14.199 1.00 62.46  ? 123 GLN A NE2 1 
ATOM   958  N  N   . LYS A 1 124 ? -7.499  -13.043 -15.894 1.00 9.75   ? 124 LYS A N   1 
ATOM   959  C  CA  . LYS A 1 124 ? -8.653  -12.155 -15.976 1.00 1.00   ? 124 LYS A CA  1 
ATOM   960  C  C   . LYS A 1 124 ? -9.998  -12.769 -15.529 1.00 6.67   ? 124 LYS A C   1 
ATOM   961  O  O   . LYS A 1 124 ? -11.067 -12.458 -16.068 1.00 10.56  ? 124 LYS A O   1 
ATOM   962  C  CB  . LYS A 1 124 ? -8.846  -11.366 -17.292 1.00 12.25  ? 124 LYS A CB  1 
ATOM   963  C  CG  . LYS A 1 124 ? -7.549  -10.934 -17.935 1.00 14.20  ? 124 LYS A CG  1 
ATOM   964  C  CD  . LYS A 1 124 ? -7.692  -9.784  -18.923 1.00 9.17   ? 124 LYS A CD  1 
ATOM   965  C  CE  . LYS A 1 124 ? -6.345  -9.127  -19.220 1.00 3.12   ? 124 LYS A CE  1 
ATOM   966  N  NZ  . LYS A 1 124 ? -5.957  -8.102  -18.274 1.00 17.84  ? 124 LYS A NZ  1 
ATOM   967  N  N   . ARG A 1 125 ? -9.931  -13.597 -14.494 1.00 12.65  ? 125 ARG A N   1 
ATOM   968  C  CA  . ARG A 1 125 ? -11.078 -14.212 -13.884 1.00 7.80   ? 125 ARG A CA  1 
ATOM   969  C  C   . ARG A 1 125 ? -11.434 -13.345 -12.657 1.00 14.43  ? 125 ARG A C   1 
ATOM   970  O  O   . ARG A 1 125 ? -11.220 -13.725 -11.486 1.00 9.87   ? 125 ARG A O   1 
ATOM   971  C  CB  . ARG A 1 125 ? -10.695 -15.634 -13.521 1.00 8.48   ? 125 ARG A CB  1 
ATOM   972  C  CG  . ARG A 1 125 ? -10.318 -16.552 -14.703 1.00 13.83  ? 125 ARG A CG  1 
ATOM   973  C  CD  . ARG A 1 125 ? -9.786  -17.887 -14.133 1.00 15.91  ? 125 ARG A CD  1 
ATOM   974  N  NE  . ARG A 1 125 ? -10.224 -19.158 -14.725 1.00 56.09  ? 125 ARG A NE  1 
ATOM   975  C  CZ  . ARG A 1 125 ? -9.997  -19.521 -15.999 1.00 100.00 ? 125 ARG A CZ  1 
ATOM   976  N  NH1 . ARG A 1 125 ? -9.375  -18.735 -16.895 1.00 100.00 ? 125 ARG A NH1 1 
ATOM   977  N  NH2 . ARG A 1 125 ? -10.430 -20.715 -16.401 1.00 100.00 ? 125 ARG A NH2 1 
ATOM   978  N  N   . TRP A 1 126 ? -12.026 -12.159 -12.970 1.00 13.81  ? 126 TRP A N   1 
ATOM   979  C  CA  . TRP A 1 126 ? -12.341 -11.135 -11.975 1.00 12.98  ? 126 TRP A CA  1 
ATOM   980  C  C   . TRP A 1 126 ? -13.140 -11.571 -10.778 1.00 13.07  ? 126 TRP A C   1 
ATOM   981  O  O   . TRP A 1 126 ? -12.794 -11.309 -9.668  1.00 6.40   ? 126 TRP A O   1 
ATOM   982  C  CB  . TRP A 1 126 ? -12.908 -9.856  -12.580 1.00 3.18   ? 126 TRP A CB  1 
ATOM   983  C  CG  . TRP A 1 126 ? -12.148 -9.457  -13.830 1.00 11.76  ? 126 TRP A CG  1 
ATOM   984  C  CD1 . TRP A 1 126 ? -12.718 -9.163  -15.035 1.00 11.96  ? 126 TRP A CD1 1 
ATOM   985  C  CD2 . TRP A 1 126 ? -10.742 -9.160  -13.984 1.00 9.73   ? 126 TRP A CD2 1 
ATOM   986  N  NE1 . TRP A 1 126 ? -11.758 -8.738  -15.918 1.00 5.01   ? 126 TRP A NE1 1 
ATOM   987  C  CE2 . TRP A 1 126 ? -10.561 -8.730  -15.325 1.00 4.22   ? 126 TRP A CE2 1 
ATOM   988  C  CE3 . TRP A 1 126 ? -9.595  -9.211  -13.150 1.00 4.26   ? 126 TRP A CE3 1 
ATOM   989  C  CZ2 . TRP A 1 126 ? -9.319  -8.338  -15.826 1.00 5.24   ? 126 TRP A CZ2 1 
ATOM   990  C  CZ3 . TRP A 1 126 ? -8.351  -8.837  -13.675 1.00 12.65  ? 126 TRP A CZ3 1 
ATOM   991  C  CH2 . TRP A 1 126 ? -8.221  -8.375  -14.995 1.00 8.53   ? 126 TRP A CH2 1 
ATOM   992  N  N   . ASP A 1 127 ? -14.277 -12.166 -10.995 1.00 13.59  ? 127 ASP A N   1 
ATOM   993  C  CA  . ASP A 1 127 ? -15.039 -12.520 -9.841  1.00 15.14  ? 127 ASP A CA  1 
ATOM   994  C  C   . ASP A 1 127 ? -14.368 -13.587 -9.011  1.00 12.63  ? 127 ASP A C   1 
ATOM   995  O  O   . ASP A 1 127 ? -14.420 -13.551 -7.814  1.00 16.85  ? 127 ASP A O   1 
ATOM   996  C  CB  . ASP A 1 127 ? -16.459 -12.878 -10.248 1.00 23.94  ? 127 ASP A CB  1 
ATOM   997  C  CG  . ASP A 1 127 ? -17.214 -11.744 -10.894 1.00 26.57  ? 127 ASP A CG  1 
ATOM   998  O  OD1 . ASP A 1 127 ? -16.764 -10.682 -11.320 1.00 28.71  ? 127 ASP A OD1 1 
ATOM   999  O  OD2 . ASP A 1 127 ? -18.473 -12.022 -10.878 1.00 32.33  ? 127 ASP A OD2 1 
ATOM   1000 N  N   . GLU A 1 128 ? -13.670 -14.498 -9.638  1.00 17.52  ? 128 GLU A N   1 
ATOM   1001 C  CA  . GLU A 1 128 ? -12.983 -15.542 -8.933  1.00 12.73  ? 128 GLU A CA  1 
ATOM   1002 C  C   . GLU A 1 128 ? -11.876 -15.054 -8.083  1.00 13.67  ? 128 GLU A C   1 
ATOM   1003 O  O   . GLU A 1 128 ? -11.771 -15.442 -6.905  1.00 13.22  ? 128 GLU A O   1 
ATOM   1004 C  CB  . GLU A 1 128 ? -12.425 -16.532 -9.943  1.00 22.30  ? 128 GLU A CB  1 
ATOM   1005 C  CG  . GLU A 1 128 ? -13.618 -17.415 -10.377 1.00 22.22  ? 128 GLU A CG  1 
ATOM   1006 C  CD  . GLU A 1 128 ? -13.312 -18.270 -11.563 1.00 100.00 ? 128 GLU A CD  1 
ATOM   1007 O  OE1 . GLU A 1 128 ? -12.599 -19.278 -11.493 1.00 100.00 ? 128 GLU A OE1 1 
ATOM   1008 O  OE2 . GLU A 1 128 ? -13.857 -17.776 -12.659 1.00 76.93  ? 128 GLU A OE2 1 
ATOM   1009 N  N   . ALA A 1 129 ? -11.094 -14.206 -8.704  1.00 5.13   ? 129 ALA A N   1 
ATOM   1010 C  CA  . ALA A 1 129 ? -9.971  -13.553 -7.992  1.00 1.00   ? 129 ALA A CA  1 
ATOM   1011 C  C   . ALA A 1 129 ? -10.486 -12.795 -6.750  1.00 12.14  ? 129 ALA A C   1 
ATOM   1012 O  O   . ALA A 1 129 ? -9.895  -12.853 -5.681  1.00 9.27   ? 129 ALA A O   1 
ATOM   1013 C  CB  . ALA A 1 129 ? -9.203  -12.637 -8.946  1.00 7.66   ? 129 ALA A CB  1 
ATOM   1014 N  N   . ALA A 1 130 ? -11.631 -12.109 -6.896  1.00 8.22   ? 130 ALA A N   1 
ATOM   1015 C  CA  . ALA A 1 130 ? -12.188 -11.285 -5.816  1.00 9.71   ? 130 ALA A CA  1 
ATOM   1016 C  C   . ALA A 1 130 ? -12.577 -12.151 -4.672  1.00 14.02  ? 130 ALA A C   1 
ATOM   1017 O  O   . ALA A 1 130 ? -12.307 -11.827 -3.555  1.00 12.51  ? 130 ALA A O   1 
ATOM   1018 C  CB  . ALA A 1 130 ? -13.401 -10.538 -6.358  1.00 6.13   ? 130 ALA A CB  1 
ATOM   1019 N  N   . VAL A 1 131 ? -13.203 -13.284 -4.943  1.00 6.97   ? 131 VAL A N   1 
ATOM   1020 C  CA  . VAL A 1 131 ? -13.544 -14.167 -3.820  1.00 3.19   ? 131 VAL A CA  1 
ATOM   1021 C  C   . VAL A 1 131 ? -12.278 -14.701 -3.126  1.00 8.07   ? 131 VAL A C   1 
ATOM   1022 O  O   . VAL A 1 131 ? -12.157 -14.727 -1.893  1.00 14.11  ? 131 VAL A O   1 
ATOM   1023 C  CB  . VAL A 1 131 ? -14.377 -15.404 -4.300  1.00 13.30  ? 131 VAL A CB  1 
ATOM   1024 C  CG1 . VAL A 1 131 ? -14.381 -16.498 -3.232  1.00 18.00  ? 131 VAL A CG1 1 
ATOM   1025 C  CG2 . VAL A 1 131 ? -15.798 -15.044 -4.662  1.00 15.15  ? 131 VAL A CG2 1 
ATOM   1026 N  N   . ASN A 1 132 ? -11.319 -15.159 -3.928  1.00 10.67  ? 132 ASN A N   1 
ATOM   1027 C  CA  . ASN A 1 132 ? -10.046 -15.703 -3.404  1.00 5.26   ? 132 ASN A CA  1 
ATOM   1028 C  C   . ASN A 1 132 ? -9.322  -14.612 -2.634  1.00 11.31  ? 132 ASN A C   1 
ATOM   1029 O  O   . ASN A 1 132 ? -8.705  -14.808 -1.568  1.00 7.35   ? 132 ASN A O   1 
ATOM   1030 C  CB  . ASN A 1 132 ? -9.157  -16.082 -4.605  1.00 4.77   ? 132 ASN A CB  1 
ATOM   1031 C  CG  . ASN A 1 132 ? -7.940  -16.874 -4.184  1.00 3.69   ? 132 ASN A CG  1 
ATOM   1032 O  OD1 . ASN A 1 132 ? -6.819  -16.383 -3.942  1.00 12.65  ? 132 ASN A OD1 1 
ATOM   1033 N  ND2 . ASN A 1 132 ? -8.246  -18.050 -3.775  1.00 8.04   ? 132 ASN A ND2 1 
ATOM   1034 N  N   . LEU A 1 133 ? -9.406  -13.393 -3.140  1.00 10.67  ? 133 LEU A N   1 
ATOM   1035 C  CA  . LEU A 1 133 ? -8.654  -12.388 -2.399  1.00 12.44  ? 133 LEU A CA  1 
ATOM   1036 C  C   . LEU A 1 133 ? -9.168  -12.179 -0.990  1.00 11.67  ? 133 LEU A C   1 
ATOM   1037 O  O   . LEU A 1 133 ? -8.444  -11.766 -0.106  1.00 11.44  ? 133 LEU A O   1 
ATOM   1038 C  CB  . LEU A 1 133 ? -8.614  -10.995 -3.158  1.00 10.45  ? 133 LEU A CB  1 
ATOM   1039 C  CG  . LEU A 1 133 ? -7.645  -10.868 -4.346  1.00 12.33  ? 133 LEU A CG  1 
ATOM   1040 C  CD1 . LEU A 1 133 ? -8.084  -9.765  -5.301  1.00 11.90  ? 133 LEU A CD1 1 
ATOM   1041 C  CD2 . LEU A 1 133 ? -6.201  -10.641 -3.905  1.00 8.70   ? 133 LEU A CD2 1 
ATOM   1042 N  N   . ALA A 1 134 ? -10.438 -12.416 -0.797  1.00 6.89   ? 134 ALA A N   1 
ATOM   1043 C  CA  . ALA A 1 134 ? -11.091 -12.160 0.468   1.00 8.13   ? 134 ALA A CA  1 
ATOM   1044 C  C   . ALA A 1 134 ? -10.808 -13.162 1.522   1.00 11.92  ? 134 ALA A C   1 
ATOM   1045 O  O   . ALA A 1 134 ? -11.090 -12.894 2.677   1.00 13.91  ? 134 ALA A O   1 
ATOM   1046 C  CB  . ALA A 1 134 ? -12.609 -11.924 0.274   1.00 9.04   ? 134 ALA A CB  1 
ATOM   1047 N  N   . LYS A 1 135 ? -10.257 -14.290 1.087   1.00 15.40  ? 135 LYS A N   1 
ATOM   1048 C  CA  . LYS A 1 135 ? -9.924  -15.342 1.994   1.00 13.48  ? 135 LYS A CA  1 
ATOM   1049 C  C   . LYS A 1 135 ? -8.506  -15.093 2.488   1.00 6.41   ? 135 LYS A C   1 
ATOM   1050 O  O   . LYS A 1 135 ? -7.580  -15.830 2.197   1.00 12.03  ? 135 LYS A O   1 
ATOM   1051 C  CB  . LYS A 1 135 ? -10.191 -16.746 1.409   1.00 9.61   ? 135 LYS A CB  1 
ATOM   1052 C  CG  . LYS A 1 135 ? -11.605 -16.867 0.822   1.00 13.86  ? 135 LYS A CG  1 
ATOM   1053 C  CD  . LYS A 1 135 ? -12.090 -18.252 0.379   1.00 28.04  ? 135 LYS A CD  1 
ATOM   1054 C  CE  . LYS A 1 135 ? -11.347 -18.984 -0.736  1.00 100.00 ? 135 LYS A CE  1 
ATOM   1055 N  NZ  . LYS A 1 135 ? -11.708 -20.402 -0.856  1.00 100.00 ? 135 LYS A NZ  1 
ATOM   1056 N  N   . SER A 1 136 ? -8.336  -14.009 3.223   1.00 6.99   ? 136 SER A N   1 
ATOM   1057 C  CA  . SER A 1 136 ? -7.028  -13.692 3.645   1.00 12.36  ? 136 SER A CA  1 
ATOM   1058 C  C   . SER A 1 136 ? -7.014  -12.925 4.946   1.00 14.55  ? 136 SER A C   1 
ATOM   1059 O  O   . SER A 1 136 ? -7.967  -12.292 5.355   1.00 4.80   ? 136 SER A O   1 
ATOM   1060 C  CB  . SER A 1 136 ? -6.340  -12.877 2.549   1.00 15.91  ? 136 SER A CB  1 
ATOM   1061 O  OG  . SER A 1 136 ? -7.129  -11.722 2.359   1.00 6.38   ? 136 SER A OG  1 
ATOM   1062 N  N   . ARG A 1 137 ? -5.879  -12.981 5.605   1.00 3.82   ? 137 ARG A N   1 
ATOM   1063 C  CA  . ARG A 1 137 ? -5.785  -12.220 6.834   1.00 7.75   ? 137 ARG A CA  1 
ATOM   1064 C  C   . ARG A 1 137 ? -5.998  -10.768 6.550   1.00 14.01  ? 137 ARG A C   1 
ATOM   1065 O  O   . ARG A 1 137 ? -6.529  -10.048 7.378   1.00 5.88   ? 137 ARG A O   1 
ATOM   1066 C  CB  . ARG A 1 137 ? -4.354  -12.329 7.346   1.00 6.73   ? 137 ARG A CB  1 
ATOM   1067 C  CG  . ARG A 1 137 ? -4.295  -11.753 8.741   1.00 17.15  ? 137 ARG A CG  1 
ATOM   1068 C  CD  . ARG A 1 137 ? -2.893  -11.327 9.155   1.00 19.78  ? 137 ARG A CD  1 
ATOM   1069 N  NE  . ARG A 1 137 ? -2.900  -10.882 10.549  1.00 32.33  ? 137 ARG A NE  1 
ATOM   1070 C  CZ  . ARG A 1 137 ? -2.542  -9.655  10.905  1.00 43.46  ? 137 ARG A CZ  1 
ATOM   1071 N  NH1 . ARG A 1 137 ? -2.162  -8.795  9.984   1.00 24.33  ? 137 ARG A NH1 1 
ATOM   1072 N  NH2 . ARG A 1 137 ? -2.582  -9.279  12.185  1.00 56.55  ? 137 ARG A NH2 1 
ATOM   1073 N  N   . TRP A 1 138 ? -5.443  -10.322 5.398   1.00 14.34  ? 138 TRP A N   1 
ATOM   1074 C  CA  . TRP A 1 138 ? -5.547  -8.925  4.893   1.00 5.73   ? 138 TRP A CA  1 
ATOM   1075 C  C   . TRP A 1 138 ? -6.986  -8.404  4.849   1.00 14.18  ? 138 TRP A C   1 
ATOM   1076 O  O   . TRP A 1 138 ? -7.354  -7.341  5.358   1.00 10.61  ? 138 TRP A O   1 
ATOM   1077 C  CB  . TRP A 1 138 ? -5.039  -8.885  3.452   1.00 16.59  ? 138 TRP A CB  1 
ATOM   1078 C  CG  . TRP A 1 138 ? -5.242  -7.566  2.749   1.00 13.89  ? 138 TRP A CG  1 
ATOM   1079 C  CD1 . TRP A 1 138 ? -4.704  -6.342  3.088   1.00 15.41  ? 138 TRP A CD1 1 
ATOM   1080 C  CD2 . TRP A 1 138 ? -5.921  -7.398  1.509   1.00 8.74   ? 138 TRP A CD2 1 
ATOM   1081 N  NE1 . TRP A 1 138 ? -5.127  -5.394  2.194   1.00 9.65   ? 138 TRP A NE1 1 
ATOM   1082 C  CE2 . TRP A 1 138 ? -5.807  -6.032  1.166   1.00 6.34   ? 138 TRP A CE2 1 
ATOM   1083 C  CE3 . TRP A 1 138 ? -6.546  -8.301  0.644   1.00 4.44   ? 138 TRP A CE3 1 
ATOM   1084 C  CZ2 . TRP A 1 138 ? -6.320  -5.517  -0.056  1.00 9.85   ? 138 TRP A CZ2 1 
ATOM   1085 C  CZ3 . TRP A 1 138 ? -7.138  -7.767  -0.500  1.00 14.81  ? 138 TRP A CZ3 1 
ATOM   1086 C  CH2 . TRP A 1 138 ? -7.044  -6.393  -0.843  1.00 12.67  ? 138 TRP A CH2 1 
ATOM   1087 N  N   . TYR A 1 139 ? -7.872  -9.155  4.219   1.00 9.11   ? 139 TYR A N   1 
ATOM   1088 C  CA  . TYR A 1 139 ? -9.280  -8.704  4.218   1.00 5.02   ? 139 TYR A CA  1 
ATOM   1089 C  C   . TYR A 1 139 ? -9.895  -8.729  5.653   1.00 19.06  ? 139 TYR A C   1 
ATOM   1090 O  O   . TYR A 1 139 ? -10.597 -7.818  6.077   1.00 17.89  ? 139 TYR A O   1 
ATOM   1091 C  CB  . TYR A 1 139 ? -9.998  -9.803  3.449   1.00 13.94  ? 139 TYR A CB  1 
ATOM   1092 C  CG  . TYR A 1 139 ? -11.471 -9.609  3.430   1.00 13.85  ? 139 TYR A CG  1 
ATOM   1093 C  CD1 . TYR A 1 139 ? -12.004 -8.753  2.466   1.00 19.09  ? 139 TYR A CD1 1 
ATOM   1094 C  CD2 . TYR A 1 139 ? -12.329 -10.333 4.262   1.00 11.53  ? 139 TYR A CD2 1 
ATOM   1095 C  CE1 . TYR A 1 139 ? -13.375 -8.561  2.321   1.00 25.67  ? 139 TYR A CE1 1 
ATOM   1096 C  CE2 . TYR A 1 139 ? -13.705 -10.179 4.097   1.00 17.34  ? 139 TYR A CE2 1 
ATOM   1097 C  CZ  . TYR A 1 139 ? -14.225 -9.290  3.152   1.00 62.19  ? 139 TYR A CZ  1 
ATOM   1098 O  OH  . TYR A 1 139 ? -15.587 -9.160  3.024   1.00 100.00 ? 139 TYR A OH  1 
ATOM   1099 N  N   . ASN A 1 140 ? -9.628  -9.816  6.436   1.00 14.08  ? 140 ASN A N   1 
ATOM   1100 C  CA  . ASN A 1 140 ? -10.132 -9.929  7.800   1.00 2.64   ? 140 ASN A CA  1 
ATOM   1101 C  C   . ASN A 1 140 ? -9.578  -8.849  8.699   1.00 15.28  ? 140 ASN A C   1 
ATOM   1102 O  O   . ASN A 1 140 ? -10.260 -8.382  9.572   1.00 19.39  ? 140 ASN A O   1 
ATOM   1103 C  CB  . ASN A 1 140 ? -9.851  -11.281 8.401   1.00 10.26  ? 140 ASN A CB  1 
ATOM   1104 C  CG  . ASN A 1 140 ? -10.799 -12.241 7.747   1.00 27.64  ? 140 ASN A CG  1 
ATOM   1105 O  OD1 . ASN A 1 140 ? -10.422 -13.013 6.861   1.00 21.14  ? 140 ASN A OD1 1 
ATOM   1106 N  ND2 . ASN A 1 140 ? -12.079 -12.056 8.018   1.00 21.19  ? 140 ASN A ND2 1 
ATOM   1107 N  N   . GLN A 1 141 ? -8.350  -8.414  8.534   1.00 6.71   ? 141 GLN A N   1 
ATOM   1108 C  CA  . GLN A 1 141 ? -7.925  -7.360  9.454   1.00 9.30   ? 141 GLN A CA  1 
ATOM   1109 C  C   . GLN A 1 141 ? -8.314  -5.974  9.041   1.00 12.92  ? 141 GLN A C   1 
ATOM   1110 O  O   . GLN A 1 141 ? -8.595  -5.126  9.890   1.00 16.40  ? 141 GLN A O   1 
ATOM   1111 C  CB  . GLN A 1 141 ? -6.429  -7.289  9.704   1.00 13.88  ? 141 GLN A CB  1 
ATOM   1112 C  CG  . GLN A 1 141 ? -5.971  -8.540  10.443  1.00 25.75  ? 141 GLN A CG  1 
ATOM   1113 C  CD  . GLN A 1 141 ? -6.554  -8.842  11.812  1.00 31.28  ? 141 GLN A CD  1 
ATOM   1114 O  OE1 . GLN A 1 141 ? -7.120  -9.955  12.002  1.00 24.14  ? 141 GLN A OE1 1 
ATOM   1115 N  NE2 . GLN A 1 141 ? -6.298  -7.945  12.759  1.00 28.69  ? 141 GLN A NE2 1 
ATOM   1116 N  N   . THR A 1 142 ? -8.303  -5.699  7.748   1.00 5.90   ? 142 THR A N   1 
ATOM   1117 C  CA  . THR A 1 142 ? -8.714  -4.349  7.331   1.00 5.30   ? 142 THR A CA  1 
ATOM   1118 C  C   . THR A 1 142 ? -9.697  -4.493  6.245   1.00 11.72  ? 142 THR A C   1 
ATOM   1119 O  O   . THR A 1 142 ? -9.427  -4.183  5.084   1.00 10.46  ? 142 THR A O   1 
ATOM   1120 C  CB  . THR A 1 142 ? -7.544  -3.507  6.785   1.00 6.75   ? 142 THR A CB  1 
ATOM   1121 O  OG1 . THR A 1 142 ? -6.751  -4.246  5.848   1.00 18.81  ? 142 THR A OG1 1 
ATOM   1122 C  CG2 . THR A 1 142 ? -6.618  -3.235  7.941   1.00 11.32  ? 142 THR A CG2 1 
ATOM   1123 N  N   . PRO A 1 143 ? -10.830 -4.973  6.617   1.00 12.68  ? 143 PRO A N   1 
ATOM   1124 C  CA  . PRO A 1 143 ? -11.928 -5.204  5.669   1.00 12.14  ? 143 PRO A CA  1 
ATOM   1125 C  C   . PRO A 1 143 ? -12.475 -4.012  4.824   1.00 8.78   ? 143 PRO A C   1 
ATOM   1126 O  O   . PRO A 1 143 ? -12.830 -4.115  3.651   1.00 1.52   ? 143 PRO A O   1 
ATOM   1127 C  CB  . PRO A 1 143 ? -13.017 -5.832  6.545   1.00 11.81  ? 143 PRO A CB  1 
ATOM   1128 C  CG  . PRO A 1 143 ? -12.748 -5.377  7.978   1.00 6.49   ? 143 PRO A CG  1 
ATOM   1129 C  CD  . PRO A 1 143 ? -11.240 -5.186  8.013   1.00 3.62   ? 143 PRO A CD  1 
ATOM   1130 N  N   . ASN A 1 144 ? -12.617 -2.844  5.406   1.00 6.28   ? 144 ASN A N   1 
ATOM   1131 C  CA  . ASN A 1 144 ? -13.167 -1.765  4.594   1.00 7.13   ? 144 ASN A CA  1 
ATOM   1132 C  C   . ASN A 1 144 ? -12.229 -1.438  3.464   1.00 13.87  ? 144 ASN A C   1 
ATOM   1133 O  O   . ASN A 1 144 ? -12.633 -1.355  2.341   1.00 12.65  ? 144 ASN A O   1 
ATOM   1134 C  CB  . ASN A 1 144 ? -13.281 -0.492  5.437   1.00 4.60   ? 144 ASN A CB  1 
ATOM   1135 C  CG  . ASN A 1 144 ? -14.285 -0.496  6.615   1.00 30.54  ? 144 ASN A CG  1 
ATOM   1136 O  OD1 . ASN A 1 144 ? -15.297 -1.201  6.636   1.00 23.05  ? 144 ASN A OD1 1 
ATOM   1137 N  ND2 . ASN A 1 144 ? -14.064 0.382   7.596   1.00 34.41  ? 144 ASN A ND2 1 
ATOM   1138 N  N   . ARG A 1 145 ? -10.957 -1.250  3.807   1.00 4.81   ? 145 ARG A N   1 
ATOM   1139 C  CA  . ARG A 1 145 ? -9.990  -0.960  2.779   1.00 6.98   ? 145 ARG A CA  1 
ATOM   1140 C  C   . ARG A 1 145 ? -9.827  -2.135  1.807   1.00 12.50  ? 145 ARG A C   1 
ATOM   1141 O  O   . ARG A 1 145 ? -9.831  -1.950  0.596   1.00 10.62  ? 145 ARG A O   1 
ATOM   1142 C  CB  . ARG A 1 145 ? -8.610  -0.675  3.334   1.00 12.56  ? 145 ARG A CB  1 
ATOM   1143 C  CG  . ARG A 1 145 ? -7.675  -0.179  2.225   1.00 16.76  ? 145 ARG A CG  1 
ATOM   1144 C  CD  . ARG A 1 145 ? -6.245  -0.279  2.628   1.00 11.28  ? 145 ARG A CD  1 
ATOM   1145 N  NE  . ARG A 1 145 ? -5.312  0.126   1.611   1.00 9.92   ? 145 ARG A NE  1 
ATOM   1146 C  CZ  . ARG A 1 145 ? -4.236  0.694   2.089   1.00 13.14  ? 145 ARG A CZ  1 
ATOM   1147 N  NH1 . ARG A 1 145 ? -4.171  0.870   3.404   1.00 5.76   ? 145 ARG A NH1 1 
ATOM   1148 N  NH2 . ARG A 1 145 ? -3.243  1.060   1.283   1.00 7.83   ? 145 ARG A NH2 1 
ATOM   1149 N  N   . ALA A 1 146 ? -9.656  -3.374  2.315   1.00 13.57  ? 146 ALA A N   1 
ATOM   1150 C  CA  . ALA A 1 146 ? -9.580  -4.509  1.401   1.00 8.34   ? 146 ALA A CA  1 
ATOM   1151 C  C   . ALA A 1 146 ? -10.780 -4.513  0.464   1.00 9.47   ? 146 ALA A C   1 
ATOM   1152 O  O   . ALA A 1 146 ? -10.642 -4.789  -0.733  1.00 7.01   ? 146 ALA A O   1 
ATOM   1153 C  CB  . ALA A 1 146 ? -9.586  -5.833  2.133   1.00 8.20   ? 146 ALA A CB  1 
ATOM   1154 N  N   . LYS A 1 147 ? -11.962 -4.183  0.986   1.00 12.75  ? 147 LYS A N   1 
ATOM   1155 C  CA  . LYS A 1 147 ? -13.143 -4.192  0.101   1.00 7.72   ? 147 LYS A CA  1 
ATOM   1156 C  C   . LYS A 1 147 ? -13.023 -3.264  -1.095  1.00 15.16  ? 147 LYS A C   1 
ATOM   1157 O  O   . LYS A 1 147 ? -13.426 -3.582  -2.235  1.00 9.39   ? 147 LYS A O   1 
ATOM   1158 C  CB  . LYS A 1 147 ? -14.493 -3.989  0.765   1.00 15.46  ? 147 LYS A CB  1 
ATOM   1159 C  CG  . LYS A 1 147 ? -14.702 -5.037  1.830   1.00 36.62  ? 147 LYS A CG  1 
ATOM   1160 C  CD  . LYS A 1 147 ? -16.017 -4.899  2.566   1.00 42.59  ? 147 LYS A CD  1 
ATOM   1161 C  CE  . LYS A 1 147 ? -15.968 -5.415  4.003   1.00 48.67  ? 147 LYS A CE  1 
ATOM   1162 N  NZ  . LYS A 1 147 ? -16.011 -4.356  5.043   1.00 84.21  ? 147 LYS A NZ  1 
ATOM   1163 N  N   . ARG A 1 148 ? -12.456 -2.123  -0.808  1.00 8.90   ? 148 ARG A N   1 
ATOM   1164 C  CA  . ARG A 1 148 ? -12.290 -1.112  -1.830  1.00 6.12   ? 148 ARG A CA  1 
ATOM   1165 C  C   . ARG A 1 148 ? -11.362 -1.573  -2.900  1.00 7.79   ? 148 ARG A C   1 
ATOM   1166 O  O   . ARG A 1 148 ? -11.661 -1.372  -4.058  1.00 7.74   ? 148 ARG A O   1 
ATOM   1167 C  CB  . ARG A 1 148 ? -11.709 0.162   -1.251  1.00 3.75   ? 148 ARG A CB  1 
ATOM   1168 C  CG  . ARG A 1 148 ? -12.804 0.942   -0.541  1.00 7.91   ? 148 ARG A CG  1 
ATOM   1169 C  CD  . ARG A 1 148 ? -12.437 2.364   -0.328  1.00 12.97  ? 148 ARG A CD  1 
ATOM   1170 N  NE  . ARG A 1 148 ? -11.372 2.538   0.694   1.00 20.26  ? 148 ARG A NE  1 
ATOM   1171 C  CZ  . ARG A 1 148 ? -11.543 2.603   2.023   1.00 16.18  ? 148 ARG A CZ  1 
ATOM   1172 N  NH1 . ARG A 1 148 ? -12.710 2.443   2.676   1.00 7.85   ? 148 ARG A NH1 1 
ATOM   1173 N  NH2 . ARG A 1 148 ? -10.479 2.820   2.764   1.00 10.38  ? 148 ARG A NH2 1 
ATOM   1174 N  N   . VAL A 1 149 ? -10.259 -2.196  -2.489  1.00 2.39   ? 149 VAL A N   1 
ATOM   1175 C  CA  . VAL A 1 149 ? -9.216  -2.691  -3.436  1.00 1.00   ? 149 VAL A CA  1 
ATOM   1176 C  C   . VAL A 1 149 ? -9.691  -3.851  -4.256  1.00 5.37   ? 149 VAL A C   1 
ATOM   1177 O  O   . VAL A 1 149 ? -9.485  -3.909  -5.463  1.00 5.83   ? 149 VAL A O   1 
ATOM   1178 C  CB  . VAL A 1 149 ? -7.940  -3.079  -2.719  1.00 8.79   ? 149 VAL A CB  1 
ATOM   1179 C  CG1 . VAL A 1 149 ? -6.896  -3.652  -3.683  1.00 5.88   ? 149 VAL A CG1 1 
ATOM   1180 C  CG2 . VAL A 1 149 ? -7.334  -1.824  -2.093  1.00 3.97   ? 149 VAL A CG2 1 
ATOM   1181 N  N   . ILE A 1 150 ? -10.397 -4.767  -3.575  1.00 8.39   ? 150 ILE A N   1 
ATOM   1182 C  CA  . ILE A 1 150 ? -11.003 -5.913  -4.245  1.00 2.11   ? 150 ILE A CA  1 
ATOM   1183 C  C   . ILE A 1 150 ? -12.039 -5.476  -5.270  1.00 8.12   ? 150 ILE A C   1 
ATOM   1184 O  O   . ILE A 1 150 ? -12.157 -6.028  -6.356  1.00 9.27   ? 150 ILE A O   1 
ATOM   1185 C  CB  . ILE A 1 150 ? -11.541 -6.922  -3.228  1.00 4.83   ? 150 ILE A CB  1 
ATOM   1186 C  CG1 . ILE A 1 150 ? -10.376 -7.490  -2.441  1.00 7.81   ? 150 ILE A CG1 1 
ATOM   1187 C  CG2 . ILE A 1 150 ? -12.439 -8.064  -3.810  1.00 13.18  ? 150 ILE A CG2 1 
ATOM   1188 C  CD1 . ILE A 1 150 ? -10.888 -8.387  -1.350  1.00 4.56   ? 150 ILE A CD1 1 
ATOM   1189 N  N   . THR A 1 151 ? -12.843 -4.481  -4.948  1.00 8.61   ? 151 THR A N   1 
ATOM   1190 C  CA  . THR A 1 151 ? -13.813 -4.003  -5.930  1.00 10.84  ? 151 THR A CA  1 
ATOM   1191 C  C   . THR A 1 151 ? -13.116 -3.434  -7.107  1.00 13.47  ? 151 THR A C   1 
ATOM   1192 O  O   . THR A 1 151 ? -13.638 -3.475  -8.202  1.00 6.80   ? 151 THR A O   1 
ATOM   1193 C  CB  . THR A 1 151 ? -14.664 -2.865  -5.351  1.00 25.12  ? 151 THR A CB  1 
ATOM   1194 O  OG1 . THR A 1 151 ? -15.397 -3.529  -4.375  1.00 25.78  ? 151 THR A OG1 1 
ATOM   1195 C  CG2 . THR A 1 151 ? -15.616 -2.097  -6.308  1.00 9.57   ? 151 THR A CG2 1 
ATOM   1196 N  N   . THR A 1 152 ? -11.993 -2.815  -6.805  1.00 6.24   ? 152 THR A N   1 
ATOM   1197 C  CA  . THR A 1 152 ? -11.258 -2.193  -7.844  1.00 6.71   ? 152 THR A CA  1 
ATOM   1198 C  C   . THR A 1 152 ? -10.730 -3.307  -8.781  1.00 18.13  ? 152 THR A C   1 
ATOM   1199 O  O   . THR A 1 152 ? -10.770 -3.218  -10.003 1.00 11.82  ? 152 THR A O   1 
ATOM   1200 C  CB  . THR A 1 152 ? -10.179 -1.270  -7.221  1.00 2.73   ? 152 THR A CB  1 
ATOM   1201 O  OG1 . THR A 1 152 ? -10.818 -0.312  -6.403  1.00 5.31   ? 152 THR A OG1 1 
ATOM   1202 C  CG2 . THR A 1 152 ? -9.382  -0.562  -8.338  1.00 5.63   ? 152 THR A CG2 1 
ATOM   1203 N  N   . PHE A 1 153 ? -10.243 -4.399  -8.206  1.00 6.91   ? 153 PHE A N   1 
ATOM   1204 C  CA  . PHE A 1 153 ? -9.741  -5.469  -9.048  1.00 10.18  ? 153 PHE A CA  1 
ATOM   1205 C  C   . PHE A 1 153 ? -10.857 -6.145  -9.787  1.00 13.69  ? 153 PHE A C   1 
ATOM   1206 O  O   . PHE A 1 153 ? -10.771 -6.555  -10.961 1.00 9.04   ? 153 PHE A O   1 
ATOM   1207 C  CB  . PHE A 1 153 ? -9.108  -6.560  -8.169  1.00 8.86   ? 153 PHE A CB  1 
ATOM   1208 C  CG  . PHE A 1 153 ? -7.689  -6.311  -7.733  1.00 7.12   ? 153 PHE A CG  1 
ATOM   1209 C  CD1 . PHE A 1 153 ? -7.338  -6.409  -6.386  1.00 9.71   ? 153 PHE A CD1 1 
ATOM   1210 C  CD2 . PHE A 1 153 ? -6.677  -6.079  -8.682  1.00 17.98  ? 153 PHE A CD2 1 
ATOM   1211 C  CE1 . PHE A 1 153 ? -5.999  -6.255  -6.004  1.00 12.35  ? 153 PHE A CE1 1 
ATOM   1212 C  CE2 . PHE A 1 153 ? -5.336  -5.910  -8.310  1.00 11.30  ? 153 PHE A CE2 1 
ATOM   1213 C  CZ  . PHE A 1 153 ? -5.004  -6.016  -6.955  1.00 15.51  ? 153 PHE A CZ  1 
ATOM   1214 N  N   . ARG A 1 154 ? -11.941 -6.306  -9.053  1.00 7.24   ? 154 ARG A N   1 
ATOM   1215 C  CA  . ARG A 1 154 ? -13.087 -6.946  -9.660  1.00 14.00  ? 154 ARG A CA  1 
ATOM   1216 C  C   . ARG A 1 154 ? -13.678 -6.235  -10.852 1.00 16.83  ? 154 ARG A C   1 
ATOM   1217 O  O   . ARG A 1 154 ? -14.030 -6.878  -11.833 1.00 14.98  ? 154 ARG A O   1 
ATOM   1218 C  CB  . ARG A 1 154 ? -14.234 -7.115  -8.710  1.00 14.95  ? 154 ARG A CB  1 
ATOM   1219 C  CG  . ARG A 1 154 ? -15.168 -8.161  -9.311  1.00 11.90  ? 154 ARG A CG  1 
ATOM   1220 C  CD  . ARG A 1 154 ? -16.277 -8.457  -8.294  1.00 18.56  ? 154 ARG A CD  1 
ATOM   1221 N  NE  . ARG A 1 154 ? -16.219 -7.634  -7.075  1.00 100.00 ? 154 ARG A NE  1 
ATOM   1222 C  CZ  . ARG A 1 154 ? -17.110 -6.679  -6.750  1.00 100.00 ? 154 ARG A CZ  1 
ATOM   1223 N  NH1 . ARG A 1 154 ? -18.149 -6.393  -7.536  1.00 100.00 ? 154 ARG A NH1 1 
ATOM   1224 N  NH2 . ARG A 1 154 ? -16.967 -5.990  -5.604  1.00 100.00 ? 154 ARG A NH2 1 
ATOM   1225 N  N   . THR A 1 155 ? -13.837 -4.929  -10.728 1.00 9.69   ? 155 THR A N   1 
ATOM   1226 C  CA  . THR A 1 155 ? -14.462 -4.104  -11.724 1.00 4.32   ? 155 THR A CA  1 
ATOM   1227 C  C   . THR A 1 155 ? -13.587 -3.331  -12.663 1.00 25.06  ? 155 THR A C   1 
ATOM   1228 O  O   . THR A 1 155 ? -14.064 -2.877  -13.681 1.00 20.46  ? 155 THR A O   1 
ATOM   1229 C  CB  . THR A 1 155 ? -15.448 -3.054  -11.174 1.00 17.82  ? 155 THR A CB  1 
ATOM   1230 O  OG1 . THR A 1 155 ? -14.846 -2.039  -10.401 1.00 15.19  ? 155 THR A OG1 1 
ATOM   1231 C  CG2 . THR A 1 155 ? -16.569 -3.687  -10.404 1.00 12.78  ? 155 THR A CG2 1 
ATOM   1232 N  N   . GLY A 1 156 ? -12.359 -3.081  -12.335 1.00 17.83  ? 156 GLY A N   1 
ATOM   1233 C  CA  . GLY A 1 156 ? -11.623 -2.254  -13.223 1.00 12.94  ? 156 GLY A CA  1 
ATOM   1234 C  C   . GLY A 1 156 ? -12.143 -0.813  -13.238 1.00 20.48  ? 156 GLY A C   1 
ATOM   1235 O  O   . GLY A 1 156 ? -11.853 -0.068  -14.143 1.00 14.50  ? 156 GLY A O   1 
ATOM   1236 N  N   . THR A 1 157 ? -12.905 -0.323  -12.273 1.00 15.98  ? 157 THR A N   1 
ATOM   1237 C  CA  . THR A 1 157 ? -13.391 1.066   -12.283 1.00 10.63  ? 157 THR A CA  1 
ATOM   1238 C  C   . THR A 1 157 ? -13.039 1.735   -10.939 1.00 10.80  ? 157 THR A C   1 
ATOM   1239 O  O   . THR A 1 157 ? -12.651 1.013   -10.034 1.00 4.72   ? 157 THR A O   1 
ATOM   1240 C  CB  . THR A 1 157 ? -14.938 1.075   -12.250 1.00 19.71  ? 157 THR A CB  1 
ATOM   1241 O  OG1 . THR A 1 157 ? -15.337 0.633   -10.958 1.00 14.75  ? 157 THR A OG1 1 
ATOM   1242 C  CG2 . THR A 1 157 ? -15.545 0.242   -13.385 1.00 16.92  ? 157 THR A CG2 1 
ATOM   1243 N  N   . TRP A 1 158 ? -13.267 3.037   -10.751 1.00 8.38   ? 158 TRP A N   1 
ATOM   1244 C  CA  . TRP A 1 158 ? -13.025 3.680   -9.452  1.00 6.98   ? 158 TRP A CA  1 
ATOM   1245 C  C   . TRP A 1 158 ? -14.282 3.772   -8.605  1.00 20.50  ? 158 TRP A C   1 
ATOM   1246 O  O   . TRP A 1 158 ? -14.373 4.534   -7.680  1.00 10.70  ? 158 TRP A O   1 
ATOM   1247 C  CB  . TRP A 1 158 ? -12.560 5.127   -9.629  1.00 10.80  ? 158 TRP A CB  1 
ATOM   1248 C  CG  . TRP A 1 158 ? -11.241 5.170   -10.290 1.00 14.48  ? 158 TRP A CG  1 
ATOM   1249 C  CD1 . TRP A 1 158 ? -11.037 5.528   -11.571 1.00 13.25  ? 158 TRP A CD1 1 
ATOM   1250 C  CD2 . TRP A 1 158 ? -9.951  4.820   -9.736  1.00 15.79  ? 158 TRP A CD2 1 
ATOM   1251 N  NE1 . TRP A 1 158 ? -9.702  5.431   -11.847 1.00 8.53   ? 158 TRP A NE1 1 
ATOM   1252 C  CE2 . TRP A 1 158 ? -9.002  5.011   -10.735 1.00 15.18  ? 158 TRP A CE2 1 
ATOM   1253 C  CE3 . TRP A 1 158 ? -9.510  4.352   -8.519  1.00 15.08  ? 158 TRP A CE3 1 
ATOM   1254 C  CZ2 . TRP A 1 158 ? -7.629  4.811   -10.535 1.00 12.79  ? 158 TRP A CZ2 1 
ATOM   1255 C  CZ3 . TRP A 1 158 ? -8.168  4.147   -8.347  1.00 11.52  ? 158 TRP A CZ3 1 
ATOM   1256 C  CH2 . TRP A 1 158 ? -7.230  4.382   -9.318  1.00 6.92   ? 158 TRP A CH2 1 
ATOM   1257 N  N   . ASP A 1 159 ? -15.286 2.998   -8.883  1.00 16.29  ? 159 ASP A N   1 
ATOM   1258 C  CA  . ASP A 1 159 ? -16.480 3.157   -8.082  1.00 13.79  ? 159 ASP A CA  1 
ATOM   1259 C  C   . ASP A 1 159 ? -16.391 3.090   -6.568  1.00 15.09  ? 159 ASP A C   1 
ATOM   1260 O  O   . ASP A 1 159 ? -17.195 3.707   -5.869  1.00 18.89  ? 159 ASP A O   1 
ATOM   1261 C  CB  . ASP A 1 159 ? -17.517 2.101   -8.518  1.00 16.49  ? 159 ASP A CB  1 
ATOM   1262 C  CG  . ASP A 1 159 ? -17.946 2.241   -9.975  1.00 46.07  ? 159 ASP A CG  1 
ATOM   1263 O  OD1 . ASP A 1 159 ? -17.684 3.228   -10.663 1.00 41.46  ? 159 ASP A OD1 1 
ATOM   1264 O  OD2 . ASP A 1 159 ? -18.611 1.186   -10.398 1.00 50.88  ? 159 ASP A OD2 1 
ATOM   1265 N  N   . ALA A 1 160 ? -15.498 2.307   -6.046  1.00 12.63  ? 160 ALA A N   1 
ATOM   1266 C  CA  . ALA A 1 160 ? -15.414 2.128   -4.573  1.00 8.75   ? 160 ALA A CA  1 
ATOM   1267 C  C   . ALA A 1 160 ? -14.732 3.334   -3.971  1.00 12.56  ? 160 ALA A C   1 
ATOM   1268 O  O   . ALA A 1 160 ? -14.762 3.542   -2.792  1.00 17.13  ? 160 ALA A O   1 
ATOM   1269 C  CB  . ALA A 1 160 ? -14.563 0.872   -4.303  1.00 14.88  ? 160 ALA A CB  1 
ATOM   1270 N  N   . TYR A 1 161 ? -14.126 4.118   -4.835  1.00 10.86  ? 161 TYR A N   1 
ATOM   1271 C  CA  . TYR A 1 161 ? -13.477 5.271   -4.357  1.00 9.53   ? 161 TYR A CA  1 
ATOM   1272 C  C   . TYR A 1 161 ? -14.384 6.429   -4.626  1.00 30.10  ? 161 TYR A C   1 
ATOM   1273 O  O   . TYR A 1 161 ? -14.056 7.551   -4.234  1.00 19.18  ? 161 TYR A O   1 
ATOM   1274 C  CB  . TYR A 1 161 ? -12.082 5.444   -4.933  1.00 8.62   ? 161 TYR A CB  1 
ATOM   1275 C  CG  . TYR A 1 161 ? -11.163 4.482   -4.206  1.00 12.75  ? 161 TYR A CG  1 
ATOM   1276 C  CD1 . TYR A 1 161 ? -11.156 3.166   -4.645  1.00 11.17  ? 161 TYR A CD1 1 
ATOM   1277 C  CD2 . TYR A 1 161 ? -10.449 4.796   -3.035  1.00 5.08   ? 161 TYR A CD2 1 
ATOM   1278 C  CE1 . TYR A 1 161 ? -10.359 2.210   -4.025  1.00 8.50   ? 161 TYR A CE1 1 
ATOM   1279 C  CE2 . TYR A 1 161 ? -9.612  3.859   -2.426  1.00 7.32   ? 161 TYR A CE2 1 
ATOM   1280 C  CZ  . TYR A 1 161 ? -9.552  2.571   -2.952  1.00 6.33   ? 161 TYR A CZ  1 
ATOM   1281 O  OH  . TYR A 1 161 ? -8.833  1.600   -2.298  1.00 11.15  ? 161 TYR A OH  1 
ATOM   1282 N  N   . LYS A 1 162 ? -15.541 6.067   -5.219  1.00 60.04  ? 162 LYS A N   1 
ATOM   1283 C  CA  . LYS A 1 162 ? -16.696 6.900   -5.577  1.00 52.55  ? 162 LYS A CA  1 
ATOM   1284 C  C   . LYS A 1 162 ? -16.323 8.043   -6.513  1.00 100.00 ? 162 LYS A C   1 
ATOM   1285 O  O   . LYS A 1 162 ? -15.752 7.847   -7.598  1.00 100.00 ? 162 LYS A O   1 
ATOM   1286 C  CB  . LYS A 1 162 ? -17.544 7.330   -4.384  1.00 43.36  ? 162 LYS A CB  1 
ATOM   1287 C  CG  . LYS A 1 162 ? -17.364 8.803   -4.056  1.00 21.75  ? 162 LYS A CG  1 
ATOM   1288 C  CD  . LYS A 1 162 ? -17.819 9.119   -2.627  1.00 76.97  ? 162 LYS A CD  1 
ATOM   1289 C  CE  . LYS A 1 162 ? -16.697 9.628   -1.717  1.00 96.98  ? 162 LYS A CE  1 
ATOM   1290 N  NZ  . LYS A 1 162 ? -16.013 8.593   -0.909  1.00 99.26  ? 162 LYS A NZ  1 
HETATM 1291 CL CL  . CL  B 2 .   ? -10.101 -0.959  6.801   0.50 15.86  ? 173 CL  A CL  1 
HETATM 1292 CL CL  . CL  C 2 .   ? 13.768  9.382   2.756   1.00 45.22  ? 178 CL  A CL  1 
HETATM 1293 C  C1  . BME D 3 .   ? 9.525   4.308   -11.304 1.00 46.10  ? 168 BME A C1  1 
HETATM 1294 C  C2  . BME D 3 .   ? 8.113   3.692   -11.261 1.00 65.63  ? 168 BME A C2  1 
HETATM 1295 O  O1  . BME D 3 .   ? 9.553   5.690   -11.231 1.00 58.63  ? 168 BME A O1  1 
HETATM 1296 S  S2  . BME D 3 .   ? 8.069   2.081   -12.069 1.00 67.54  ? 168 BME A S2  1 
HETATM 1297 C  C1  . BME E 3 .   ? 4.435   1.508   3.553   1.00 75.24  ? 169 BME A C1  1 
HETATM 1298 C  C2  . BME E 3 .   ? 2.930   1.825   3.829   1.00 83.46  ? 169 BME A C2  1 
HETATM 1299 O  O1  . BME E 3 .   ? 4.880   1.955   2.284   1.00 87.97  ? 169 BME A O1  1 
HETATM 1300 S  S2  . BME E 3 .   ? 2.339   1.369   5.499   1.00 85.28  ? 169 BME A S2  1 
HETATM 1301 C  C1  . BME F 3 .   ? 0.866   5.019   -12.633 1.00 38.15  ? 170 BME A C1  1 
HETATM 1302 C  C2  . BME F 3 .   ? 1.985   5.295   -11.622 1.00 64.29  ? 170 BME A C2  1 
HETATM 1303 O  O1  . BME F 3 .   ? -0.093  4.170   -12.044 1.00 50.75  ? 170 BME A O1  1 
HETATM 1304 S  S2  . BME F 3 .   ? 3.508   5.642   -12.483 1.00 66.21  ? 170 BME A S2  1 
HETATM 1305 C  C1  . 2CM G 4 .   ? -0.711  -7.699  -7.471  1.00 18.35  ? 404 2CM A C1  1 
HETATM 1306 C  C2  . 2CM G 4 .   ? 0.470   -7.208  -6.943  1.00 23.87  ? 404 2CM A C2  1 
HETATM 1307 C  C3  . 2CM G 4 .   ? -0.756  -7.927  -8.841  1.00 35.39  ? 404 2CM A C3  1 
HETATM 1308 N  N4  . 2CM G 4 .   ? -1.787  -7.937  -6.643  1.00 23.31  ? 404 2CM A N4  1 
HETATM 1309 C  C5  . 2CM G 4 .   ? 1.571   -6.947  -7.761  1.00 13.85  ? 404 2CM A C5  1 
HETATM 1310 C  C6  . 2CM G 4 .   ? 0.491   -6.951  -5.469  1.00 36.70  ? 404 2CM A C6  1 
HETATM 1311 C  C7  . 2CM G 4 .   ? 0.334   -7.699  -9.673  1.00 5.82   ? 404 2CM A C7  1 
HETATM 1312 CL CL8 . 2CM G 4 .   ? -2.172  -8.478  -9.520  1.00 35.62  ? 404 2CM A CL8 1 
HETATM 1313 C  C9  . 2CM G 4 .   ? 1.510   -7.198  -9.130  1.00 23.64  ? 404 2CM A C9  1 
HETATM 1314 O  O   . HOH H 5 .   ? 4.264   7.723   2.438   1.00 3.72   ? 171 HOH A O   1 
HETATM 1315 O  O   . HOH H 5 .   ? -4.431  -6.079  6.667   1.00 26.44  ? 172 HOH A O   1 
HETATM 1316 O  O   . HOH H 5 .   ? -8.737  -4.583  12.655  1.00 22.55  ? 174 HOH A O   1 
HETATM 1317 O  O   . HOH H 5 .   ? -13.273 0.759   -7.195  1.00 16.83  ? 175 HOH A O   1 
HETATM 1318 O  O   . HOH H 5 .   ? 12.019  12.649  15.075  1.00 18.09  ? 176 HOH A O   1 
HETATM 1319 O  O   . HOH H 5 .   ? 13.970  12.179  -3.103  1.00 16.81  ? 177 HOH A O   1 
HETATM 1320 O  O   . HOH H 5 .   ? 4.024   10.204  3.789   1.00 11.31  ? 179 HOH A O   1 
HETATM 1321 O  O   . HOH H 5 .   ? -15.263 -0.851  2.035   1.00 17.34  ? 180 HOH A O   1 
HETATM 1322 O  O   . HOH H 5 .   ? -2.711  -2.334  -20.088 1.00 23.46  ? 181 HOH A O   1 
HETATM 1323 O  O   . HOH H 5 .   ? 10.404  6.916   1.409   1.00 19.13  ? 182 HOH A O   1 
HETATM 1324 O  O   . HOH H 5 .   ? 14.747  12.431  0.428   1.00 19.76  ? 183 HOH A O   1 
HETATM 1325 O  O   . HOH H 5 .   ? 11.117  8.594   -6.377  1.00 30.41  ? 185 HOH A O   1 
HETATM 1326 O  O   . HOH H 5 .   ? 2.906   12.921  -3.095  1.00 28.26  ? 186 HOH A O   1 
HETATM 1327 O  O   . HOH H 5 .   ? -7.822  12.305  -11.334 1.00 41.02  ? 187 HOH A O   1 
HETATM 1328 O  O   . HOH H 5 .   ? -13.501 -11.558 10.577  1.00 35.85  ? 188 HOH A O   1 
HETATM 1329 O  O   . HOH H 5 .   ? 6.387   0.152   15.738  1.00 16.58  ? 190 HOH A O   1 
HETATM 1330 O  O   . HOH H 5 .   ? 5.157   -0.437  18.108  1.00 35.62  ? 191 HOH A O   1 
HETATM 1331 O  O   . HOH H 5 .   ? 2.102   -9.928  -19.171 1.00 17.29  ? 193 HOH A O   1 
HETATM 1332 O  O   . HOH H 5 .   ? -2.605  6.378   -11.313 1.00 19.61  ? 195 HOH A O   1 
HETATM 1333 O  O   . HOH H 5 .   ? 9.681   19.075  13.353  1.00 32.57  ? 196 HOH A O   1 
HETATM 1334 O  O   . HOH H 5 .   ? 18.613  5.328   12.763  1.00 20.34  ? 198 HOH A O   1 
HETATM 1335 O  O   . HOH H 5 .   ? -1.618  3.141   -14.057 1.00 29.77  ? 199 HOH A O   1 
HETATM 1336 O  O   . HOH H 5 .   ? 11.995  5.596   6.641   1.00 37.75  ? 200 HOH A O   1 
HETATM 1337 O  O   . HOH H 5 .   ? 12.008  5.659   -3.743  1.00 33.16  ? 201 HOH A O   1 
HETATM 1338 O  O   . HOH H 5 .   ? 2.517   1.730   8.459   1.00 21.44  ? 203 HOH A O   1 
HETATM 1339 O  O   . HOH H 5 .   ? -0.334  2.252   7.354   1.00 40.52  ? 204 HOH A O   1 
HETATM 1340 O  O   . HOH H 5 .   ? -5.531  0.387   6.014   1.00 29.98  ? 207 HOH A O   1 
HETATM 1341 O  O   . HOH H 5 .   ? -4.107  -2.748  -0.058  1.00 9.44   ? 208 HOH A O   1 
HETATM 1342 O  O   . HOH H 5 .   ? -10.137 -0.602  -16.427 1.00 27.07  ? 210 HOH A O   1 
HETATM 1343 O  O   . HOH H 5 .   ? -15.423 2.140   1.657   1.00 26.45  ? 211 HOH A O   1 
HETATM 1344 O  O   . HOH H 5 .   ? -4.762  -9.473  -16.069 1.00 11.01  ? 213 HOH A O   1 
HETATM 1345 O  O   . HOH H 5 .   ? -16.311 -9.696  -13.369 1.00 30.24  ? 217 HOH A O   1 
HETATM 1346 O  O   . HOH H 5 .   ? -12.340 -18.044 -6.332  1.00 24.60  ? 218 HOH A O   1 
HETATM 1347 O  O   . HOH H 5 .   ? -10.684 -19.283 -4.106  1.00 28.47  ? 219 HOH A O   1 
HETATM 1348 O  O   . HOH H 5 .   ? 11.816  -2.155  10.909  1.00 43.75  ? 222 HOH A O   1 
HETATM 1349 O  O   . HOH H 5 .   ? -5.473  12.273  -12.405 1.00 26.01  ? 223 HOH A O   1 
HETATM 1350 O  O   . HOH H 5 .   ? -1.968  4.375   7.837   1.00 31.91  ? 229 HOH A O   1 
HETATM 1351 O  O   . HOH H 5 .   ? -14.630 4.952   -12.385 1.00 48.05  ? 231 HOH A O   1 
HETATM 1352 O  O   . HOH H 5 .   ? -16.601 1.553   -1.569  1.00 50.81  ? 232 HOH A O   1 
HETATM 1353 O  O   . HOH H 5 .   ? -15.311 -13.114 -13.588 1.00 21.35  ? 235 HOH A O   1 
HETATM 1354 O  O   . HOH H 5 .   ? -15.876 -7.089  -14.081 1.00 26.16  ? 238 HOH A O   1 
HETATM 1355 O  O   . HOH H 5 .   ? 12.984  13.160  2.465   1.00 27.41  ? 239 HOH A O   1 
HETATM 1356 O  O   . HOH H 5 .   ? 6.612   17.467  -1.515  1.00 21.49  ? 240 HOH A O   1 
HETATM 1357 O  O   . HOH H 5 .   ? 11.715  -0.489  -4.997  1.00 40.75  ? 242 HOH A O   1 
HETATM 1358 O  O   . HOH H 5 .   ? -14.454 -14.982 -0.002  1.00 21.25  ? 251 HOH A O   1 
HETATM 1359 O  O   . HOH H 5 .   ? 3.560   -14.890 -11.186 1.00 36.58  ? 253 HOH A O   1 
HETATM 1360 O  O   . HOH H 5 .   ? -0.303  0.836   4.855   1.00 25.79  ? 256 HOH A O   1 
HETATM 1361 O  O   . HOH H 5 .   ? 13.003  18.621  5.142   1.00 56.32  ? 259 HOH A O   1 
HETATM 1362 O  O   . HOH H 5 .   ? -3.959  3.329   13.208  1.00 26.75  ? 269 HOH A O   1 
HETATM 1363 O  O   . HOH H 5 .   ? -3.171  -12.062 4.108   1.00 16.94  ? 270 HOH A O   1 
HETATM 1364 O  O   . HOH H 5 .   ? -12.714 2.092   -15.976 1.00 33.15  ? 273 HOH A O   1 
HETATM 1365 O  O   . HOH H 5 .   ? 6.024   1.281   -0.198  1.00 41.38  ? 274 HOH A O   1 
HETATM 1366 O  O   . HOH H 5 .   ? 14.572  14.538  16.806  1.00 31.04  ? 278 HOH A O   1 
HETATM 1367 O  O   . HOH H 5 .   ? 12.391  3.334   8.503   1.00 22.50  ? 281 HOH A O   1 
HETATM 1368 O  O   . HOH H 5 .   ? 13.114  6.523   3.272   1.00 24.91  ? 282 HOH A O   1 
HETATM 1369 O  O   . HOH H 5 .   ? -3.381  -9.026  -20.305 1.00 54.34  ? 291 HOH A O   1 
HETATM 1370 O  O   . HOH H 5 .   ? -14.381 -15.008 -13.010 1.00 21.81  ? 293 HOH A O   1 
HETATM 1371 O  O   . HOH H 5 .   ? -11.099 9.102   -12.973 1.00 36.60  ? 296 HOH A O   1 
HETATM 1372 O  O   . HOH H 5 .   ? 0.709   -16.172 -11.878 1.00 41.22  ? 301 HOH A O   1 
HETATM 1373 O  O   . HOH H 5 .   ? 5.883   -8.881  -18.847 1.00 41.74  ? 302 HOH A O   1 
HETATM 1374 O  O   . HOH H 5 .   ? -14.277 -11.842 -15.601 1.00 36.86  ? 311 HOH A O   1 
HETATM 1375 O  O   . HOH H 5 .   ? 7.582   15.655  -2.988  1.00 31.93  ? 320 HOH A O   1 
# 
loop_
_pdbx_poly_seq_scheme.asym_id 
_pdbx_poly_seq_scheme.entity_id 
_pdbx_poly_seq_scheme.seq_id 
_pdbx_poly_seq_scheme.mon_id 
_pdbx_poly_seq_scheme.ndb_seq_num 
_pdbx_poly_seq_scheme.pdb_seq_num 
_pdbx_poly_seq_scheme.auth_seq_num 
_pdbx_poly_seq_scheme.pdb_mon_id 
_pdbx_poly_seq_scheme.auth_mon_id 
_pdbx_poly_seq_scheme.pdb_strand_id 
_pdbx_poly_seq_scheme.pdb_ins_code 
_pdbx_poly_seq_scheme.hetero 
A 1 1   MET 1   1   1   MET MET A . n 
A 1 2   ASN 2   2   2   ASN ASN A . n 
A 1 3   ILE 3   3   3   ILE ILE A . n 
A 1 4   PHE 4   4   4   PHE PHE A . n 
A 1 5   GLU 5   5   5   GLU GLU A . n 
A 1 6   MET 6   6   6   MET MET A . n 
A 1 7   LEU 7   7   7   LEU LEU A . n 
A 1 8   ARG 8   8   8   ARG ARG A . n 
A 1 9   ILE 9   9   9   ILE ILE A . n 
A 1 10  ASP 10  10  10  ASP ASP A . n 
A 1 11  GLU 11  11  11  GLU GLU A . n 
A 1 12  GLY 12  12  12  GLY GLY A . n 
A 1 13  LEU 13  13  13  LEU LEU A . n 
A 1 14  ARG 14  14  14  ARG ARG A . n 
A 1 15  LEU 15  15  15  LEU LEU A . n 
A 1 16  LYS 16  16  16  LYS LYS A . n 
A 1 17  ILE 17  17  17  ILE ILE A . n 
A 1 18  TYR 18  18  18  TYR TYR A . n 
A 1 19  LYS 19  19  19  LYS LYS A . n 
A 1 20  ASP 20  20  20  ASP ASP A . n 
A 1 21  THR 21  21  21  THR THR A . n 
A 1 22  GLU 22  22  22  GLU GLU A . n 
A 1 23  GLY 23  23  23  GLY GLY A . n 
A 1 24  TYR 24  24  24  TYR TYR A . n 
A 1 25  TYR 25  25  25  TYR TYR A . n 
A 1 26  THR 26  26  26  THR THR A . n 
A 1 27  ILE 27  27  27  ILE ILE A . n 
A 1 28  GLY 28  28  28  GLY GLY A . n 
A 1 29  ILE 29  29  29  ILE ILE A . n 
A 1 30  GLY 30  30  30  GLY GLY A . n 
A 1 31  HIS 31  31  31  HIS HIS A . n 
A 1 32  LEU 32  32  32  LEU LEU A . n 
A 1 33  LEU 33  33  33  LEU LEU A . n 
A 1 34  THR 34  34  34  THR THR A . n 
A 1 35  LYS 35  35  35  LYS LYS A . n 
A 1 36  SER 36  36  36  SER SER A . n 
A 1 37  PRO 37  37  37  PRO PRO A . n 
A 1 38  SER 38  38  38  SER SER A . n 
A 1 39  LEU 39  39  39  LEU LEU A . n 
A 1 40  ASN 40  40  40  ASN ASN A . n 
A 1 41  ALA 41  41  41  ALA ALA A . n 
A 1 42  ALA 42  42  42  ALA ALA A . n 
A 1 43  LYS 43  43  43  LYS LYS A . n 
A 1 44  SER 44  44  44  SER SER A . n 
A 1 45  GLU 45  45  45  GLU GLU A . n 
A 1 46  LEU 46  46  46  LEU LEU A . n 
A 1 47  ASP 47  47  47  ASP ASP A . n 
A 1 48  LYS 48  48  48  LYS LYS A . n 
A 1 49  ALA 49  49  49  ALA ALA A . n 
A 1 50  ILE 50  50  50  ILE ILE A . n 
A 1 51  GLY 51  51  51  GLY GLY A . n 
A 1 52  ARG 52  52  52  ARG ARG A . n 
A 1 53  ASN 53  53  53  ASN ASN A . n 
A 1 54  CYS 54  54  54  CYS CYS A . n 
A 1 55  ASN 55  55  55  ASN ASN A . n 
A 1 56  GLY 56  56  56  GLY GLY A . n 
A 1 57  VAL 57  57  57  VAL VAL A . n 
A 1 58  ILE 58  58  58  ILE ILE A . n 
A 1 59  THR 59  59  59  THR THR A . n 
A 1 60  LYS 60  60  60  LYS LYS A . n 
A 1 61  ASP 61  61  61  ASP ASP A . n 
A 1 62  GLU 62  62  62  GLU GLU A . n 
A 1 63  ALA 63  63  63  ALA ALA A . n 
A 1 64  GLU 64  64  64  GLU GLU A . n 
A 1 65  LYS 65  65  65  LYS LYS A . n 
A 1 66  LEU 66  66  66  LEU LEU A . n 
A 1 67  PHE 67  67  67  PHE PHE A . n 
A 1 68  ASN 68  68  68  ASN ASN A . n 
A 1 69  GLN 69  69  69  GLN GLN A . n 
A 1 70  ASP 70  70  70  ASP ASP A . n 
A 1 71  VAL 71  71  71  VAL VAL A . n 
A 1 72  ASP 72  72  72  ASP ASP A . n 
A 1 73  ALA 73  73  73  ALA ALA A . n 
A 1 74  ALA 74  74  74  ALA ALA A . n 
A 1 75  VAL 75  75  75  VAL VAL A . n 
A 1 76  ARG 76  76  76  ARG ARG A . n 
A 1 77  GLY 77  77  77  GLY GLY A . n 
A 1 78  ILE 78  78  78  ILE ILE A . n 
A 1 79  LEU 79  79  79  LEU LEU A . n 
A 1 80  ARG 80  80  80  ARG ARG A . n 
A 1 81  ASN 81  81  81  ASN ASN A . n 
A 1 82  ALA 82  82  82  ALA ALA A . n 
A 1 83  LYS 83  83  83  LYS LYS A . n 
A 1 84  LEU 84  84  84  LEU LEU A . n 
A 1 85  LYS 85  85  85  LYS LYS A . n 
A 1 86  PRO 86  86  86  PRO PRO A . n 
A 1 87  VAL 87  87  87  VAL VAL A . n 
A 1 88  TYR 88  88  88  TYR TYR A . n 
A 1 89  ASP 89  89  89  ASP ASP A . n 
A 1 90  SER 90  90  90  SER SER A . n 
A 1 91  LEU 91  91  91  LEU LEU A . n 
A 1 92  ASP 92  92  92  ASP ASP A . n 
A 1 93  ALA 93  93  93  ALA ALA A . n 
A 1 94  VAL 94  94  94  VAL VAL A . n 
A 1 95  ARG 95  95  95  ARG ARG A . n 
A 1 96  ARG 96  96  96  ARG ARG A . n 
A 1 97  CYS 97  97  97  CYS CYS A . n 
A 1 98  ALA 98  98  98  ALA ALA A . n 
A 1 99  ALA 99  99  99  ALA ALA A . n 
A 1 100 ILE 100 100 100 ILE ILE A . n 
A 1 101 ASN 101 101 101 ASN ASN A . n 
A 1 102 GLN 102 102 102 GLN GLN A . n 
A 1 103 VAL 103 103 103 VAL VAL A . n 
A 1 104 PHE 104 104 104 PHE PHE A . n 
A 1 105 GLN 105 105 105 GLN GLN A . n 
A 1 106 MET 106 106 106 MET MET A . n 
A 1 107 GLY 107 107 107 GLY GLY A . n 
A 1 108 GLU 108 108 108 GLU GLU A . n 
A 1 109 THR 109 109 109 THR THR A . n 
A 1 110 GLY 110 110 110 GLY GLY A . n 
A 1 111 VAL 111 111 111 VAL VAL A . n 
A 1 112 ALA 112 112 112 ALA ALA A . n 
A 1 113 GLY 113 113 113 GLY GLY A . n 
A 1 114 PHE 114 114 114 PHE PHE A . n 
A 1 115 THR 115 115 115 THR THR A . n 
A 1 116 ASN 116 116 116 ASN ASN A . n 
A 1 117 SER 117 117 117 SER SER A . n 
A 1 118 LEU 118 118 118 LEU LEU A . n 
A 1 119 ARG 119 119 119 ARG ARG A . n 
A 1 120 MET 120 120 120 MET MET A . n 
A 1 121 LEU 121 121 121 LEU LEU A . n 
A 1 122 GLN 122 122 122 GLN GLN A . n 
A 1 123 GLN 123 123 123 GLN GLN A . n 
A 1 124 LYS 124 124 124 LYS LYS A . n 
A 1 125 ARG 125 125 125 ARG ARG A . n 
A 1 126 TRP 126 126 126 TRP TRP A . n 
A 1 127 ASP 127 127 127 ASP ASP A . n 
A 1 128 GLU 128 128 128 GLU GLU A . n 
A 1 129 ALA 129 129 129 ALA ALA A . n 
A 1 130 ALA 130 130 130 ALA ALA A . n 
A 1 131 VAL 131 131 131 VAL VAL A . n 
A 1 132 ASN 132 132 132 ASN ASN A . n 
A 1 133 LEU 133 133 133 LEU LEU A . n 
A 1 134 ALA 134 134 134 ALA ALA A . n 
A 1 135 LYS 135 135 135 LYS LYS A . n 
A 1 136 SER 136 136 136 SER SER A . n 
A 1 137 ARG 137 137 137 ARG ARG A . n 
A 1 138 TRP 138 138 138 TRP TRP A . n 
A 1 139 TYR 139 139 139 TYR TYR A . n 
A 1 140 ASN 140 140 140 ASN ASN A . n 
A 1 141 GLN 141 141 141 GLN GLN A . n 
A 1 142 THR 142 142 142 THR THR A . n 
A 1 143 PRO 143 143 143 PRO PRO A . n 
A 1 144 ASN 144 144 144 ASN ASN A . n 
A 1 145 ARG 145 145 145 ARG ARG A . n 
A 1 146 ALA 146 146 146 ALA ALA A . n 
A 1 147 LYS 147 147 147 LYS LYS A . n 
A 1 148 ARG 148 148 148 ARG ARG A . n 
A 1 149 VAL 149 149 149 VAL VAL A . n 
A 1 150 ILE 150 150 150 ILE ILE A . n 
A 1 151 THR 151 151 151 THR THR A . n 
A 1 152 THR 152 152 152 THR THR A . n 
A 1 153 PHE 153 153 153 PHE PHE A . n 
A 1 154 ARG 154 154 154 ARG ARG A . n 
A 1 155 THR 155 155 155 THR THR A . n 
A 1 156 GLY 156 156 156 GLY GLY A . n 
A 1 157 THR 157 157 157 THR THR A . n 
A 1 158 TRP 158 158 158 TRP TRP A . n 
A 1 159 ASP 159 159 159 ASP ASP A . n 
A 1 160 ALA 160 160 160 ALA ALA A . n 
A 1 161 TYR 161 161 161 TYR TYR A . n 
A 1 162 LYS 162 162 162 LYS LYS A . n 
A 1 163 ASN 163 163 ?   ?   ?   A . n 
A 1 164 LEU 164 164 ?   ?   ?   A . n 
# 
loop_
_pdbx_nonpoly_scheme.asym_id 
_pdbx_nonpoly_scheme.entity_id 
_pdbx_nonpoly_scheme.mon_id 
_pdbx_nonpoly_scheme.ndb_seq_num 
_pdbx_nonpoly_scheme.pdb_seq_num 
_pdbx_nonpoly_scheme.auth_seq_num 
_pdbx_nonpoly_scheme.pdb_mon_id 
_pdbx_nonpoly_scheme.auth_mon_id 
_pdbx_nonpoly_scheme.pdb_strand_id 
_pdbx_nonpoly_scheme.pdb_ins_code 
B 2 CL  1  173 173 CL  SOL A . 
C 2 CL  1  178 178 CL  SOL A . 
D 3 BME 1  168 168 BME BME A . 
E 3 BME 1  169 169 BME BME A . 
F 3 BME 1  170 170 BME BME A . 
G 4 2CM 1  404 404 2CM CHM A . 
H 5 HOH 1  171 171 HOH SOL A . 
H 5 HOH 2  172 172 HOH SOL A . 
H 5 HOH 3  174 174 HOH SOL A . 
H 5 HOH 4  175 175 HOH SOL A . 
H 5 HOH 5  176 176 HOH SOL A . 
H 5 HOH 6  177 177 HOH SOL A . 
H 5 HOH 7  179 179 HOH SOL A . 
H 5 HOH 8  180 180 HOH SOL A . 
H 5 HOH 9  181 181 HOH SOL A . 
H 5 HOH 10 182 182 HOH SOL A . 
H 5 HOH 11 183 183 HOH SOL A . 
H 5 HOH 12 185 185 HOH SOL A . 
H 5 HOH 13 186 186 HOH SOL A . 
H 5 HOH 14 187 187 HOH SOL A . 
H 5 HOH 15 188 188 HOH SOL A . 
H 5 HOH 16 190 190 HOH SOL A . 
H 5 HOH 17 191 191 HOH SOL A . 
H 5 HOH 18 193 193 HOH SOL A . 
H 5 HOH 19 195 195 HOH SOL A . 
H 5 HOH 20 196 196 HOH SOL A . 
H 5 HOH 21 198 198 HOH SOL A . 
H 5 HOH 22 199 199 HOH SOL A . 
H 5 HOH 23 200 200 HOH SOL A . 
H 5 HOH 24 201 201 HOH SOL A . 
H 5 HOH 25 203 203 HOH SOL A . 
H 5 HOH 26 204 204 HOH SOL A . 
H 5 HOH 27 207 207 HOH SOL A . 
H 5 HOH 28 208 208 HOH SOL A . 
H 5 HOH 29 210 210 HOH SOL A . 
H 5 HOH 30 211 211 HOH SOL A . 
H 5 HOH 31 213 213 HOH SOL A . 
H 5 HOH 32 217 217 HOH SOL A . 
H 5 HOH 33 218 218 HOH SOL A . 
H 5 HOH 34 219 219 HOH SOL A . 
H 5 HOH 35 222 222 HOH SOL A . 
H 5 HOH 36 223 223 HOH SOL A . 
H 5 HOH 37 229 229 HOH SOL A . 
H 5 HOH 38 231 231 HOH SOL A . 
H 5 HOH 39 232 232 HOH SOL A . 
H 5 HOH 40 235 235 HOH SOL A . 
H 5 HOH 41 238 238 HOH SOL A . 
H 5 HOH 42 239 239 HOH SOL A . 
H 5 HOH 43 240 240 HOH SOL A . 
H 5 HOH 44 242 242 HOH SOL A . 
H 5 HOH 45 251 251 HOH SOL A . 
H 5 HOH 46 253 253 HOH SOL A . 
H 5 HOH 47 256 256 HOH SOL A . 
H 5 HOH 48 259 259 HOH SOL A . 
H 5 HOH 49 269 269 HOH SOL A . 
H 5 HOH 50 270 270 HOH SOL A . 
H 5 HOH 51 273 273 HOH SOL A . 
H 5 HOH 52 274 274 HOH SOL A . 
H 5 HOH 53 278 278 HOH SOL A . 
H 5 HOH 54 281 281 HOH SOL A . 
H 5 HOH 55 282 282 HOH SOL A . 
H 5 HOH 56 291 291 HOH SOL A . 
H 5 HOH 57 293 293 HOH SOL A . 
H 5 HOH 58 296 296 HOH SOL A . 
H 5 HOH 59 301 301 HOH SOL A . 
H 5 HOH 60 302 302 HOH SOL A . 
H 5 HOH 61 311 311 HOH SOL A . 
H 5 HOH 62 320 320 HOH SOL A . 
# 
_pdbx_struct_assembly.id                   1 
_pdbx_struct_assembly.details              author_defined_assembly 
_pdbx_struct_assembly.method_details       ? 
_pdbx_struct_assembly.oligomeric_details   monomeric 
_pdbx_struct_assembly.oligomeric_count     1 
# 
_pdbx_struct_assembly_gen.assembly_id       1 
_pdbx_struct_assembly_gen.oper_expression   1 
_pdbx_struct_assembly_gen.asym_id_list      A,B,C,D,E,F,G,H 
# 
_pdbx_struct_oper_list.id                   1 
_pdbx_struct_oper_list.type                 'identity operation' 
_pdbx_struct_oper_list.name                 1_555 
_pdbx_struct_oper_list.symmetry_operation   x,y,z 
_pdbx_struct_oper_list.matrix[1][1]         1.0000000000 
_pdbx_struct_oper_list.matrix[1][2]         0.0000000000 
_pdbx_struct_oper_list.matrix[1][3]         0.0000000000 
_pdbx_struct_oper_list.vector[1]            0.0000000000 
_pdbx_struct_oper_list.matrix[2][1]         0.0000000000 
_pdbx_struct_oper_list.matrix[2][2]         1.0000000000 
_pdbx_struct_oper_list.matrix[2][3]         0.0000000000 
_pdbx_struct_oper_list.vector[2]            0.0000000000 
_pdbx_struct_oper_list.matrix[3][1]         0.0000000000 
_pdbx_struct_oper_list.matrix[3][2]         0.0000000000 
_pdbx_struct_oper_list.matrix[3][3]         1.0000000000 
_pdbx_struct_oper_list.vector[3]            0.0000000000 
# 
loop_
_pdbx_audit_revision_history.ordinal 
_pdbx_audit_revision_history.data_content_type 
_pdbx_audit_revision_history.major_revision 
_pdbx_audit_revision_history.minor_revision 
_pdbx_audit_revision_history.revision_date 
1 'Structure model' 1 0 2004-04-06 
2 'Structure model' 1 1 2008-04-29 
3 'Structure model' 1 2 2011-07-13 
4 'Structure model' 1 3 2021-10-27 
5 'Structure model' 1 4 2023-08-16 
# 
_pdbx_audit_revision_details.ordinal             1 
_pdbx_audit_revision_details.revision_ordinal    1 
_pdbx_audit_revision_details.data_content_type   'Structure model' 
_pdbx_audit_revision_details.provider            repository 
_pdbx_audit_revision_details.type                'Initial release' 
_pdbx_audit_revision_details.description         ? 
_pdbx_audit_revision_details.details             ? 
# 
loop_
_pdbx_audit_revision_group.ordinal 
_pdbx_audit_revision_group.revision_ordinal 
_pdbx_audit_revision_group.data_content_type 
_pdbx_audit_revision_group.group 
1 2 'Structure model' 'Version format compliance' 
2 3 'Structure model' 'Version format compliance' 
3 4 'Structure model' 'Database references'       
4 4 'Structure model' 'Derived calculations'      
5 5 'Structure model' 'Data collection'           
6 5 'Structure model' 'Refinement description'    
# 
loop_
_pdbx_audit_revision_category.ordinal 
_pdbx_audit_revision_category.revision_ordinal 
_pdbx_audit_revision_category.data_content_type 
_pdbx_audit_revision_category.category 
1 4 'Structure model' database_2                    
2 4 'Structure model' struct_ref_seq_dif            
3 4 'Structure model' struct_site                   
4 5 'Structure model' chem_comp_atom                
5 5 'Structure model' chem_comp_bond                
6 5 'Structure model' pdbx_initial_refinement_model 
# 
loop_
_pdbx_audit_revision_item.ordinal 
_pdbx_audit_revision_item.revision_ordinal 
_pdbx_audit_revision_item.data_content_type 
_pdbx_audit_revision_item.item 
1 4 'Structure model' '_database_2.pdbx_DOI'                
2 4 'Structure model' '_database_2.pdbx_database_accession' 
3 4 'Structure model' '_struct_ref_seq_dif.details'         
4 4 'Structure model' '_struct_site.pdbx_auth_asym_id'      
5 4 'Structure model' '_struct_site.pdbx_auth_comp_id'      
6 4 'Structure model' '_struct_site.pdbx_auth_seq_id'       
# 
loop_
_software.name 
_software.classification 
_software.version 
_software.citation_id 
_software.pdbx_ordinal 
San  'data collection' 'Diego Multiwire' ? 1 
San  'data reduction'  'Diego Multiwire' ? 2 
TNT  refinement        .                 ? 3 
SDMS 'data reduction'  .                 ? 4 
SDMS 'data scaling'    .                 ? 5 
TNT  phasing           .                 ? 6 
# 
_pdbx_validate_close_contact.id               1 
_pdbx_validate_close_contact.PDB_model_num    1 
_pdbx_validate_close_contact.auth_atom_id_1   O 
_pdbx_validate_close_contact.auth_asym_id_1   A 
_pdbx_validate_close_contact.auth_comp_id_1   HOH 
_pdbx_validate_close_contact.auth_seq_id_1    235 
_pdbx_validate_close_contact.PDB_ins_code_1   ? 
_pdbx_validate_close_contact.label_alt_id_1   ? 
_pdbx_validate_close_contact.auth_atom_id_2   O 
_pdbx_validate_close_contact.auth_asym_id_2   A 
_pdbx_validate_close_contact.auth_comp_id_2   HOH 
_pdbx_validate_close_contact.auth_seq_id_2    293 
_pdbx_validate_close_contact.PDB_ins_code_2   ? 
_pdbx_validate_close_contact.label_alt_id_2   ? 
_pdbx_validate_close_contact.dist             2.19 
# 
_pdbx_validate_rmsd_bond.id                        1 
_pdbx_validate_rmsd_bond.PDB_model_num             1 
_pdbx_validate_rmsd_bond.auth_atom_id_1            CD 
_pdbx_validate_rmsd_bond.auth_asym_id_1            A 
_pdbx_validate_rmsd_bond.auth_comp_id_1            GLU 
_pdbx_validate_rmsd_bond.auth_seq_id_1             128 
_pdbx_validate_rmsd_bond.PDB_ins_code_1            ? 
_pdbx_validate_rmsd_bond.label_alt_id_1            ? 
_pdbx_validate_rmsd_bond.auth_atom_id_2            OE2 
_pdbx_validate_rmsd_bond.auth_asym_id_2            A 
_pdbx_validate_rmsd_bond.auth_comp_id_2            GLU 
_pdbx_validate_rmsd_bond.auth_seq_id_2             128 
_pdbx_validate_rmsd_bond.PDB_ins_code_2            ? 
_pdbx_validate_rmsd_bond.label_alt_id_2            ? 
_pdbx_validate_rmsd_bond.bond_value                1.319 
_pdbx_validate_rmsd_bond.bond_target_value         1.252 
_pdbx_validate_rmsd_bond.bond_deviation            0.067 
_pdbx_validate_rmsd_bond.bond_standard_deviation   0.011 
_pdbx_validate_rmsd_bond.linker_flag               N 
# 
loop_
_pdbx_validate_rmsd_angle.id 
_pdbx_validate_rmsd_angle.PDB_model_num 
_pdbx_validate_rmsd_angle.auth_atom_id_1 
_pdbx_validate_rmsd_angle.auth_asym_id_1 
_pdbx_validate_rmsd_angle.auth_comp_id_1 
_pdbx_validate_rmsd_angle.auth_seq_id_1 
_pdbx_validate_rmsd_angle.PDB_ins_code_1 
_pdbx_validate_rmsd_angle.label_alt_id_1 
_pdbx_validate_rmsd_angle.auth_atom_id_2 
_pdbx_validate_rmsd_angle.auth_asym_id_2 
_pdbx_validate_rmsd_angle.auth_comp_id_2 
_pdbx_validate_rmsd_angle.auth_seq_id_2 
_pdbx_validate_rmsd_angle.PDB_ins_code_2 
_pdbx_validate_rmsd_angle.label_alt_id_2 
_pdbx_validate_rmsd_angle.auth_atom_id_3 
_pdbx_validate_rmsd_angle.auth_asym_id_3 
_pdbx_validate_rmsd_angle.auth_comp_id_3 
_pdbx_validate_rmsd_angle.auth_seq_id_3 
_pdbx_validate_rmsd_angle.PDB_ins_code_3 
_pdbx_validate_rmsd_angle.label_alt_id_3 
_pdbx_validate_rmsd_angle.angle_value 
_pdbx_validate_rmsd_angle.angle_target_value 
_pdbx_validate_rmsd_angle.angle_deviation 
_pdbx_validate_rmsd_angle.angle_standard_deviation 
_pdbx_validate_rmsd_angle.linker_flag 
1  1 CB  A ASP 10  ? ? CG A ASP 10  ? ? OD1 A ASP 10  ? ? 124.87 118.30 6.57   0.90 N 
2  1 CB  A ASP 10  ? ? CG A ASP 10  ? ? OD2 A ASP 10  ? ? 109.70 118.30 -8.60  0.90 N 
3  1 CB  A ASP 47  ? ? CG A ASP 47  ? ? OD1 A ASP 47  ? ? 127.44 118.30 9.14   0.90 N 
4  1 CB  A ASP 47  ? ? CG A ASP 47  ? ? OD2 A ASP 47  ? ? 109.08 118.30 -9.22  0.90 N 
5  1 CB  A ASP 72  ? ? CG A ASP 72  ? ? OD2 A ASP 72  ? ? 112.20 118.30 -6.10  0.90 N 
6  1 CD  A ARG 76  ? ? NE A ARG 76  ? ? CZ  A ARG 76  ? ? 132.20 123.60 8.60   1.40 N 
7  1 NE  A ARG 76  ? ? CZ A ARG 76  ? ? NH1 A ARG 76  ? ? 127.74 120.30 7.44   0.50 N 
8  1 NE  A ARG 80  ? ? CZ A ARG 80  ? ? NH1 A ARG 80  ? ? 124.15 120.30 3.85   0.50 N 
9  1 CB  A TYR 88  ? ? CG A TYR 88  ? ? CD2 A TYR 88  ? ? 117.10 121.00 -3.90  0.60 N 
10 1 CB  A ASP 92  ? ? CG A ASP 92  ? ? OD2 A ASP 92  ? ? 111.89 118.30 -6.41  0.90 N 
11 1 CG1 A VAL 103 ? ? CB A VAL 103 ? ? CG2 A VAL 103 ? ? 100.00 110.90 -10.90 1.60 N 
12 1 CB  A ALA 112 ? ? CA A ALA 112 ? ? C   A ALA 112 ? ? 119.21 110.10 9.11   1.50 N 
13 1 NE  A ARG 125 ? ? CZ A ARG 125 ? ? NH1 A ARG 125 ? ? 123.48 120.30 3.18   0.50 N 
14 1 CB  A ASP 127 ? ? CG A ASP 127 ? ? OD1 A ASP 127 ? ? 127.97 118.30 9.67   0.90 N 
15 1 CB  A ASP 127 ? ? CG A ASP 127 ? ? OD2 A ASP 127 ? ? 108.71 118.30 -9.59  0.90 N 
16 1 CD  A ARG 145 ? ? NE A ARG 145 ? ? CZ  A ARG 145 ? ? 113.42 123.60 -10.18 1.40 N 
17 1 NE  A ARG 148 ? ? CZ A ARG 148 ? ? NH1 A ARG 148 ? ? 125.84 120.30 5.54   0.50 N 
18 1 CB  A ASP 159 ? ? CG A ASP 159 ? ? OD2 A ASP 159 ? ? 112.08 118.30 -6.22  0.90 N 
19 1 CB  A TYR 161 ? ? CG A TYR 161 ? ? CD1 A TYR 161 ? ? 116.97 121.00 -4.03  0.60 N 
# 
loop_
_pdbx_validate_torsion.id 
_pdbx_validate_torsion.PDB_model_num 
_pdbx_validate_torsion.auth_comp_id 
_pdbx_validate_torsion.auth_asym_id 
_pdbx_validate_torsion.auth_seq_id 
_pdbx_validate_torsion.PDB_ins_code 
_pdbx_validate_torsion.label_alt_id 
_pdbx_validate_torsion.phi 
_pdbx_validate_torsion.psi 
1 1 THR A 109 ? ? -70.88 -75.67 
2 1 ALA A 112 ? ? -37.07 -21.30 
# 
loop_
_pdbx_unobs_or_zero_occ_residues.id 
_pdbx_unobs_or_zero_occ_residues.PDB_model_num 
_pdbx_unobs_or_zero_occ_residues.polymer_flag 
_pdbx_unobs_or_zero_occ_residues.occupancy_flag 
_pdbx_unobs_or_zero_occ_residues.auth_asym_id 
_pdbx_unobs_or_zero_occ_residues.auth_comp_id 
_pdbx_unobs_or_zero_occ_residues.auth_seq_id 
_pdbx_unobs_or_zero_occ_residues.PDB_ins_code 
_pdbx_unobs_or_zero_occ_residues.label_asym_id 
_pdbx_unobs_or_zero_occ_residues.label_comp_id 
_pdbx_unobs_or_zero_occ_residues.label_seq_id 
1 1 Y 1 A ASN 163 ? A ASN 163 
2 1 Y 1 A LEU 164 ? A LEU 164 
# 
loop_
_chem_comp_atom.comp_id 
_chem_comp_atom.atom_id 
_chem_comp_atom.type_symbol 
_chem_comp_atom.pdbx_aromatic_flag 
_chem_comp_atom.pdbx_stereo_config 
_chem_comp_atom.pdbx_ordinal 
2CM C1   C  Y N 1   
2CM C2   C  Y N 2   
2CM C3   C  Y N 3   
2CM N4   N  N N 4   
2CM C5   C  Y N 5   
2CM C6   C  N N 6   
2CM C7   C  Y N 7   
2CM CL8  CL N N 8   
2CM C9   C  Y N 9   
2CM HN41 H  N N 10  
2CM HN42 H  N N 11  
2CM HC5  H  N N 12  
2CM HC61 H  N N 13  
2CM HC62 H  N N 14  
2CM HC63 H  N N 15  
2CM HC7  H  N N 16  
2CM HC9  H  N N 17  
ALA N    N  N N 18  
ALA CA   C  N S 19  
ALA C    C  N N 20  
ALA O    O  N N 21  
ALA CB   C  N N 22  
ALA OXT  O  N N 23  
ALA H    H  N N 24  
ALA H2   H  N N 25  
ALA HA   H  N N 26  
ALA HB1  H  N N 27  
ALA HB2  H  N N 28  
ALA HB3  H  N N 29  
ALA HXT  H  N N 30  
ARG N    N  N N 31  
ARG CA   C  N S 32  
ARG C    C  N N 33  
ARG O    O  N N 34  
ARG CB   C  N N 35  
ARG CG   C  N N 36  
ARG CD   C  N N 37  
ARG NE   N  N N 38  
ARG CZ   C  N N 39  
ARG NH1  N  N N 40  
ARG NH2  N  N N 41  
ARG OXT  O  N N 42  
ARG H    H  N N 43  
ARG H2   H  N N 44  
ARG HA   H  N N 45  
ARG HB2  H  N N 46  
ARG HB3  H  N N 47  
ARG HG2  H  N N 48  
ARG HG3  H  N N 49  
ARG HD2  H  N N 50  
ARG HD3  H  N N 51  
ARG HE   H  N N 52  
ARG HH11 H  N N 53  
ARG HH12 H  N N 54  
ARG HH21 H  N N 55  
ARG HH22 H  N N 56  
ARG HXT  H  N N 57  
ASN N    N  N N 58  
ASN CA   C  N S 59  
ASN C    C  N N 60  
ASN O    O  N N 61  
ASN CB   C  N N 62  
ASN CG   C  N N 63  
ASN OD1  O  N N 64  
ASN ND2  N  N N 65  
ASN OXT  O  N N 66  
ASN H    H  N N 67  
ASN H2   H  N N 68  
ASN HA   H  N N 69  
ASN HB2  H  N N 70  
ASN HB3  H  N N 71  
ASN HD21 H  N N 72  
ASN HD22 H  N N 73  
ASN HXT  H  N N 74  
ASP N    N  N N 75  
ASP CA   C  N S 76  
ASP C    C  N N 77  
ASP O    O  N N 78  
ASP CB   C  N N 79  
ASP CG   C  N N 80  
ASP OD1  O  N N 81  
ASP OD2  O  N N 82  
ASP OXT  O  N N 83  
ASP H    H  N N 84  
ASP H2   H  N N 85  
ASP HA   H  N N 86  
ASP HB2  H  N N 87  
ASP HB3  H  N N 88  
ASP HD2  H  N N 89  
ASP HXT  H  N N 90  
BME C1   C  N N 91  
BME C2   C  N N 92  
BME O1   O  N N 93  
BME S2   S  N N 94  
BME H11  H  N N 95  
BME H12  H  N N 96  
BME H21  H  N N 97  
BME H22  H  N N 98  
BME HO1  H  N N 99  
BME HS2  H  N N 100 
CL  CL   CL N N 101 
CYS N    N  N N 102 
CYS CA   C  N R 103 
CYS C    C  N N 104 
CYS O    O  N N 105 
CYS CB   C  N N 106 
CYS SG   S  N N 107 
CYS OXT  O  N N 108 
CYS H    H  N N 109 
CYS H2   H  N N 110 
CYS HA   H  N N 111 
CYS HB2  H  N N 112 
CYS HB3  H  N N 113 
CYS HG   H  N N 114 
CYS HXT  H  N N 115 
GLN N    N  N N 116 
GLN CA   C  N S 117 
GLN C    C  N N 118 
GLN O    O  N N 119 
GLN CB   C  N N 120 
GLN CG   C  N N 121 
GLN CD   C  N N 122 
GLN OE1  O  N N 123 
GLN NE2  N  N N 124 
GLN OXT  O  N N 125 
GLN H    H  N N 126 
GLN H2   H  N N 127 
GLN HA   H  N N 128 
GLN HB2  H  N N 129 
GLN HB3  H  N N 130 
GLN HG2  H  N N 131 
GLN HG3  H  N N 132 
GLN HE21 H  N N 133 
GLN HE22 H  N N 134 
GLN HXT  H  N N 135 
GLU N    N  N N 136 
GLU CA   C  N S 137 
GLU C    C  N N 138 
GLU O    O  N N 139 
GLU CB   C  N N 140 
GLU CG   C  N N 141 
GLU CD   C  N N 142 
GLU OE1  O  N N 143 
GLU OE2  O  N N 144 
GLU OXT  O  N N 145 
GLU H    H  N N 146 
GLU H2   H  N N 147 
GLU HA   H  N N 148 
GLU HB2  H  N N 149 
GLU HB3  H  N N 150 
GLU HG2  H  N N 151 
GLU HG3  H  N N 152 
GLU HE2  H  N N 153 
GLU HXT  H  N N 154 
GLY N    N  N N 155 
GLY CA   C  N N 156 
GLY C    C  N N 157 
GLY O    O  N N 158 
GLY OXT  O  N N 159 
GLY H    H  N N 160 
GLY H2   H  N N 161 
GLY HA2  H  N N 162 
GLY HA3  H  N N 163 
GLY HXT  H  N N 164 
HIS N    N  N N 165 
HIS CA   C  N S 166 
HIS C    C  N N 167 
HIS O    O  N N 168 
HIS CB   C  N N 169 
HIS CG   C  Y N 170 
HIS ND1  N  Y N 171 
HIS CD2  C  Y N 172 
HIS CE1  C  Y N 173 
HIS NE2  N  Y N 174 
HIS OXT  O  N N 175 
HIS H    H  N N 176 
HIS H2   H  N N 177 
HIS HA   H  N N 178 
HIS HB2  H  N N 179 
HIS HB3  H  N N 180 
HIS HD1  H  N N 181 
HIS HD2  H  N N 182 
HIS HE1  H  N N 183 
HIS HE2  H  N N 184 
HIS HXT  H  N N 185 
HOH O    O  N N 186 
HOH H1   H  N N 187 
HOH H2   H  N N 188 
ILE N    N  N N 189 
ILE CA   C  N S 190 
ILE C    C  N N 191 
ILE O    O  N N 192 
ILE CB   C  N S 193 
ILE CG1  C  N N 194 
ILE CG2  C  N N 195 
ILE CD1  C  N N 196 
ILE OXT  O  N N 197 
ILE H    H  N N 198 
ILE H2   H  N N 199 
ILE HA   H  N N 200 
ILE HB   H  N N 201 
ILE HG12 H  N N 202 
ILE HG13 H  N N 203 
ILE HG21 H  N N 204 
ILE HG22 H  N N 205 
ILE HG23 H  N N 206 
ILE HD11 H  N N 207 
ILE HD12 H  N N 208 
ILE HD13 H  N N 209 
ILE HXT  H  N N 210 
LEU N    N  N N 211 
LEU CA   C  N S 212 
LEU C    C  N N 213 
LEU O    O  N N 214 
LEU CB   C  N N 215 
LEU CG   C  N N 216 
LEU CD1  C  N N 217 
LEU CD2  C  N N 218 
LEU OXT  O  N N 219 
LEU H    H  N N 220 
LEU H2   H  N N 221 
LEU HA   H  N N 222 
LEU HB2  H  N N 223 
LEU HB3  H  N N 224 
LEU HG   H  N N 225 
LEU HD11 H  N N 226 
LEU HD12 H  N N 227 
LEU HD13 H  N N 228 
LEU HD21 H  N N 229 
LEU HD22 H  N N 230 
LEU HD23 H  N N 231 
LEU HXT  H  N N 232 
LYS N    N  N N 233 
LYS CA   C  N S 234 
LYS C    C  N N 235 
LYS O    O  N N 236 
LYS CB   C  N N 237 
LYS CG   C  N N 238 
LYS CD   C  N N 239 
LYS CE   C  N N 240 
LYS NZ   N  N N 241 
LYS OXT  O  N N 242 
LYS H    H  N N 243 
LYS H2   H  N N 244 
LYS HA   H  N N 245 
LYS HB2  H  N N 246 
LYS HB3  H  N N 247 
LYS HG2  H  N N 248 
LYS HG3  H  N N 249 
LYS HD2  H  N N 250 
LYS HD3  H  N N 251 
LYS HE2  H  N N 252 
LYS HE3  H  N N 253 
LYS HZ1  H  N N 254 
LYS HZ2  H  N N 255 
LYS HZ3  H  N N 256 
LYS HXT  H  N N 257 
MET N    N  N N 258 
MET CA   C  N S 259 
MET C    C  N N 260 
MET O    O  N N 261 
MET CB   C  N N 262 
MET CG   C  N N 263 
MET SD   S  N N 264 
MET CE   C  N N 265 
MET OXT  O  N N 266 
MET H    H  N N 267 
MET H2   H  N N 268 
MET HA   H  N N 269 
MET HB2  H  N N 270 
MET HB3  H  N N 271 
MET HG2  H  N N 272 
MET HG3  H  N N 273 
MET HE1  H  N N 274 
MET HE2  H  N N 275 
MET HE3  H  N N 276 
MET HXT  H  N N 277 
PHE N    N  N N 278 
PHE CA   C  N S 279 
PHE C    C  N N 280 
PHE O    O  N N 281 
PHE CB   C  N N 282 
PHE CG   C  Y N 283 
PHE CD1  C  Y N 284 
PHE CD2  C  Y N 285 
PHE CE1  C  Y N 286 
PHE CE2  C  Y N 287 
PHE CZ   C  Y N 288 
PHE OXT  O  N N 289 
PHE H    H  N N 290 
PHE H2   H  N N 291 
PHE HA   H  N N 292 
PHE HB2  H  N N 293 
PHE HB3  H  N N 294 
PHE HD1  H  N N 295 
PHE HD2  H  N N 296 
PHE HE1  H  N N 297 
PHE HE2  H  N N 298 
PHE HZ   H  N N 299 
PHE HXT  H  N N 300 
PRO N    N  N N 301 
PRO CA   C  N S 302 
PRO C    C  N N 303 
PRO O    O  N N 304 
PRO CB   C  N N 305 
PRO CG   C  N N 306 
PRO CD   C  N N 307 
PRO OXT  O  N N 308 
PRO H    H  N N 309 
PRO HA   H  N N 310 
PRO HB2  H  N N 311 
PRO HB3  H  N N 312 
PRO HG2  H  N N 313 
PRO HG3  H  N N 314 
PRO HD2  H  N N 315 
PRO HD3  H  N N 316 
PRO HXT  H  N N 317 
SER N    N  N N 318 
SER CA   C  N S 319 
SER C    C  N N 320 
SER O    O  N N 321 
SER CB   C  N N 322 
SER OG   O  N N 323 
SER OXT  O  N N 324 
SER H    H  N N 325 
SER H2   H  N N 326 
SER HA   H  N N 327 
SER HB2  H  N N 328 
SER HB3  H  N N 329 
SER HG   H  N N 330 
SER HXT  H  N N 331 
THR N    N  N N 332 
THR CA   C  N S 333 
THR C    C  N N 334 
THR O    O  N N 335 
THR CB   C  N R 336 
THR OG1  O  N N 337 
THR CG2  C  N N 338 
THR OXT  O  N N 339 
THR H    H  N N 340 
THR H2   H  N N 341 
THR HA   H  N N 342 
THR HB   H  N N 343 
THR HG1  H  N N 344 
THR HG21 H  N N 345 
THR HG22 H  N N 346 
THR HG23 H  N N 347 
THR HXT  H  N N 348 
TRP N    N  N N 349 
TRP CA   C  N S 350 
TRP C    C  N N 351 
TRP O    O  N N 352 
TRP CB   C  N N 353 
TRP CG   C  Y N 354 
TRP CD1  C  Y N 355 
TRP CD2  C  Y N 356 
TRP NE1  N  Y N 357 
TRP CE2  C  Y N 358 
TRP CE3  C  Y N 359 
TRP CZ2  C  Y N 360 
TRP CZ3  C  Y N 361 
TRP CH2  C  Y N 362 
TRP OXT  O  N N 363 
TRP H    H  N N 364 
TRP H2   H  N N 365 
TRP HA   H  N N 366 
TRP HB2  H  N N 367 
TRP HB3  H  N N 368 
TRP HD1  H  N N 369 
TRP HE1  H  N N 370 
TRP HE3  H  N N 371 
TRP HZ2  H  N N 372 
TRP HZ3  H  N N 373 
TRP HH2  H  N N 374 
TRP HXT  H  N N 375 
TYR N    N  N N 376 
TYR CA   C  N S 377 
TYR C    C  N N 378 
TYR O    O  N N 379 
TYR CB   C  N N 380 
TYR CG   C  Y N 381 
TYR CD1  C  Y N 382 
TYR CD2  C  Y N 383 
TYR CE1  C  Y N 384 
TYR CE2  C  Y N 385 
TYR CZ   C  Y N 386 
TYR OH   O  N N 387 
TYR OXT  O  N N 388 
TYR H    H  N N 389 
TYR H2   H  N N 390 
TYR HA   H  N N 391 
TYR HB2  H  N N 392 
TYR HB3  H  N N 393 
TYR HD1  H  N N 394 
TYR HD2  H  N N 395 
TYR HE1  H  N N 396 
TYR HE2  H  N N 397 
TYR HH   H  N N 398 
TYR HXT  H  N N 399 
VAL N    N  N N 400 
VAL CA   C  N S 401 
VAL C    C  N N 402 
VAL O    O  N N 403 
VAL CB   C  N N 404 
VAL CG1  C  N N 405 
VAL CG2  C  N N 406 
VAL OXT  O  N N 407 
VAL H    H  N N 408 
VAL H2   H  N N 409 
VAL HA   H  N N 410 
VAL HB   H  N N 411 
VAL HG11 H  N N 412 
VAL HG12 H  N N 413 
VAL HG13 H  N N 414 
VAL HG21 H  N N 415 
VAL HG22 H  N N 416 
VAL HG23 H  N N 417 
VAL HXT  H  N N 418 
# 
loop_
_chem_comp_bond.comp_id 
_chem_comp_bond.atom_id_1 
_chem_comp_bond.atom_id_2 
_chem_comp_bond.value_order 
_chem_comp_bond.pdbx_aromatic_flag 
_chem_comp_bond.pdbx_stereo_config 
_chem_comp_bond.pdbx_ordinal 
2CM C1  C2   sing Y N 1   
2CM C1  C3   doub Y N 2   
2CM C1  N4   sing N N 3   
2CM C2  C5   doub Y N 4   
2CM C2  C6   sing N N 5   
2CM C3  C7   sing Y N 6   
2CM C3  CL8  sing N N 7   
2CM N4  HN41 sing N N 8   
2CM N4  HN42 sing N N 9   
2CM C5  C9   sing Y N 10  
2CM C5  HC5  sing N N 11  
2CM C6  HC61 sing N N 12  
2CM C6  HC62 sing N N 13  
2CM C6  HC63 sing N N 14  
2CM C7  C9   doub Y N 15  
2CM C7  HC7  sing N N 16  
2CM C9  HC9  sing N N 17  
ALA N   CA   sing N N 18  
ALA N   H    sing N N 19  
ALA N   H2   sing N N 20  
ALA CA  C    sing N N 21  
ALA CA  CB   sing N N 22  
ALA CA  HA   sing N N 23  
ALA C   O    doub N N 24  
ALA C   OXT  sing N N 25  
ALA CB  HB1  sing N N 26  
ALA CB  HB2  sing N N 27  
ALA CB  HB3  sing N N 28  
ALA OXT HXT  sing N N 29  
ARG N   CA   sing N N 30  
ARG N   H    sing N N 31  
ARG N   H2   sing N N 32  
ARG CA  C    sing N N 33  
ARG CA  CB   sing N N 34  
ARG CA  HA   sing N N 35  
ARG C   O    doub N N 36  
ARG C   OXT  sing N N 37  
ARG CB  CG   sing N N 38  
ARG CB  HB2  sing N N 39  
ARG CB  HB3  sing N N 40  
ARG CG  CD   sing N N 41  
ARG CG  HG2  sing N N 42  
ARG CG  HG3  sing N N 43  
ARG CD  NE   sing N N 44  
ARG CD  HD2  sing N N 45  
ARG CD  HD3  sing N N 46  
ARG NE  CZ   sing N N 47  
ARG NE  HE   sing N N 48  
ARG CZ  NH1  sing N N 49  
ARG CZ  NH2  doub N N 50  
ARG NH1 HH11 sing N N 51  
ARG NH1 HH12 sing N N 52  
ARG NH2 HH21 sing N N 53  
ARG NH2 HH22 sing N N 54  
ARG OXT HXT  sing N N 55  
ASN N   CA   sing N N 56  
ASN N   H    sing N N 57  
ASN N   H2   sing N N 58  
ASN CA  C    sing N N 59  
ASN CA  CB   sing N N 60  
ASN CA  HA   sing N N 61  
ASN C   O    doub N N 62  
ASN C   OXT  sing N N 63  
ASN CB  CG   sing N N 64  
ASN CB  HB2  sing N N 65  
ASN CB  HB3  sing N N 66  
ASN CG  OD1  doub N N 67  
ASN CG  ND2  sing N N 68  
ASN ND2 HD21 sing N N 69  
ASN ND2 HD22 sing N N 70  
ASN OXT HXT  sing N N 71  
ASP N   CA   sing N N 72  
ASP N   H    sing N N 73  
ASP N   H2   sing N N 74  
ASP CA  C    sing N N 75  
ASP CA  CB   sing N N 76  
ASP CA  HA   sing N N 77  
ASP C   O    doub N N 78  
ASP C   OXT  sing N N 79  
ASP CB  CG   sing N N 80  
ASP CB  HB2  sing N N 81  
ASP CB  HB3  sing N N 82  
ASP CG  OD1  doub N N 83  
ASP CG  OD2  sing N N 84  
ASP OD2 HD2  sing N N 85  
ASP OXT HXT  sing N N 86  
BME C1  C2   sing N N 87  
BME C1  O1   sing N N 88  
BME C1  H11  sing N N 89  
BME C1  H12  sing N N 90  
BME C2  S2   sing N N 91  
BME C2  H21  sing N N 92  
BME C2  H22  sing N N 93  
BME O1  HO1  sing N N 94  
BME S2  HS2  sing N N 95  
CYS N   CA   sing N N 96  
CYS N   H    sing N N 97  
CYS N   H2   sing N N 98  
CYS CA  C    sing N N 99  
CYS CA  CB   sing N N 100 
CYS CA  HA   sing N N 101 
CYS C   O    doub N N 102 
CYS C   OXT  sing N N 103 
CYS CB  SG   sing N N 104 
CYS CB  HB2  sing N N 105 
CYS CB  HB3  sing N N 106 
CYS SG  HG   sing N N 107 
CYS OXT HXT  sing N N 108 
GLN N   CA   sing N N 109 
GLN N   H    sing N N 110 
GLN N   H2   sing N N 111 
GLN CA  C    sing N N 112 
GLN CA  CB   sing N N 113 
GLN CA  HA   sing N N 114 
GLN C   O    doub N N 115 
GLN C   OXT  sing N N 116 
GLN CB  CG   sing N N 117 
GLN CB  HB2  sing N N 118 
GLN CB  HB3  sing N N 119 
GLN CG  CD   sing N N 120 
GLN CG  HG2  sing N N 121 
GLN CG  HG3  sing N N 122 
GLN CD  OE1  doub N N 123 
GLN CD  NE2  sing N N 124 
GLN NE2 HE21 sing N N 125 
GLN NE2 HE22 sing N N 126 
GLN OXT HXT  sing N N 127 
GLU N   CA   sing N N 128 
GLU N   H    sing N N 129 
GLU N   H2   sing N N 130 
GLU CA  C    sing N N 131 
GLU CA  CB   sing N N 132 
GLU CA  HA   sing N N 133 
GLU C   O    doub N N 134 
GLU C   OXT  sing N N 135 
GLU CB  CG   sing N N 136 
GLU CB  HB2  sing N N 137 
GLU CB  HB3  sing N N 138 
GLU CG  CD   sing N N 139 
GLU CG  HG2  sing N N 140 
GLU CG  HG3  sing N N 141 
GLU CD  OE1  doub N N 142 
GLU CD  OE2  sing N N 143 
GLU OE2 HE2  sing N N 144 
GLU OXT HXT  sing N N 145 
GLY N   CA   sing N N 146 
GLY N   H    sing N N 147 
GLY N   H2   sing N N 148 
GLY CA  C    sing N N 149 
GLY CA  HA2  sing N N 150 
GLY CA  HA3  sing N N 151 
GLY C   O    doub N N 152 
GLY C   OXT  sing N N 153 
GLY OXT HXT  sing N N 154 
HIS N   CA   sing N N 155 
HIS N   H    sing N N 156 
HIS N   H2   sing N N 157 
HIS CA  C    sing N N 158 
HIS CA  CB   sing N N 159 
HIS CA  HA   sing N N 160 
HIS C   O    doub N N 161 
HIS C   OXT  sing N N 162 
HIS CB  CG   sing N N 163 
HIS CB  HB2  sing N N 164 
HIS CB  HB3  sing N N 165 
HIS CG  ND1  sing Y N 166 
HIS CG  CD2  doub Y N 167 
HIS ND1 CE1  doub Y N 168 
HIS ND1 HD1  sing N N 169 
HIS CD2 NE2  sing Y N 170 
HIS CD2 HD2  sing N N 171 
HIS CE1 NE2  sing Y N 172 
HIS CE1 HE1  sing N N 173 
HIS NE2 HE2  sing N N 174 
HIS OXT HXT  sing N N 175 
HOH O   H1   sing N N 176 
HOH O   H2   sing N N 177 
ILE N   CA   sing N N 178 
ILE N   H    sing N N 179 
ILE N   H2   sing N N 180 
ILE CA  C    sing N N 181 
ILE CA  CB   sing N N 182 
ILE CA  HA   sing N N 183 
ILE C   O    doub N N 184 
ILE C   OXT  sing N N 185 
ILE CB  CG1  sing N N 186 
ILE CB  CG2  sing N N 187 
ILE CB  HB   sing N N 188 
ILE CG1 CD1  sing N N 189 
ILE CG1 HG12 sing N N 190 
ILE CG1 HG13 sing N N 191 
ILE CG2 HG21 sing N N 192 
ILE CG2 HG22 sing N N 193 
ILE CG2 HG23 sing N N 194 
ILE CD1 HD11 sing N N 195 
ILE CD1 HD12 sing N N 196 
ILE CD1 HD13 sing N N 197 
ILE OXT HXT  sing N N 198 
LEU N   CA   sing N N 199 
LEU N   H    sing N N 200 
LEU N   H2   sing N N 201 
LEU CA  C    sing N N 202 
LEU CA  CB   sing N N 203 
LEU CA  HA   sing N N 204 
LEU C   O    doub N N 205 
LEU C   OXT  sing N N 206 
LEU CB  CG   sing N N 207 
LEU CB  HB2  sing N N 208 
LEU CB  HB3  sing N N 209 
LEU CG  CD1  sing N N 210 
LEU CG  CD2  sing N N 211 
LEU CG  HG   sing N N 212 
LEU CD1 HD11 sing N N 213 
LEU CD1 HD12 sing N N 214 
LEU CD1 HD13 sing N N 215 
LEU CD2 HD21 sing N N 216 
LEU CD2 HD22 sing N N 217 
LEU CD2 HD23 sing N N 218 
LEU OXT HXT  sing N N 219 
LYS N   CA   sing N N 220 
LYS N   H    sing N N 221 
LYS N   H2   sing N N 222 
LYS CA  C    sing N N 223 
LYS CA  CB   sing N N 224 
LYS CA  HA   sing N N 225 
LYS C   O    doub N N 226 
LYS C   OXT  sing N N 227 
LYS CB  CG   sing N N 228 
LYS CB  HB2  sing N N 229 
LYS CB  HB3  sing N N 230 
LYS CG  CD   sing N N 231 
LYS CG  HG2  sing N N 232 
LYS CG  HG3  sing N N 233 
LYS CD  CE   sing N N 234 
LYS CD  HD2  sing N N 235 
LYS CD  HD3  sing N N 236 
LYS CE  NZ   sing N N 237 
LYS CE  HE2  sing N N 238 
LYS CE  HE3  sing N N 239 
LYS NZ  HZ1  sing N N 240 
LYS NZ  HZ2  sing N N 241 
LYS NZ  HZ3  sing N N 242 
LYS OXT HXT  sing N N 243 
MET N   CA   sing N N 244 
MET N   H    sing N N 245 
MET N   H2   sing N N 246 
MET CA  C    sing N N 247 
MET CA  CB   sing N N 248 
MET CA  HA   sing N N 249 
MET C   O    doub N N 250 
MET C   OXT  sing N N 251 
MET CB  CG   sing N N 252 
MET CB  HB2  sing N N 253 
MET CB  HB3  sing N N 254 
MET CG  SD   sing N N 255 
MET CG  HG2  sing N N 256 
MET CG  HG3  sing N N 257 
MET SD  CE   sing N N 258 
MET CE  HE1  sing N N 259 
MET CE  HE2  sing N N 260 
MET CE  HE3  sing N N 261 
MET OXT HXT  sing N N 262 
PHE N   CA   sing N N 263 
PHE N   H    sing N N 264 
PHE N   H2   sing N N 265 
PHE CA  C    sing N N 266 
PHE CA  CB   sing N N 267 
PHE CA  HA   sing N N 268 
PHE C   O    doub N N 269 
PHE C   OXT  sing N N 270 
PHE CB  CG   sing N N 271 
PHE CB  HB2  sing N N 272 
PHE CB  HB3  sing N N 273 
PHE CG  CD1  doub Y N 274 
PHE CG  CD2  sing Y N 275 
PHE CD1 CE1  sing Y N 276 
PHE CD1 HD1  sing N N 277 
PHE CD2 CE2  doub Y N 278 
PHE CD2 HD2  sing N N 279 
PHE CE1 CZ   doub Y N 280 
PHE CE1 HE1  sing N N 281 
PHE CE2 CZ   sing Y N 282 
PHE CE2 HE2  sing N N 283 
PHE CZ  HZ   sing N N 284 
PHE OXT HXT  sing N N 285 
PRO N   CA   sing N N 286 
PRO N   CD   sing N N 287 
PRO N   H    sing N N 288 
PRO CA  C    sing N N 289 
PRO CA  CB   sing N N 290 
PRO CA  HA   sing N N 291 
PRO C   O    doub N N 292 
PRO C   OXT  sing N N 293 
PRO CB  CG   sing N N 294 
PRO CB  HB2  sing N N 295 
PRO CB  HB3  sing N N 296 
PRO CG  CD   sing N N 297 
PRO CG  HG2  sing N N 298 
PRO CG  HG3  sing N N 299 
PRO CD  HD2  sing N N 300 
PRO CD  HD3  sing N N 301 
PRO OXT HXT  sing N N 302 
SER N   CA   sing N N 303 
SER N   H    sing N N 304 
SER N   H2   sing N N 305 
SER CA  C    sing N N 306 
SER CA  CB   sing N N 307 
SER CA  HA   sing N N 308 
SER C   O    doub N N 309 
SER C   OXT  sing N N 310 
SER CB  OG   sing N N 311 
SER CB  HB2  sing N N 312 
SER CB  HB3  sing N N 313 
SER OG  HG   sing N N 314 
SER OXT HXT  sing N N 315 
THR N   CA   sing N N 316 
THR N   H    sing N N 317 
THR N   H2   sing N N 318 
THR CA  C    sing N N 319 
THR CA  CB   sing N N 320 
THR CA  HA   sing N N 321 
THR C   O    doub N N 322 
THR C   OXT  sing N N 323 
THR CB  OG1  sing N N 324 
THR CB  CG2  sing N N 325 
THR CB  HB   sing N N 326 
THR OG1 HG1  sing N N 327 
THR CG2 HG21 sing N N 328 
THR CG2 HG22 sing N N 329 
THR CG2 HG23 sing N N 330 
THR OXT HXT  sing N N 331 
TRP N   CA   sing N N 332 
TRP N   H    sing N N 333 
TRP N   H2   sing N N 334 
TRP CA  C    sing N N 335 
TRP CA  CB   sing N N 336 
TRP CA  HA   sing N N 337 
TRP C   O    doub N N 338 
TRP C   OXT  sing N N 339 
TRP CB  CG   sing N N 340 
TRP CB  HB2  sing N N 341 
TRP CB  HB3  sing N N 342 
TRP CG  CD1  doub Y N 343 
TRP CG  CD2  sing Y N 344 
TRP CD1 NE1  sing Y N 345 
TRP CD1 HD1  sing N N 346 
TRP CD2 CE2  doub Y N 347 
TRP CD2 CE3  sing Y N 348 
TRP NE1 CE2  sing Y N 349 
TRP NE1 HE1  sing N N 350 
TRP CE2 CZ2  sing Y N 351 
TRP CE3 CZ3  doub Y N 352 
TRP CE3 HE3  sing N N 353 
TRP CZ2 CH2  doub Y N 354 
TRP CZ2 HZ2  sing N N 355 
TRP CZ3 CH2  sing Y N 356 
TRP CZ3 HZ3  sing N N 357 
TRP CH2 HH2  sing N N 358 
TRP OXT HXT  sing N N 359 
TYR N   CA   sing N N 360 
TYR N   H    sing N N 361 
TYR N   H2   sing N N 362 
TYR CA  C    sing N N 363 
TYR CA  CB   sing N N 364 
TYR CA  HA   sing N N 365 
TYR C   O    doub N N 366 
TYR C   OXT  sing N N 367 
TYR CB  CG   sing N N 368 
TYR CB  HB2  sing N N 369 
TYR CB  HB3  sing N N 370 
TYR CG  CD1  doub Y N 371 
TYR CG  CD2  sing Y N 372 
TYR CD1 CE1  sing Y N 373 
TYR CD1 HD1  sing N N 374 
TYR CD2 CE2  doub Y N 375 
TYR CD2 HD2  sing N N 376 
TYR CE1 CZ   doub Y N 377 
TYR CE1 HE1  sing N N 378 
TYR CE2 CZ   sing Y N 379 
TYR CE2 HE2  sing N N 380 
TYR CZ  OH   sing N N 381 
TYR OH  HH   sing N N 382 
TYR OXT HXT  sing N N 383 
VAL N   CA   sing N N 384 
VAL N   H    sing N N 385 
VAL N   H2   sing N N 386 
VAL CA  C    sing N N 387 
VAL CA  CB   sing N N 388 
VAL CA  HA   sing N N 389 
VAL C   O    doub N N 390 
VAL C   OXT  sing N N 391 
VAL CB  CG1  sing N N 392 
VAL CB  CG2  sing N N 393 
VAL CB  HB   sing N N 394 
VAL CG1 HG11 sing N N 395 
VAL CG1 HG12 sing N N 396 
VAL CG1 HG13 sing N N 397 
VAL CG2 HG21 sing N N 398 
VAL CG2 HG22 sing N N 399 
VAL CG2 HG23 sing N N 400 
VAL OXT HXT  sing N N 401 
# 
loop_
_pdbx_entity_nonpoly.entity_id 
_pdbx_entity_nonpoly.name 
_pdbx_entity_nonpoly.comp_id 
2 'CHLORIDE ION'            CL  
3 BETA-MERCAPTOETHANOL      BME 
4 2-CHLORO-6-METHYL-ANILINE 2CM 
5 water                     HOH 
# 
_pdbx_initial_refinement_model.id               1 
_pdbx_initial_refinement_model.entity_id_list   ? 
_pdbx_initial_refinement_model.type             'experimental model' 
_pdbx_initial_refinement_model.source_name      PDB 
_pdbx_initial_refinement_model.accession_code   1LGU 
_pdbx_initial_refinement_model.details          'PDB entry 1LGU' 
# 
